data_8C67
#
_entry.id   8C67
#
_cell.length_a   86.897
_cell.length_b   71.890
_cell.length_c   146.014
_cell.angle_alpha   90.000
_cell.angle_beta   90.102
_cell.angle_gamma   90.000
#
_symmetry.space_group_name_H-M   'P 1 21 1'
#
loop_
_entity.id
_entity.type
_entity.pdbx_description
1 polymer 'antibody 25 heavy chain'
2 polymer 'antibody 25 light chain'
3 water water
#
loop_
_entity_poly.entity_id
_entity_poly.type
_entity_poly.pdbx_seq_one_letter_code
_entity_poly.pdbx_strand_id
1 'polypeptide(L)'
;EVQLVESGGGVVQPGRSLRLSCAASGFTFSSYAMHWVRQAPGKGLEWVALISYDGRNKYYADSVKGRFTISRDNSKNTLY
LQMNSLRAEDTAVYYCARSYPHKRWLRPPFDYWGQGTLVTVSSASTKGPSVFPLAPSSKSTSGGTAALGCLVKDYFPEPV
TVSWNSGALTSGVHTFPAVLQSSGLYSLSSVVTVPSSSLGTQTYICNVNHKPSNTKVDKKVEPKSCDKT
;
H,A,C,E
2 'polypeptide(L)'
;DIQMTQSPSTLSASVGDRVTITCRASQSISSWLAWYQQKPGKAPKLLIYDASSLESGVPSRFSGSGSGTEFTLTISSLQP
DDFASYCCQQYNSYPVTFGQGTKVDIKRTVAAPSVFIFPPSDEQLKSGTASVVCLLNNFYPREAKVQWKVDNALQSGNSQ
ESVTEQDSKDSTYSLSSTLTLSKADYEKHKVYACEVTHQGLSSPVTKSFNRGEC
;
L,B,D,F
#
# COMPACT_ATOMS: atom_id res chain seq x y z
N GLU A 1 -0.31 46.43 12.82
CA GLU A 1 -1.68 46.22 12.33
C GLU A 1 -1.69 44.76 11.96
N VAL A 2 -1.58 43.88 12.97
CA VAL A 2 -1.62 42.44 12.72
C VAL A 2 -3.02 42.05 12.23
N GLN A 3 -3.07 41.29 11.14
CA GLN A 3 -4.31 40.76 10.63
C GLN A 3 -4.09 39.35 10.11
N LEU A 4 -5.05 38.47 10.36
CA LEU A 4 -5.08 37.12 9.83
C LEU A 4 -6.43 36.93 9.16
N VAL A 5 -6.44 36.39 7.94
CA VAL A 5 -7.68 36.26 7.18
C VAL A 5 -7.77 34.84 6.64
N GLU A 6 -8.67 34.05 7.21
CA GLU A 6 -8.88 32.69 6.74
C GLU A 6 -9.87 32.66 5.58
N SER A 7 -9.66 31.69 4.69
CA SER A 7 -10.54 31.47 3.54
C SER A 7 -10.50 29.99 3.19
N GLY A 8 -11.41 29.60 2.29
CA GLY A 8 -11.43 28.26 1.71
C GLY A 8 -12.49 27.35 2.30
N GLY A 9 -13.17 27.80 3.35
CA GLY A 9 -14.23 27.01 3.93
C GLY A 9 -15.36 26.80 2.94
N GLY A 10 -16.10 25.72 3.17
CA GLY A 10 -17.21 25.41 2.29
C GLY A 10 -17.94 24.18 2.77
N VAL A 11 -18.87 23.73 1.95
CA VAL A 11 -19.73 22.58 2.26
C VAL A 11 -19.30 21.43 1.37
N VAL A 12 -18.93 20.30 1.98
CA VAL A 12 -18.60 19.09 1.24
C VAL A 12 -19.26 17.88 1.90
N GLN A 13 -19.18 16.76 1.22
CA GLN A 13 -19.71 15.49 1.66
C GLN A 13 -18.61 14.66 2.34
N PRO A 14 -18.98 13.68 3.16
CA PRO A 14 -17.96 12.90 3.88
C PRO A 14 -17.00 12.21 2.92
N GLY A 15 -15.73 12.18 3.31
CA GLY A 15 -14.68 11.60 2.50
C GLY A 15 -13.95 12.58 1.61
N ARG A 16 -14.54 13.74 1.34
CA ARG A 16 -13.97 14.69 0.39
C ARG A 16 -12.97 15.60 1.09
N SER A 17 -12.45 16.55 0.31
CA SER A 17 -11.31 17.38 0.67
C SER A 17 -11.69 18.86 0.66
N LEU A 18 -10.94 19.62 1.47
CA LEU A 18 -11.03 21.07 1.48
C LEU A 18 -9.65 21.62 1.85
N ARG A 19 -9.24 22.69 1.18
CA ARG A 19 -8.00 23.37 1.55
C ARG A 19 -8.33 24.73 2.14
N LEU A 20 -7.88 24.94 3.37
CA LEU A 20 -8.04 26.23 4.02
C LEU A 20 -6.76 27.04 3.87
N SER A 21 -6.92 28.36 3.72
CA SER A 21 -5.81 29.30 3.67
C SER A 21 -5.97 30.34 4.78
N CYS A 22 -4.86 30.89 5.22
CA CYS A 22 -4.86 32.02 6.13
C CYS A 22 -3.77 32.99 5.68
N ALA A 23 -4.17 34.18 5.23
CA ALA A 23 -3.22 35.20 4.78
C ALA A 23 -2.88 36.09 5.96
N ALA A 24 -1.59 36.23 6.26
CA ALA A 24 -1.13 37.03 7.39
C ALA A 24 -0.50 38.33 6.91
N SER A 25 -0.70 39.39 7.69
CA SER A 25 -0.08 40.67 7.36
C SER A 25 0.15 41.47 8.64
N GLY A 26 1.08 42.41 8.54
CA GLY A 26 1.37 43.29 9.64
C GLY A 26 2.37 42.76 10.64
N PHE A 27 3.02 41.63 10.34
CA PHE A 27 4.11 41.12 11.16
C PHE A 27 5.00 40.26 10.28
N THR A 28 6.18 39.91 10.80
CA THR A 28 7.10 39.04 10.08
C THR A 28 6.61 37.61 10.23
N PHE A 29 5.72 37.20 9.30
CA PHE A 29 5.08 35.90 9.38
C PHE A 29 6.08 34.76 9.54
N SER A 30 7.19 34.83 8.81
CA SER A 30 8.18 33.77 8.82
C SER A 30 8.95 33.66 10.14
N SER A 31 8.69 34.50 11.13
CA SER A 31 9.36 34.33 12.42
C SER A 31 8.46 33.71 13.48
N TYR A 32 7.24 33.29 13.14
CA TYR A 32 6.27 32.83 14.12
C TYR A 32 5.77 31.43 13.80
N ALA A 33 5.69 30.59 14.84
CA ALA A 33 4.90 29.38 14.76
C ALA A 33 3.42 29.73 14.61
N MET A 34 2.71 28.94 13.80
CA MET A 34 1.30 29.21 13.49
C MET A 34 0.46 27.97 13.81
N HIS A 35 -0.82 28.20 14.13
CA HIS A 35 -1.71 27.13 14.54
C HIS A 35 -3.05 27.22 13.81
N TRP A 36 -3.73 26.08 13.74
CA TRP A 36 -5.15 26.02 13.39
C TRP A 36 -5.94 25.58 14.61
N VAL A 37 -7.06 26.25 14.87
CA VAL A 37 -7.94 25.93 15.99
C VAL A 37 -9.36 25.95 15.48
N ARG A 38 -10.20 25.04 15.96
CA ARG A 38 -11.55 24.98 15.43
C ARG A 38 -12.57 24.96 16.55
N GLN A 39 -13.79 25.37 16.20
CA GLN A 39 -14.88 25.44 17.17
C GLN A 39 -16.12 24.87 16.48
N ALA A 40 -16.55 23.71 16.93
CA ALA A 40 -17.76 23.12 16.37
C ALA A 40 -19.01 23.77 16.98
N PRO A 41 -20.13 23.74 16.24
CA PRO A 41 -21.38 24.30 16.79
C PRO A 41 -21.67 23.81 18.20
N GLY A 42 -21.84 24.76 19.12
CA GLY A 42 -22.17 24.46 20.51
C GLY A 42 -21.10 23.72 21.28
N LYS A 43 -19.83 23.86 20.91
CA LYS A 43 -18.74 23.19 21.62
C LYS A 43 -17.61 24.17 21.88
N GLY A 44 -16.62 23.71 22.66
CA GLY A 44 -15.48 24.53 22.97
C GLY A 44 -14.43 24.49 21.87
N LEU A 45 -13.50 25.43 21.95
CA LEU A 45 -12.40 25.48 20.99
C LEU A 45 -11.54 24.24 21.10
N GLU A 46 -11.04 23.77 19.97
CA GLU A 46 -10.24 22.55 19.90
C GLU A 46 -9.03 22.82 19.03
N TRP A 47 -7.85 22.64 19.62
CA TRP A 47 -6.61 22.77 18.87
C TRP A 47 -6.50 21.65 17.82
N VAL A 48 -6.05 22.01 16.63
CA VAL A 48 -6.00 21.08 15.49
C VAL A 48 -4.56 20.76 15.09
N ALA A 49 -3.75 21.78 14.85
CA ALA A 49 -2.42 21.55 14.29
C ALA A 49 -1.56 22.79 14.46
N LEU A 50 -0.24 22.58 14.39
CA LEU A 50 0.72 23.68 14.47
C LEU A 50 1.87 23.40 13.51
N ILE A 51 2.60 24.47 13.16
CA ILE A 51 3.76 24.38 12.30
C ILE A 51 4.80 25.40 12.79
N SER A 52 6.05 24.97 12.85
CA SER A 52 7.15 25.85 13.27
C SER A 52 7.41 26.95 12.25
N TYR A 53 8.18 27.97 12.68
CA TYR A 53 8.45 29.13 11.84
C TYR A 53 9.02 28.74 10.48
N ASP A 54 9.87 27.72 10.45
CA ASP A 54 10.51 27.32 9.21
C ASP A 54 9.82 26.13 8.58
N GLY A 55 8.65 25.75 9.07
CA GLY A 55 7.91 24.63 8.53
C GLY A 55 8.52 23.25 8.72
N ARG A 56 9.52 23.10 9.59
CA ARG A 56 10.17 21.81 9.71
C ARG A 56 9.51 20.90 10.72
N ASN A 57 8.80 21.45 11.69
CA ASN A 57 8.14 20.66 12.70
C ASN A 57 6.64 20.91 12.62
N LYS A 58 5.87 19.83 12.55
CA LYS A 58 4.42 19.89 12.48
C LYS A 58 3.84 18.87 13.45
N TYR A 59 2.75 19.26 14.12
CA TYR A 59 2.10 18.38 15.08
C TYR A 59 0.60 18.46 14.86
N TYR A 60 -0.11 17.37 15.16
CA TYR A 60 -1.52 17.27 14.83
C TYR A 60 -2.31 16.69 16.00
N ALA A 61 -3.54 17.19 16.16
CA ALA A 61 -4.48 16.58 17.09
C ALA A 61 -4.77 15.14 16.70
N ASP A 62 -5.00 14.30 17.71
CA ASP A 62 -5.26 12.88 17.46
C ASP A 62 -6.46 12.66 16.54
N SER A 63 -7.46 13.54 16.59
CA SER A 63 -8.67 13.33 15.82
C SER A 63 -8.48 13.63 14.33
N VAL A 64 -7.41 14.33 13.95
CA VAL A 64 -7.18 14.65 12.55
C VAL A 64 -5.90 14.05 12.01
N LYS A 65 -5.10 13.37 12.83
CA LYS A 65 -3.83 12.84 12.36
C LYS A 65 -4.04 11.88 11.20
N GLY A 66 -3.19 12.02 10.18
CA GLY A 66 -3.28 11.17 9.00
C GLY A 66 -4.33 11.61 7.99
N ARG A 67 -5.10 12.66 8.28
CA ARG A 67 -6.09 13.14 7.34
C ARG A 67 -5.90 14.59 6.97
N PHE A 68 -5.26 15.39 7.83
CA PHE A 68 -4.97 16.79 7.61
C PHE A 68 -3.46 16.98 7.45
N THR A 69 -3.08 18.02 6.71
CA THR A 69 -1.68 18.41 6.60
C THR A 69 -1.60 19.91 6.70
N ILE A 70 -0.82 20.39 7.67
CA ILE A 70 -0.58 21.82 7.80
C ILE A 70 0.70 22.16 7.05
N SER A 71 0.69 23.32 6.40
CA SER A 71 1.85 23.74 5.64
C SER A 71 1.87 25.27 5.58
N ARG A 72 2.97 25.82 5.07
CA ARG A 72 3.09 27.27 5.02
C ARG A 72 3.97 27.65 3.85
N ASP A 73 3.70 28.83 3.29
CA ASP A 73 4.52 29.45 2.24
C ASP A 73 5.02 30.79 2.79
N ASN A 74 6.26 30.83 3.27
CA ASN A 74 6.72 32.04 3.95
C ASN A 74 6.92 33.20 2.99
N SER A 75 7.18 32.92 1.71
CA SER A 75 7.31 34.01 0.74
C SER A 75 5.97 34.64 0.41
N LYS A 76 4.86 33.96 0.68
CA LYS A 76 3.53 34.50 0.43
C LYS A 76 2.79 34.87 1.70
N ASN A 77 3.45 34.78 2.86
CA ASN A 77 2.84 35.11 4.16
C ASN A 77 1.53 34.36 4.38
N THR A 78 1.48 33.10 3.92
CA THR A 78 0.25 32.33 3.95
C THR A 78 0.45 30.99 4.67
N LEU A 79 -0.54 30.61 5.46
CA LEU A 79 -0.61 29.33 6.13
C LEU A 79 -1.72 28.49 5.50
N TYR A 80 -1.55 27.16 5.46
CA TYR A 80 -2.53 26.31 4.80
C TYR A 80 -2.99 25.16 5.68
N LEU A 81 -4.22 24.70 5.45
CA LEU A 81 -4.69 23.44 6.03
C LEU A 81 -5.38 22.64 4.92
N GLN A 82 -4.74 21.56 4.48
CA GLN A 82 -5.32 20.64 3.50
C GLN A 82 -6.00 19.50 4.24
N MET A 83 -7.30 19.35 4.03
CA MET A 83 -8.04 18.26 4.63
C MET A 83 -8.48 17.30 3.54
N ASN A 84 -8.43 16.00 3.83
CA ASN A 84 -9.06 14.97 3.01
C ASN A 84 -9.73 14.01 3.95
N SER A 85 -10.55 13.11 3.39
CA SER A 85 -11.33 12.14 4.16
C SER A 85 -12.12 12.83 5.27
N LEU A 86 -12.75 13.95 4.93
CA LEU A 86 -13.47 14.74 5.91
C LEU A 86 -14.63 13.96 6.51
N ARG A 87 -14.95 14.29 7.76
CA ARG A 87 -16.04 13.65 8.47
C ARG A 87 -17.03 14.71 8.98
N ALA A 88 -18.25 14.26 9.28
CA ALA A 88 -19.26 15.17 9.80
C ALA A 88 -18.75 15.94 11.01
N GLU A 89 -18.05 15.24 11.90
CA GLU A 89 -17.54 15.83 13.13
C GLU A 89 -16.39 16.80 12.90
N ASP A 90 -15.91 16.94 11.67
CA ASP A 90 -14.95 17.98 11.31
C ASP A 90 -15.62 19.31 11.03
N THR A 91 -16.95 19.35 11.05
CA THR A 91 -17.70 20.59 10.86
C THR A 91 -17.40 21.56 11.99
N ALA A 92 -16.96 22.77 11.65
CA ALA A 92 -16.54 23.75 12.65
C ALA A 92 -16.19 25.06 11.95
N VAL A 93 -16.08 26.13 12.74
CA VAL A 93 -15.35 27.32 12.28
C VAL A 93 -13.87 27.08 12.55
N TYR A 94 -13.04 27.28 11.53
CA TYR A 94 -11.61 27.02 11.64
C TYR A 94 -10.87 28.33 11.75
N TYR A 95 -10.01 28.45 12.77
CA TYR A 95 -9.30 29.69 13.04
C TYR A 95 -7.81 29.51 12.82
N CYS A 96 -7.21 30.52 12.21
CA CYS A 96 -5.77 30.67 12.16
C CYS A 96 -5.36 31.50 13.38
N ALA A 97 -4.26 31.11 14.05
CA ALA A 97 -3.85 31.79 15.27
C ALA A 97 -2.32 31.83 15.35
N ARG A 98 -1.80 32.94 15.85
CA ARG A 98 -0.36 33.13 16.00
C ARG A 98 0.08 32.70 17.39
N SER A 99 1.19 31.98 17.43
CA SER A 99 1.81 31.54 18.68
C SER A 99 2.41 32.72 19.43
N TYR A 100 2.18 32.80 20.75
CA TYR A 100 2.66 33.94 21.52
C TYR A 100 4.18 34.04 21.40
N PRO A 101 4.73 35.23 21.15
CA PRO A 101 6.09 35.34 20.61
C PRO A 101 7.19 34.48 21.21
N HIS A 102 7.53 34.71 22.47
CA HIS A 102 8.60 33.98 23.15
C HIS A 102 8.09 32.85 24.03
N LYS A 103 6.92 32.32 23.73
CA LYS A 103 6.37 31.20 24.47
C LYS A 103 6.59 29.93 23.67
N ARG A 104 6.79 28.82 24.39
CA ARG A 104 6.97 27.54 23.69
C ARG A 104 5.90 27.31 22.63
N TRP A 105 6.33 27.27 21.37
CA TRP A 105 5.42 27.02 20.26
C TRP A 105 4.62 25.73 20.39
N LEU A 106 5.09 24.73 21.15
CA LEU A 106 4.33 23.49 21.26
C LEU A 106 3.08 23.65 22.14
N ARG A 107 3.10 24.56 23.10
CA ARG A 107 1.97 24.77 24.00
C ARG A 107 1.94 26.24 24.40
N PRO A 108 1.39 27.08 23.54
CA PRO A 108 1.42 28.52 23.78
C PRO A 108 0.04 29.09 24.00
N PRO A 109 -0.07 30.32 24.50
CA PRO A 109 -1.26 31.12 24.24
C PRO A 109 -1.17 31.66 22.82
N PHE A 110 -2.28 32.21 22.31
CA PHE A 110 -2.35 32.69 20.94
C PHE A 110 -2.70 34.16 20.94
N ASP A 111 -1.78 35.02 20.48
CA ASP A 111 -2.02 36.45 20.68
C ASP A 111 -2.76 37.12 19.53
N TYR A 112 -2.87 36.48 18.36
CA TYR A 112 -3.70 36.99 17.28
C TYR A 112 -4.43 35.85 16.59
N TRP A 113 -5.68 36.11 16.20
CA TRP A 113 -6.55 35.16 15.52
C TRP A 113 -7.18 35.82 14.31
N GLY A 114 -7.63 35.00 13.36
CA GLY A 114 -8.48 35.45 12.29
C GLY A 114 -9.96 35.42 12.68
N GLN A 115 -10.79 35.93 11.77
CA GLN A 115 -12.24 35.86 11.98
C GLN A 115 -12.80 34.47 11.77
N GLY A 116 -12.05 33.59 11.08
CA GLY A 116 -12.44 32.21 10.91
C GLY A 116 -13.10 31.95 9.56
N THR A 117 -13.13 30.68 9.18
CA THR A 117 -13.80 30.21 7.97
C THR A 117 -14.58 28.95 8.32
N LEU A 118 -15.80 28.85 7.79
CA LEU A 118 -16.72 27.78 8.19
C LEU A 118 -16.59 26.56 7.28
N VAL A 119 -16.40 25.39 7.89
CA VAL A 119 -16.33 24.12 7.20
C VAL A 119 -17.55 23.29 7.60
N THR A 120 -18.30 22.80 6.62
CA THR A 120 -19.51 22.01 6.86
C THR A 120 -19.39 20.69 6.09
N VAL A 121 -19.41 19.57 6.82
CA VAL A 121 -19.31 18.25 6.22
C VAL A 121 -20.62 17.52 6.49
N SER A 122 -21.33 17.14 5.42
CA SER A 122 -22.63 16.51 5.58
C SER A 122 -22.92 15.68 4.34
N SER A 123 -23.59 14.54 4.53
CA SER A 123 -24.02 13.73 3.41
C SER A 123 -25.23 14.33 2.68
N ALA A 124 -25.84 15.39 3.22
CA ALA A 124 -26.94 16.03 2.52
C ALA A 124 -26.47 16.64 1.20
N SER A 125 -27.42 16.83 0.28
CA SER A 125 -27.17 17.46 -1.00
C SER A 125 -27.96 18.77 -1.08
N THR A 126 -27.49 19.67 -1.95
CA THR A 126 -28.11 20.97 -2.12
C THR A 126 -29.62 20.86 -2.38
N LYS A 127 -30.40 21.66 -1.66
CA LYS A 127 -31.85 21.64 -1.83
C LYS A 127 -32.46 22.97 -1.43
N GLY A 128 -33.35 23.50 -2.26
CA GLY A 128 -34.04 24.74 -1.95
C GLY A 128 -35.17 24.54 -0.96
N PRO A 129 -35.53 25.59 -0.22
CA PRO A 129 -36.55 25.44 0.82
C PRO A 129 -37.96 25.53 0.24
N SER A 130 -38.89 24.97 0.99
CA SER A 130 -40.30 25.29 0.85
C SER A 130 -40.59 26.41 1.83
N VAL A 131 -41.37 27.39 1.38
CA VAL A 131 -41.75 28.53 2.22
C VAL A 131 -43.26 28.44 2.45
N PHE A 132 -43.65 28.31 3.73
CA PHE A 132 -45.05 28.19 4.11
C PHE A 132 -45.47 29.36 4.99
N PRO A 133 -46.69 29.87 4.81
CA PRO A 133 -47.12 30.99 5.64
C PRO A 133 -47.40 30.56 7.07
N LEU A 134 -47.09 31.45 8.00
CA LEU A 134 -47.56 31.38 9.37
C LEU A 134 -48.59 32.50 9.46
N ALA A 135 -49.83 32.14 9.24
CA ALA A 135 -50.85 33.15 9.05
C ALA A 135 -51.22 33.76 10.39
N PRO A 136 -51.48 35.06 10.45
CA PRO A 136 -51.96 35.61 11.71
C PRO A 136 -53.36 35.06 11.95
N SER A 137 -53.63 34.71 13.20
CA SER A 137 -54.82 33.92 13.52
C SER A 137 -55.83 34.62 14.43
N GLY A 144 -54.17 43.97 20.66
CA GLY A 144 -54.25 44.63 19.36
C GLY A 144 -53.03 44.35 18.50
N THR A 145 -52.13 43.50 19.01
CA THR A 145 -50.93 43.11 18.30
C THR A 145 -51.13 41.74 17.66
N ALA A 146 -50.72 41.62 16.40
CA ALA A 146 -50.81 40.34 15.69
C ALA A 146 -49.44 39.93 15.20
N ALA A 147 -49.18 38.63 15.25
CA ALA A 147 -47.93 38.07 14.75
C ALA A 147 -48.21 37.20 13.54
N LEU A 148 -47.27 37.23 12.59
CA LEU A 148 -47.34 36.41 11.40
C LEU A 148 -45.92 36.13 10.95
N GLY A 149 -45.77 35.22 9.99
CA GLY A 149 -44.43 34.90 9.56
C GLY A 149 -44.40 33.91 8.43
N CYS A 150 -43.20 33.41 8.16
CA CYS A 150 -42.94 32.43 7.14
C CYS A 150 -42.08 31.31 7.70
N LEU A 151 -42.43 30.08 7.35
CA LEU A 151 -41.66 28.90 7.71
C LEU A 151 -40.85 28.49 6.50
N VAL A 152 -39.54 28.45 6.64
CA VAL A 152 -38.61 28.16 5.56
C VAL A 152 -38.06 26.77 5.82
N LYS A 153 -38.66 25.75 5.22
CA LYS A 153 -38.44 24.38 5.63
C LYS A 153 -37.65 23.60 4.58
N ASP A 154 -36.78 22.71 5.06
CA ASP A 154 -36.17 21.64 4.24
C ASP A 154 -35.26 22.18 3.14
N TYR A 155 -34.20 22.84 3.57
CA TYR A 155 -33.20 23.34 2.64
C TYR A 155 -31.80 22.95 3.10
N PHE A 156 -30.85 22.97 2.16
CA PHE A 156 -29.46 22.68 2.46
C PHE A 156 -28.60 23.24 1.35
N PRO A 157 -27.44 23.83 1.66
CA PRO A 157 -26.95 24.10 3.00
C PRO A 157 -27.37 25.48 3.48
N GLU A 158 -26.89 25.85 4.66
CA GLU A 158 -26.95 27.24 5.07
C GLU A 158 -26.12 28.09 4.11
N PRO A 159 -26.42 29.39 3.99
CA PRO A 159 -27.50 30.10 4.67
C PRO A 159 -28.64 30.48 3.74
N VAL A 160 -29.75 30.89 4.33
CA VAL A 160 -30.81 31.60 3.64
C VAL A 160 -30.89 32.98 4.23
N THR A 161 -31.35 33.94 3.43
CA THR A 161 -31.70 35.25 3.95
C THR A 161 -33.19 35.48 3.74
N VAL A 162 -33.83 36.08 4.74
CA VAL A 162 -35.24 36.40 4.68
C VAL A 162 -35.39 37.89 4.96
N SER A 163 -36.09 38.59 4.08
CA SER A 163 -36.50 39.96 4.30
C SER A 163 -38.02 40.04 4.27
N TRP A 164 -38.55 41.19 4.67
CA TRP A 164 -39.98 41.43 4.64
C TRP A 164 -40.24 42.71 3.86
N ASN A 165 -41.12 42.61 2.87
CA ASN A 165 -41.48 43.74 2.00
C ASN A 165 -40.25 44.38 1.37
N SER A 166 -39.37 43.52 0.83
CA SER A 166 -38.18 43.95 0.10
C SER A 166 -37.28 44.84 0.95
N GLY A 167 -37.27 44.60 2.27
CA GLY A 167 -36.47 45.39 3.18
C GLY A 167 -37.16 46.63 3.71
N ALA A 168 -38.39 46.91 3.27
CA ALA A 168 -39.11 48.06 3.79
C ALA A 168 -39.59 47.82 5.22
N LEU A 169 -39.87 46.56 5.57
CA LEU A 169 -40.37 46.20 6.89
C LEU A 169 -39.22 45.64 7.72
N THR A 170 -38.82 46.38 8.75
CA THR A 170 -37.72 45.95 9.61
C THR A 170 -38.09 45.83 11.08
N SER A 171 -38.95 46.70 11.59
CA SER A 171 -39.19 46.73 13.02
C SER A 171 -40.11 45.59 13.42
N GLY A 172 -39.75 44.89 14.50
CA GLY A 172 -40.51 43.77 14.99
C GLY A 172 -40.30 42.47 14.23
N VAL A 173 -39.34 42.42 13.33
CA VAL A 173 -39.02 41.20 12.60
C VAL A 173 -38.02 40.40 13.41
N HIS A 174 -38.27 39.10 13.53
CA HIS A 174 -37.31 38.18 14.13
C HIS A 174 -37.16 37.02 13.16
N THR A 175 -35.96 36.87 12.61
CA THR A 175 -35.61 35.72 11.80
C THR A 175 -34.75 34.82 12.67
N PHE A 176 -35.23 33.62 12.93
CA PHE A 176 -34.56 32.79 13.92
C PHE A 176 -33.39 32.03 13.29
N PRO A 177 -32.38 31.68 14.10
CA PRO A 177 -31.36 30.74 13.62
C PRO A 177 -32.02 29.45 13.13
N ALA A 178 -31.52 28.91 12.03
CA ALA A 178 -32.05 27.65 11.56
C ALA A 178 -31.69 26.54 12.53
N VAL A 179 -32.53 25.51 12.57
CA VAL A 179 -32.18 24.28 13.28
C VAL A 179 -32.03 23.17 12.25
N LEU A 180 -31.17 22.24 12.59
CA LEU A 180 -30.84 21.11 11.74
C LEU A 180 -31.75 19.97 12.14
N GLN A 181 -32.55 19.50 11.18
CA GLN A 181 -33.54 18.48 11.45
C GLN A 181 -32.90 17.09 11.34
N SER A 182 -33.60 16.09 11.86
CA SER A 182 -33.25 14.68 11.73
C SER A 182 -32.86 14.30 10.31
N SER A 183 -33.57 14.85 9.31
CA SER A 183 -33.29 14.51 7.92
C SER A 183 -31.94 15.02 7.43
N GLY A 184 -31.29 15.91 8.17
CA GLY A 184 -30.12 16.59 7.66
C GLY A 184 -30.40 17.88 6.92
N LEU A 185 -31.66 18.30 6.83
CA LEU A 185 -32.02 19.56 6.21
C LEU A 185 -32.31 20.62 7.26
N TYR A 186 -32.12 21.87 6.90
CA TYR A 186 -32.39 22.95 7.83
C TYR A 186 -33.84 23.41 7.74
N SER A 187 -34.28 24.06 8.80
CA SER A 187 -35.59 24.70 8.79
C SER A 187 -35.47 25.96 9.63
N LEU A 188 -36.09 27.03 9.15
CA LEU A 188 -35.99 28.34 9.76
C LEU A 188 -37.37 28.98 9.78
N SER A 189 -37.61 29.82 10.79
CA SER A 189 -38.81 30.62 10.82
C SER A 189 -38.43 32.09 10.91
N SER A 190 -39.25 32.94 10.29
CA SER A 190 -39.11 34.40 10.36
C SER A 190 -40.48 34.98 10.68
N VAL A 191 -40.56 35.78 11.75
CA VAL A 191 -41.84 36.30 12.22
C VAL A 191 -41.77 37.82 12.33
N VAL A 192 -42.95 38.44 12.39
CA VAL A 192 -43.05 39.87 12.60
C VAL A 192 -44.38 40.17 13.27
N THR A 193 -44.36 41.09 14.25
CA THR A 193 -45.57 41.56 14.89
C THR A 193 -45.97 42.89 14.28
N VAL A 194 -47.27 43.04 14.02
CA VAL A 194 -47.84 44.21 13.38
C VAL A 194 -49.16 44.54 14.07
N PRO A 195 -49.65 45.77 13.88
CA PRO A 195 -50.96 46.13 14.43
C PRO A 195 -52.08 45.32 13.78
N SER A 196 -52.76 44.52 14.60
CA SER A 196 -53.97 43.79 14.19
C SER A 196 -54.83 44.54 13.18
N SER A 197 -54.99 45.86 13.38
CA SER A 197 -55.84 46.66 12.51
C SER A 197 -55.27 46.84 11.11
N SER A 198 -53.99 46.53 10.90
CA SER A 198 -53.35 46.73 9.61
C SER A 198 -53.57 45.56 8.67
N LEU A 199 -53.94 44.40 9.21
CA LEU A 199 -54.17 43.22 8.38
C LEU A 199 -55.25 43.49 7.35
N GLY A 200 -54.92 43.25 6.08
CA GLY A 200 -55.82 43.62 5.01
C GLY A 200 -55.43 44.95 4.38
N THR A 201 -54.90 45.87 5.19
CA THR A 201 -54.45 47.14 4.65
C THR A 201 -53.05 47.01 4.06
N GLN A 202 -52.07 46.63 4.88
CA GLN A 202 -50.79 46.24 4.33
C GLN A 202 -50.79 44.77 3.94
N THR A 203 -50.12 44.49 2.83
CA THR A 203 -49.78 43.13 2.46
C THR A 203 -48.38 42.83 3.01
N TYR A 204 -48.18 41.59 3.47
CA TYR A 204 -46.93 41.22 4.10
C TYR A 204 -46.30 40.07 3.31
N ILE A 205 -45.08 40.31 2.81
CA ILE A 205 -44.38 39.35 1.95
C ILE A 205 -43.00 39.05 2.55
N CYS A 206 -42.77 37.79 2.91
CA CYS A 206 -41.42 37.33 3.16
C CYS A 206 -40.70 37.04 1.84
N ASN A 207 -39.56 37.69 1.64
CA ASN A 207 -38.67 37.41 0.52
C ASN A 207 -37.57 36.44 0.97
N VAL A 208 -37.58 35.23 0.42
CA VAL A 208 -36.66 34.17 0.80
C VAL A 208 -35.67 33.93 -0.34
N ASN A 209 -34.39 33.82 -0.01
CA ASN A 209 -33.35 33.56 -1.01
C ASN A 209 -32.37 32.54 -0.45
N HIS A 210 -32.18 31.47 -1.22
CA HIS A 210 -31.23 30.40 -0.92
C HIS A 210 -30.32 30.30 -2.13
N LYS A 211 -29.21 31.00 -2.09
CA LYS A 211 -28.34 31.09 -3.26
C LYS A 211 -27.69 29.76 -3.63
N PRO A 212 -27.33 28.88 -2.69
CA PRO A 212 -26.77 27.57 -3.11
C PRO A 212 -27.65 26.78 -4.06
N SER A 213 -28.97 26.91 -3.97
CA SER A 213 -29.88 26.22 -4.88
C SER A 213 -30.49 27.15 -5.90
N ASN A 214 -30.09 28.44 -5.90
CA ASN A 214 -30.63 29.45 -6.81
C ASN A 214 -32.15 29.54 -6.69
N THR A 215 -32.64 29.46 -5.45
CA THR A 215 -34.06 29.50 -5.14
C THR A 215 -34.39 30.85 -4.51
N LYS A 216 -35.35 31.56 -5.09
CA LYS A 216 -35.88 32.79 -4.55
C LYS A 216 -37.39 32.67 -4.54
N VAL A 217 -37.99 32.87 -3.37
CA VAL A 217 -39.42 32.67 -3.15
C VAL A 217 -39.99 33.89 -2.46
N ASP A 218 -41.10 34.40 -2.98
CA ASP A 218 -41.86 35.46 -2.34
C ASP A 218 -43.22 34.89 -1.94
N LYS A 219 -43.44 34.74 -0.65
CA LYS A 219 -44.67 34.17 -0.13
C LYS A 219 -45.47 35.25 0.59
N LYS A 220 -46.73 35.40 0.19
CA LYS A 220 -47.63 36.36 0.79
C LYS A 220 -48.42 35.69 1.91
N VAL A 221 -48.54 36.37 3.05
CA VAL A 221 -49.17 35.82 4.25
C VAL A 221 -50.49 36.55 4.49
N GLU A 222 -51.59 35.80 4.47
CA GLU A 222 -52.96 36.23 4.56
C GLU A 222 -53.48 35.77 5.91
N PRO A 223 -54.42 36.49 6.52
CA PRO A 223 -55.31 35.82 7.48
C PRO A 223 -55.99 34.65 6.78
N LYS A 224 -56.22 33.58 7.54
CA LYS A 224 -56.88 32.37 7.02
C LYS A 224 -58.32 32.66 6.58
N ASP B 1 -5.52 14.41 27.48
CA ASP B 1 -5.55 15.86 27.44
C ASP B 1 -6.14 16.41 28.74
N ILE B 2 -5.67 17.59 29.14
CA ILE B 2 -6.19 18.24 30.34
C ILE B 2 -7.57 18.80 30.07
N GLN B 3 -8.53 18.48 30.92
CA GLN B 3 -9.89 18.95 30.76
C GLN B 3 -10.07 20.28 31.51
N MET B 4 -10.64 21.26 30.83
CA MET B 4 -10.89 22.59 31.39
C MET B 4 -12.40 22.76 31.56
N THR B 5 -12.83 23.07 32.78
CA THR B 5 -14.24 23.21 33.10
C THR B 5 -14.49 24.64 33.56
N GLN B 6 -15.31 25.35 32.79
CA GLN B 6 -15.67 26.74 33.06
C GLN B 6 -17.02 26.82 33.74
N SER B 7 -17.18 27.84 34.59
CA SER B 7 -18.44 28.06 35.28
C SER B 7 -18.65 29.55 35.52
N PRO B 8 -19.88 30.06 35.36
CA PRO B 8 -21.10 29.43 34.87
C PRO B 8 -21.15 29.40 33.34
N SER B 9 -22.18 28.78 32.76
CA SER B 9 -22.32 28.76 31.31
C SER B 9 -22.67 30.13 30.78
N THR B 10 -23.47 30.88 31.53
CA THR B 10 -23.89 32.20 31.14
C THR B 10 -24.13 33.00 32.41
N LEU B 11 -24.10 34.32 32.27
CA LEU B 11 -24.42 35.21 33.37
C LEU B 11 -24.87 36.51 32.73
N SER B 12 -25.74 37.21 33.44
CA SER B 12 -26.20 38.52 33.00
C SER B 12 -25.64 39.58 33.96
N ALA B 13 -25.38 40.77 33.40
CA ALA B 13 -24.74 41.83 34.14
C ALA B 13 -25.18 43.17 33.58
N SER B 14 -25.08 44.20 34.41
CA SER B 14 -25.36 45.56 34.01
C SER B 14 -24.05 46.33 33.91
N VAL B 15 -24.06 47.42 33.15
CA VAL B 15 -22.88 48.26 33.02
C VAL B 15 -22.50 48.80 34.39
N GLY B 16 -21.23 48.63 34.74
CA GLY B 16 -20.75 49.02 36.06
C GLY B 16 -20.66 47.87 37.04
N ASP B 17 -21.20 46.70 36.68
CA ASP B 17 -21.17 45.53 37.54
C ASP B 17 -19.77 44.92 37.60
N ARG B 18 -19.55 44.11 38.63
CA ARG B 18 -18.35 43.30 38.77
C ARG B 18 -18.72 41.85 38.45
N VAL B 19 -18.02 41.26 37.49
CA VAL B 19 -18.37 39.97 36.91
C VAL B 19 -17.20 39.02 37.10
N THR B 20 -17.47 37.79 37.56
CA THR B 20 -16.43 36.81 37.82
C THR B 20 -16.75 35.49 37.11
N ILE B 21 -15.78 35.01 36.32
CA ILE B 21 -15.90 33.76 35.59
C ILE B 21 -14.75 32.86 36.04
N THR B 22 -15.07 31.61 36.36
CA THR B 22 -14.06 30.69 36.85
C THR B 22 -13.82 29.55 35.87
N CYS B 23 -12.61 29.03 35.90
CA CYS B 23 -12.17 27.94 35.06
C CYS B 23 -11.35 27.01 35.94
N ARG B 24 -11.68 25.72 35.90
CA ARG B 24 -10.97 24.72 36.67
C ARG B 24 -10.29 23.70 35.76
N ALA B 25 -9.13 23.22 36.18
CA ALA B 25 -8.31 22.31 35.41
C ALA B 25 -8.24 20.94 36.08
N SER B 26 -8.36 19.89 35.27
CA SER B 26 -8.35 18.51 35.78
C SER B 26 -7.03 18.14 36.46
N GLN B 27 -5.96 18.88 36.18
CA GLN B 27 -4.68 18.72 36.87
C GLN B 27 -4.12 20.13 36.95
N SER B 28 -3.27 20.42 37.94
CA SER B 28 -2.80 21.82 38.00
C SER B 28 -2.02 22.19 36.75
N ILE B 29 -2.26 23.39 36.25
CA ILE B 29 -1.51 23.89 35.12
C ILE B 29 -0.58 25.02 35.59
N SER B 30 -0.16 24.95 36.86
CA SER B 30 0.61 26.04 37.46
C SER B 30 -0.03 27.37 37.10
N SER B 31 0.70 28.25 36.40
CA SER B 31 0.12 29.52 35.99
C SER B 31 -0.07 29.62 34.48
N TRP B 32 -0.03 28.50 33.76
CA TRP B 32 -0.09 28.50 32.30
C TRP B 32 -1.54 28.46 31.82
N LEU B 33 -2.19 29.62 31.88
CA LEU B 33 -3.59 29.78 31.52
C LEU B 33 -3.80 31.12 30.86
N ALA B 34 -4.53 31.14 29.75
CA ALA B 34 -4.90 32.36 29.06
C ALA B 34 -6.41 32.53 29.01
N TRP B 35 -6.85 33.78 28.87
CA TRP B 35 -8.26 34.13 28.73
C TRP B 35 -8.48 34.92 27.45
N TYR B 36 -9.54 34.57 26.72
CA TYR B 36 -9.91 35.19 25.46
C TYR B 36 -11.34 35.73 25.51
N GLN B 37 -11.57 36.75 24.70
CA GLN B 37 -12.89 37.33 24.46
C GLN B 37 -13.34 36.99 23.05
N GLN B 38 -14.58 36.48 22.92
CA GLN B 38 -15.16 36.10 21.65
C GLN B 38 -16.49 36.83 21.44
N LYS B 39 -16.62 37.48 20.28
CA LYS B 39 -17.85 38.11 19.80
C LYS B 39 -18.26 37.49 18.48
N PRO B 40 -19.55 37.46 18.16
CA PRO B 40 -20.00 36.80 16.93
C PRO B 40 -19.37 37.43 15.69
N GLY B 41 -18.84 36.58 14.83
CA GLY B 41 -18.27 37.01 13.58
C GLY B 41 -16.97 37.76 13.67
N LYS B 42 -16.34 37.84 14.84
CA LYS B 42 -15.11 38.61 14.99
C LYS B 42 -13.99 37.68 15.43
N ALA B 43 -12.78 38.23 15.41
CA ALA B 43 -11.64 37.39 15.77
C ALA B 43 -11.59 37.26 17.29
N PRO B 44 -11.30 36.07 17.80
CA PRO B 44 -11.02 35.95 19.24
C PRO B 44 -9.86 36.89 19.61
N LYS B 45 -9.89 37.34 20.86
CA LYS B 45 -8.96 38.36 21.37
C LYS B 45 -8.28 37.85 22.63
N LEU B 46 -6.96 37.94 22.67
CA LEU B 46 -6.25 37.58 23.89
C LEU B 46 -6.38 38.72 24.89
N LEU B 47 -6.89 38.42 26.08
CA LEU B 47 -6.98 39.40 27.16
C LEU B 47 -5.88 39.19 28.18
N ILE B 48 -5.71 37.96 28.64
CA ILE B 48 -4.84 37.66 29.77
C ILE B 48 -4.10 36.37 29.48
N TYR B 49 -2.81 36.34 29.82
CA TYR B 49 -1.98 35.14 29.72
C TYR B 49 -1.17 34.98 31.00
N ASP B 50 -0.58 33.80 31.16
CA ASP B 50 0.15 33.43 32.39
C ASP B 50 -0.71 33.68 33.63
N ALA B 51 -2.00 33.41 33.49
CA ALA B 51 -3.01 33.53 34.54
C ALA B 51 -3.34 34.98 34.87
N SER B 52 -2.33 35.86 34.96
CA SER B 52 -2.55 37.20 35.50
C SER B 52 -2.04 38.36 34.63
N SER B 53 -1.24 38.11 33.61
CA SER B 53 -0.66 39.22 32.87
C SER B 53 -1.62 39.69 31.78
N LEU B 54 -1.89 41.00 31.77
CA LEU B 54 -2.76 41.59 30.77
C LEU B 54 -1.99 41.82 29.47
N GLU B 55 -2.63 41.47 28.36
CA GLU B 55 -2.03 41.76 27.06
C GLU B 55 -1.96 43.27 26.86
N SER B 56 -1.02 43.68 26.01
CA SER B 56 -0.76 45.10 25.80
C SER B 56 -2.02 45.83 25.38
N GLY B 57 -2.31 46.96 26.04
CA GLY B 57 -3.47 47.75 25.68
C GLY B 57 -4.81 47.19 26.13
N VAL B 58 -4.83 46.04 26.80
CA VAL B 58 -6.11 45.53 27.31
C VAL B 58 -6.56 46.41 28.47
N PRO B 59 -7.83 46.79 28.56
CA PRO B 59 -8.26 47.71 29.64
C PRO B 59 -7.98 47.12 31.03
N SER B 60 -7.60 48.00 31.97
CA SER B 60 -7.23 47.53 33.30
C SER B 60 -8.44 47.12 34.14
N ARG B 61 -9.66 47.21 33.61
CA ARG B 61 -10.79 46.65 34.33
C ARG B 61 -10.86 45.12 34.23
N PHE B 62 -10.03 44.51 33.39
CA PHE B 62 -9.87 43.06 33.36
C PHE B 62 -8.76 42.62 34.29
N SER B 63 -9.00 41.56 35.07
CA SER B 63 -7.98 40.97 35.92
C SER B 63 -8.09 39.45 35.88
N GLY B 64 -6.96 38.80 36.07
CA GLY B 64 -6.91 37.35 36.13
C GLY B 64 -6.18 36.89 37.38
N SER B 65 -6.65 35.78 37.94
CA SER B 65 -6.03 35.26 39.15
C SER B 65 -6.10 33.75 39.16
N GLY B 66 -5.39 33.16 40.11
CA GLY B 66 -5.44 31.72 40.31
C GLY B 66 -4.12 31.07 39.96
N SER B 67 -3.93 29.87 40.51
CA SER B 67 -2.76 29.06 40.21
C SER B 67 -3.06 27.64 40.60
N GLY B 68 -2.45 26.71 39.86
CA GLY B 68 -2.71 25.31 40.11
C GLY B 68 -3.89 24.80 39.31
N THR B 69 -5.04 24.63 39.95
CA THR B 69 -6.19 24.03 39.30
C THR B 69 -7.42 24.94 39.21
N GLU B 70 -7.42 26.08 39.91
CA GLU B 70 -8.61 26.93 39.89
C GLU B 70 -8.22 28.36 39.52
N PHE B 71 -9.00 28.97 38.63
CA PHE B 71 -8.63 30.23 37.97
C PHE B 71 -9.83 31.15 37.85
N THR B 72 -9.56 32.46 37.86
CA THR B 72 -10.61 33.47 37.89
C THR B 72 -10.32 34.61 36.92
N LEU B 73 -11.30 34.95 36.10
CA LEU B 73 -11.31 36.19 35.32
C LEU B 73 -12.36 37.13 35.92
N THR B 74 -11.94 38.35 36.27
CA THR B 74 -12.85 39.35 36.83
C THR B 74 -12.88 40.59 35.96
N ILE B 75 -14.09 41.03 35.62
CA ILE B 75 -14.31 42.30 34.94
C ILE B 75 -14.94 43.21 35.97
N SER B 76 -14.22 44.27 36.36
CA SER B 76 -14.64 44.96 37.58
C SER B 76 -15.71 46.01 37.37
N SER B 77 -15.55 46.90 36.40
CA SER B 77 -16.57 47.91 36.09
C SER B 77 -16.98 47.69 34.65
N LEU B 78 -17.77 46.65 34.43
CA LEU B 78 -18.16 46.21 33.10
C LEU B 78 -18.71 47.35 32.25
N GLN B 79 -18.21 47.43 31.02
CA GLN B 79 -18.55 48.44 30.02
C GLN B 79 -19.30 47.81 28.85
N PRO B 80 -19.99 48.61 28.03
CA PRO B 80 -20.78 48.04 26.93
C PRO B 80 -20.00 47.14 25.97
N ASP B 81 -18.71 47.42 25.76
CA ASP B 81 -17.89 46.59 24.88
C ASP B 81 -17.65 45.20 25.44
N ASP B 82 -17.92 44.98 26.72
CA ASP B 82 -17.56 43.74 27.39
C ASP B 82 -18.63 42.66 27.28
N PHE B 83 -19.79 42.98 26.73
CA PHE B 83 -20.82 41.97 26.51
C PHE B 83 -20.38 41.08 25.36
N ALA B 84 -20.07 39.82 25.68
CA ALA B 84 -19.36 38.93 24.78
C ALA B 84 -19.26 37.56 25.44
N SER B 85 -18.58 36.62 24.80
CA SER B 85 -18.23 35.38 25.47
C SER B 85 -16.75 35.36 25.85
N TYR B 86 -16.42 34.52 26.82
CA TYR B 86 -15.08 34.41 27.40
C TYR B 86 -14.73 32.94 27.60
N CYS B 87 -13.51 32.55 27.21
CA CYS B 87 -13.07 31.16 27.37
C CYS B 87 -11.65 31.15 27.94
N CYS B 88 -11.39 30.21 28.84
CA CYS B 88 -10.03 29.90 29.30
C CYS B 88 -9.33 28.89 28.39
N GLN B 89 -7.99 28.91 28.45
CA GLN B 89 -7.14 27.95 27.75
C GLN B 89 -5.91 27.63 28.60
N GLN B 90 -5.62 26.35 28.79
CA GLN B 90 -4.38 25.93 29.41
C GLN B 90 -3.32 25.67 28.35
N TYR B 91 -2.08 26.02 28.66
CA TYR B 91 -0.93 25.65 27.85
C TYR B 91 0.17 25.08 28.72
N ASN B 92 -0.23 24.35 29.76
CA ASN B 92 0.72 23.64 30.61
C ASN B 92 1.32 22.43 29.90
N SER B 93 0.50 21.63 29.24
CA SER B 93 0.97 20.42 28.58
C SER B 93 0.41 20.36 27.16
N TYR B 94 1.11 19.56 26.34
CA TYR B 94 1.19 19.70 24.89
C TYR B 94 -0.15 19.97 24.23
N PRO B 95 -1.13 19.03 24.20
CA PRO B 95 -2.39 19.40 23.55
C PRO B 95 -3.07 20.50 24.36
N VAL B 96 -2.91 21.76 23.93
CA VAL B 96 -3.60 22.86 24.62
C VAL B 96 -5.10 22.61 24.52
N THR B 97 -5.83 22.98 25.58
CA THR B 97 -7.26 22.74 25.66
C THR B 97 -7.96 23.99 26.18
N PHE B 98 -9.24 24.12 25.82
CA PHE B 98 -10.03 25.31 26.14
C PHE B 98 -11.27 24.92 26.95
N GLY B 99 -11.77 25.85 27.77
CA GLY B 99 -13.09 25.70 28.37
C GLY B 99 -14.20 25.96 27.36
N GLN B 100 -15.45 25.68 27.76
CA GLN B 100 -16.62 25.68 26.88
C GLN B 100 -17.02 27.09 26.51
N GLY B 101 -16.58 28.08 27.27
CA GLY B 101 -16.99 29.45 27.06
C GLY B 101 -18.03 29.90 28.09
N THR B 102 -18.07 31.21 28.33
CA THR B 102 -19.08 31.86 29.17
C THR B 102 -19.62 33.07 28.43
N LYS B 103 -20.95 33.16 28.29
CA LYS B 103 -21.59 34.30 27.64
C LYS B 103 -22.06 35.30 28.70
N VAL B 104 -21.77 36.58 28.47
CA VAL B 104 -22.22 37.67 29.34
C VAL B 104 -23.20 38.52 28.54
N ASP B 105 -24.49 38.49 28.93
CA ASP B 105 -25.51 39.28 28.25
C ASP B 105 -25.96 40.45 29.13
N ILE B 106 -26.77 41.33 28.53
CA ILE B 106 -27.17 42.59 29.15
C ILE B 106 -28.31 42.32 30.11
N LYS B 107 -28.19 42.82 31.34
CA LYS B 107 -29.27 42.74 32.31
C LYS B 107 -30.36 43.75 32.00
N ARG B 108 -31.61 43.36 32.25
CA ARG B 108 -32.74 44.29 32.21
C ARG B 108 -33.84 43.75 33.12
N THR B 109 -34.95 44.47 33.19
CA THR B 109 -36.06 44.00 34.00
C THR B 109 -36.71 42.78 33.34
N VAL B 110 -37.40 41.97 34.16
CA VAL B 110 -38.07 40.79 33.66
C VAL B 110 -39.15 41.21 32.67
N ALA B 111 -39.24 40.49 31.56
CA ALA B 111 -40.27 40.75 30.55
C ALA B 111 -40.91 39.43 30.16
N ALA B 112 -42.24 39.34 30.32
CA ALA B 112 -42.95 38.14 29.96
C ALA B 112 -43.00 37.99 28.45
N PRO B 113 -43.01 36.76 27.95
CA PRO B 113 -43.20 36.54 26.51
C PRO B 113 -44.66 36.72 26.11
N SER B 114 -44.86 37.33 24.94
CA SER B 114 -46.14 37.23 24.25
C SER B 114 -46.10 35.96 23.40
N VAL B 115 -47.12 35.12 23.54
CA VAL B 115 -47.10 33.79 22.96
C VAL B 115 -48.11 33.72 21.82
N PHE B 116 -47.70 33.12 20.72
CA PHE B 116 -48.53 32.91 19.54
C PHE B 116 -48.34 31.48 19.07
N ILE B 117 -49.43 30.86 18.60
CA ILE B 117 -49.38 29.52 18.01
C ILE B 117 -49.89 29.61 16.58
N PHE B 118 -49.25 28.84 15.69
CA PHE B 118 -49.57 28.83 14.27
C PHE B 118 -49.84 27.39 13.87
N PRO B 119 -51.03 27.08 13.35
CA PRO B 119 -51.26 25.75 12.81
C PRO B 119 -50.49 25.57 11.52
N PRO B 120 -50.31 24.33 11.07
CA PRO B 120 -49.70 24.11 9.75
C PRO B 120 -50.55 24.74 8.66
N SER B 121 -49.89 25.22 7.61
CA SER B 121 -50.56 25.71 6.42
C SER B 121 -51.22 24.56 5.66
N ASP B 122 -52.29 24.88 4.92
CA ASP B 122 -52.90 23.83 4.10
C ASP B 122 -51.97 23.38 2.99
N GLU B 123 -51.12 24.28 2.50
CA GLU B 123 -50.13 23.89 1.49
C GLU B 123 -49.12 22.91 2.05
N GLN B 124 -48.77 23.02 3.34
CA GLN B 124 -47.83 22.04 3.87
C GLN B 124 -48.50 20.69 4.10
N LEU B 125 -49.70 20.69 4.67
CA LEU B 125 -50.43 19.45 4.89
C LEU B 125 -50.54 18.65 3.60
N LYS B 126 -50.56 19.34 2.46
CA LYS B 126 -50.56 18.69 1.15
C LYS B 126 -49.35 17.78 0.99
N SER B 127 -48.17 18.29 1.32
CA SER B 127 -46.93 17.51 1.30
C SER B 127 -47.07 16.17 2.01
N GLY B 128 -47.77 16.15 3.14
CA GLY B 128 -47.82 14.96 3.97
C GLY B 128 -47.19 15.20 5.32
N THR B 129 -46.89 16.47 5.62
CA THR B 129 -46.18 16.85 6.84
C THR B 129 -46.90 17.99 7.54
N ALA B 130 -46.85 17.97 8.87
CA ALA B 130 -47.46 18.99 9.71
C ALA B 130 -46.40 19.62 10.60
N SER B 131 -46.21 20.93 10.48
CA SER B 131 -45.37 21.71 11.38
C SER B 131 -46.25 22.69 12.13
N VAL B 132 -46.22 22.62 13.47
CA VAL B 132 -46.93 23.55 14.33
C VAL B 132 -45.89 24.44 15.01
N VAL B 133 -46.10 25.75 14.97
CA VAL B 133 -45.10 26.70 15.44
C VAL B 133 -45.65 27.46 16.64
N CYS B 134 -44.80 27.61 17.66
CA CYS B 134 -45.12 28.42 18.83
C CYS B 134 -44.06 29.51 18.91
N LEU B 135 -44.51 30.75 19.08
CA LEU B 135 -43.64 31.90 19.11
C LEU B 135 -43.73 32.52 20.49
N LEU B 136 -42.57 32.71 21.13
CA LEU B 136 -42.42 33.41 22.40
C LEU B 136 -41.68 34.70 22.09
N ASN B 137 -42.36 35.84 22.18
CA ASN B 137 -41.83 37.06 21.61
C ASN B 137 -41.38 38.05 22.69
N ASN B 138 -40.13 38.48 22.58
CA ASN B 138 -39.59 39.64 23.33
C ASN B 138 -39.67 39.46 24.84
N PHE B 139 -38.96 38.45 25.35
CA PHE B 139 -38.93 38.16 26.77
C PHE B 139 -37.52 38.30 27.33
N TYR B 140 -37.45 38.34 28.67
CA TYR B 140 -36.20 38.34 29.43
C TYR B 140 -36.50 37.87 30.85
N PRO B 141 -35.66 37.02 31.45
CA PRO B 141 -34.39 36.50 30.92
C PRO B 141 -34.52 35.42 29.87
N ARG B 142 -33.38 34.89 29.42
CA ARG B 142 -33.36 33.94 28.30
C ARG B 142 -34.04 32.62 28.66
N GLU B 143 -34.01 32.23 29.94
CA GLU B 143 -34.48 30.92 30.35
C GLU B 143 -36.00 30.82 30.16
N ALA B 144 -36.43 29.81 29.40
CA ALA B 144 -37.86 29.58 29.16
C ALA B 144 -38.05 28.11 28.84
N LYS B 145 -39.22 27.58 29.21
CA LYS B 145 -39.59 26.21 28.91
C LYS B 145 -40.83 26.23 28.03
N VAL B 146 -40.76 25.55 26.90
CA VAL B 146 -41.90 25.37 26.01
C VAL B 146 -42.33 23.92 26.09
N GLN B 147 -43.62 23.70 26.30
CA GLN B 147 -44.16 22.37 26.47
C GLN B 147 -45.30 22.18 25.47
N TRP B 148 -45.17 21.20 24.57
CA TRP B 148 -46.19 20.91 23.58
C TRP B 148 -47.17 19.89 24.12
N LYS B 149 -48.46 20.12 23.89
CA LYS B 149 -49.50 19.18 24.27
C LYS B 149 -50.44 18.94 23.10
N VAL B 150 -50.76 17.68 22.84
CA VAL B 150 -51.68 17.29 21.77
C VAL B 150 -52.82 16.54 22.44
N ASP B 151 -54.01 17.15 22.47
CA ASP B 151 -55.16 16.63 23.22
C ASP B 151 -54.77 16.24 24.65
N ASN B 152 -54.04 17.15 25.30
CA ASN B 152 -53.52 17.04 26.66
C ASN B 152 -52.38 16.04 26.81
N ALA B 153 -51.94 15.39 25.73
CA ALA B 153 -50.85 14.43 25.80
C ALA B 153 -49.53 15.17 25.67
N LEU B 154 -48.64 14.97 26.65
CA LEU B 154 -47.35 15.64 26.68
C LEU B 154 -46.46 15.11 25.55
N GLN B 155 -45.96 16.02 24.71
CA GLN B 155 -45.10 15.63 23.60
C GLN B 155 -43.64 15.65 24.01
N SER B 156 -42.85 14.79 23.38
CA SER B 156 -41.42 14.77 23.65
C SER B 156 -40.69 14.17 22.46
N GLY B 157 -39.58 14.79 22.08
CA GLY B 157 -38.73 14.31 21.02
C GLY B 157 -39.15 14.69 19.62
N ASN B 158 -40.25 15.44 19.47
CA ASN B 158 -40.73 15.83 18.15
C ASN B 158 -40.77 17.34 17.97
N SER B 159 -40.02 18.09 18.78
CA SER B 159 -39.98 19.54 18.65
C SER B 159 -38.54 20.02 18.65
N GLN B 160 -38.33 21.17 18.03
CA GLN B 160 -37.05 21.85 18.03
C GLN B 160 -37.29 23.34 18.23
N GLU B 161 -36.31 24.02 18.81
CA GLU B 161 -36.44 25.44 19.03
C GLU B 161 -35.14 26.16 18.72
N SER B 162 -35.26 27.45 18.44
CA SER B 162 -34.10 28.33 18.28
C SER B 162 -34.45 29.67 18.91
N VAL B 163 -33.43 30.39 19.33
CA VAL B 163 -33.58 31.64 20.06
C VAL B 163 -32.74 32.71 19.37
N THR B 164 -33.29 33.93 19.30
CA THR B 164 -32.56 35.03 18.72
C THR B 164 -31.45 35.50 19.66
N GLU B 165 -30.52 36.26 19.12
CA GLU B 165 -29.60 36.99 19.96
C GLU B 165 -30.31 38.16 20.64
N GLN B 166 -29.73 38.62 21.75
CA GLN B 166 -30.33 39.70 22.50
C GLN B 166 -30.52 40.93 21.62
N ASP B 167 -31.73 41.49 21.65
CA ASP B 167 -32.04 42.63 20.81
C ASP B 167 -31.26 43.86 21.25
N SER B 168 -30.71 44.58 20.27
CA SER B 168 -29.88 45.74 20.57
C SER B 168 -30.64 46.81 21.37
N LYS B 169 -31.91 47.05 21.05
CA LYS B 169 -32.57 48.19 21.69
C LYS B 169 -33.28 47.82 22.98
N ASP B 170 -34.00 46.70 23.04
CA ASP B 170 -34.78 46.39 24.23
C ASP B 170 -34.23 45.21 25.01
N SER B 171 -33.13 44.61 24.57
CA SER B 171 -32.38 43.62 25.34
C SER B 171 -33.19 42.36 25.64
N THR B 172 -34.21 42.09 24.85
CA THR B 172 -35.01 40.88 25.00
C THR B 172 -34.58 39.81 24.01
N TYR B 173 -35.17 38.64 24.18
CA TYR B 173 -35.00 37.48 23.32
C TYR B 173 -36.35 37.13 22.74
N SER B 174 -36.34 36.36 21.65
CA SER B 174 -37.54 35.68 21.18
C SER B 174 -37.16 34.25 20.85
N LEU B 175 -38.18 33.38 20.88
CA LEU B 175 -37.93 31.95 20.76
C LEU B 175 -38.98 31.38 19.83
N SER B 176 -38.56 30.47 18.95
CA SER B 176 -39.46 29.76 18.05
C SER B 176 -39.34 28.27 18.32
N SER B 177 -40.48 27.61 18.50
CA SER B 177 -40.52 26.17 18.70
C SER B 177 -41.39 25.52 17.63
N THR B 178 -40.89 24.46 17.00
CA THR B 178 -41.60 23.77 15.93
C THR B 178 -41.89 22.34 16.34
N LEU B 179 -43.17 21.95 16.34
CA LEU B 179 -43.60 20.58 16.56
C LEU B 179 -43.87 19.92 15.23
N THR B 180 -43.26 18.77 14.96
CA THR B 180 -43.43 18.09 13.69
C THR B 180 -44.14 16.77 13.88
N LEU B 181 -45.25 16.59 13.16
CA LEU B 181 -45.98 15.33 13.10
C LEU B 181 -46.27 15.01 11.65
N SER B 182 -46.51 13.73 11.39
CA SER B 182 -47.01 13.32 10.09
C SER B 182 -48.41 13.89 9.86
N LYS B 183 -48.75 14.08 8.58
CA LYS B 183 -50.08 14.56 8.25
C LYS B 183 -51.14 13.61 8.78
N ALA B 184 -50.89 12.31 8.72
CA ALA B 184 -51.84 11.33 9.22
C ALA B 184 -52.11 11.52 10.71
N ASP B 185 -51.05 11.66 11.52
CA ASP B 185 -51.24 11.80 12.96
C ASP B 185 -51.77 13.18 13.34
N TYR B 186 -51.42 14.22 12.57
CA TYR B 186 -52.01 15.53 12.80
C TYR B 186 -53.53 15.46 12.69
N GLU B 187 -54.02 14.67 11.73
CA GLU B 187 -55.45 14.57 11.49
C GLU B 187 -56.13 13.62 12.46
N LYS B 188 -55.37 12.88 13.26
CA LYS B 188 -55.94 12.03 14.30
C LYS B 188 -56.42 12.84 15.52
N HIS B 189 -55.82 13.99 15.79
CA HIS B 189 -56.07 14.72 17.02
C HIS B 189 -56.66 16.11 16.74
N LYS B 190 -57.14 16.76 17.80
CA LYS B 190 -57.88 17.99 17.66
C LYS B 190 -57.15 19.21 18.24
N VAL B 191 -56.75 19.19 19.50
CA VAL B 191 -56.25 20.38 20.16
C VAL B 191 -54.74 20.34 20.24
N TYR B 192 -54.10 21.38 19.73
CA TYR B 192 -52.66 21.51 19.78
C TYR B 192 -52.35 22.71 20.64
N ALA B 193 -51.47 22.52 21.62
CA ALA B 193 -51.21 23.52 22.64
C ALA B 193 -49.72 23.62 22.93
N CYS B 194 -49.24 24.85 23.11
CA CYS B 194 -47.91 25.10 23.63
C CYS B 194 -48.08 25.83 24.97
N GLU B 195 -47.53 25.24 26.02
CA GLU B 195 -47.58 25.80 27.36
C GLU B 195 -46.22 26.38 27.70
N VAL B 196 -46.20 27.66 28.07
CA VAL B 196 -44.97 28.43 28.27
C VAL B 196 -44.85 28.78 29.75
N THR B 197 -43.69 28.49 30.33
CA THR B 197 -43.35 28.89 31.69
C THR B 197 -42.14 29.82 31.62
N HIS B 198 -42.20 30.90 32.40
CA HIS B 198 -41.19 31.96 32.35
C HIS B 198 -41.38 32.91 33.53
N GLN B 199 -40.28 33.54 33.97
CA GLN B 199 -40.34 34.38 35.17
C GLN B 199 -41.33 35.53 35.07
N GLY B 200 -41.56 36.04 33.87
CA GLY B 200 -42.49 37.14 33.67
C GLY B 200 -43.95 36.74 33.81
N LEU B 201 -44.23 35.45 33.95
CA LEU B 201 -45.59 34.96 34.10
C LEU B 201 -45.75 34.41 35.51
N SER B 202 -46.78 34.90 36.22
CA SER B 202 -47.11 34.35 37.52
C SER B 202 -47.47 32.87 37.43
N SER B 203 -48.00 32.46 36.28
CA SER B 203 -48.45 31.09 36.05
C SER B 203 -48.25 30.78 34.58
N PRO B 204 -48.01 29.51 34.22
CA PRO B 204 -47.73 29.18 32.82
C PRO B 204 -48.89 29.55 31.90
N VAL B 205 -48.54 30.08 30.74
CA VAL B 205 -49.51 30.45 29.72
C VAL B 205 -49.62 29.32 28.71
N THR B 206 -50.85 28.98 28.33
CA THR B 206 -51.08 28.04 27.23
C THR B 206 -51.79 28.77 26.10
N LYS B 207 -51.27 28.62 24.88
CA LYS B 207 -51.95 29.01 23.66
C LYS B 207 -52.32 27.75 22.89
N SER B 208 -53.55 27.69 22.39
CA SER B 208 -53.99 26.48 21.72
C SER B 208 -54.88 26.80 20.53
N PHE B 209 -55.04 25.81 19.65
CA PHE B 209 -56.05 25.84 18.63
C PHE B 209 -56.67 24.46 18.55
N ASN B 210 -57.87 24.39 18.01
CA ASN B 210 -58.58 23.15 17.79
C ASN B 210 -58.56 22.89 16.29
N ARG B 211 -57.98 21.76 15.90
CA ARG B 211 -57.63 21.54 14.49
C ARG B 211 -58.85 21.63 13.61
N GLY B 212 -59.87 20.84 13.90
CA GLY B 212 -61.10 20.92 13.16
C GLY B 212 -62.02 21.82 13.94
N GLU B 213 -63.24 21.97 13.44
CA GLU B 213 -64.19 22.91 14.04
C GLU B 213 -63.57 24.30 14.17
N CYS B 214 -62.77 24.71 13.19
CA CYS B 214 -62.24 26.09 13.15
C CYS B 214 -61.68 26.45 11.78
N GLU C 1 12.24 9.80 15.32
CA GLU C 1 11.62 9.10 16.44
C GLU C 1 11.45 7.67 15.98
N VAL C 2 11.44 6.73 16.93
CA VAL C 2 11.36 5.32 16.60
C VAL C 2 9.98 4.99 16.02
N GLN C 3 9.97 4.28 14.89
CA GLN C 3 8.71 3.83 14.33
C GLN C 3 8.84 2.40 13.83
N LEU C 4 7.81 1.60 14.11
CA LEU C 4 7.69 0.22 13.64
C LEU C 4 6.32 0.09 13.01
N VAL C 5 6.26 -0.43 11.78
CA VAL C 5 5.01 -0.52 11.05
C VAL C 5 4.92 -1.93 10.47
N GLU C 6 3.99 -2.73 10.98
CA GLU C 6 3.76 -4.07 10.49
C GLU C 6 2.80 -4.05 9.33
N SER C 7 2.98 -4.98 8.40
CA SER C 7 2.10 -5.10 7.26
C SER C 7 2.06 -6.57 6.85
N GLY C 8 1.11 -6.89 5.98
CA GLY C 8 1.04 -8.21 5.39
C GLY C 8 -0.02 -9.11 6.00
N GLY C 9 -0.70 -8.68 7.05
CA GLY C 9 -1.76 -9.48 7.62
C GLY C 9 -2.90 -9.67 6.63
N GLY C 10 -3.64 -10.76 6.83
CA GLY C 10 -4.75 -11.03 5.94
C GLY C 10 -5.46 -12.30 6.37
N VAL C 11 -6.38 -12.74 5.52
CA VAL C 11 -7.21 -13.90 5.81
C VAL C 11 -6.72 -15.03 4.93
N VAL C 12 -6.37 -16.17 5.54
CA VAL C 12 -6.01 -17.37 4.78
C VAL C 12 -6.72 -18.59 5.37
N GLN C 13 -6.66 -19.67 4.64
CA GLN C 13 -7.25 -20.93 5.06
C GLN C 13 -6.21 -21.80 5.75
N PRO C 14 -6.62 -22.79 6.54
CA PRO C 14 -5.65 -23.61 7.27
C PRO C 14 -4.70 -24.33 6.31
N GLY C 15 -3.42 -24.38 6.71
CA GLY C 15 -2.36 -24.98 5.92
C GLY C 15 -1.58 -24.00 5.06
N ARG C 16 -2.14 -22.82 4.80
CA ARG C 16 -1.54 -21.92 3.83
C ARG C 16 -0.50 -21.01 4.50
N SER C 17 0.03 -20.07 3.75
CA SER C 17 1.20 -19.27 4.13
C SER C 17 0.83 -17.80 4.15
N LEU C 18 1.57 -17.04 4.96
CA LEU C 18 1.50 -15.59 4.97
C LEU C 18 2.86 -15.06 5.38
N ARG C 19 3.30 -13.97 4.76
CA ARG C 19 4.53 -13.32 5.19
C ARG C 19 4.19 -11.95 5.79
N LEU C 20 4.63 -11.73 7.02
CA LEU C 20 4.52 -10.43 7.66
C LEU C 20 5.83 -9.66 7.50
N SER C 21 5.71 -8.33 7.35
CA SER C 21 6.85 -7.44 7.29
C SER C 21 6.73 -6.42 8.42
N CYS C 22 7.88 -5.92 8.89
CA CYS C 22 7.88 -4.80 9.83
C CYS C 22 8.98 -3.84 9.42
N ALA C 23 8.60 -2.63 9.02
CA ALA C 23 9.55 -1.62 8.60
C ALA C 23 9.92 -0.76 9.80
N ALA C 24 11.21 -0.67 10.08
CA ALA C 24 11.71 0.10 11.22
C ALA C 24 12.37 1.38 10.73
N SER C 25 12.24 2.44 11.52
CA SER C 25 12.89 3.70 11.20
C SER C 25 13.13 4.47 12.50
N GLY C 26 14.07 5.41 12.44
CA GLY C 26 14.36 6.26 13.57
C GLY C 26 15.34 5.70 14.58
N PHE C 27 15.97 4.56 14.29
CA PHE C 27 17.02 4.00 15.13
C PHE C 27 17.90 3.12 14.26
N THR C 28 19.05 2.71 14.81
CA THR C 28 19.98 1.84 14.11
C THR C 28 19.49 0.40 14.19
N PHE C 29 18.64 0.04 13.23
CA PHE C 29 17.96 -1.25 13.22
C PHE C 29 18.94 -2.41 13.38
N SER C 30 20.09 -2.35 12.69
CA SER C 30 21.08 -3.42 12.69
C SER C 30 21.82 -3.59 14.03
N SER C 31 21.58 -2.79 15.06
CA SER C 31 22.20 -3.05 16.36
C SER C 31 21.22 -3.61 17.39
N TYR C 32 20.00 -4.00 17.00
CA TYR C 32 18.98 -4.44 17.95
C TYR C 32 18.44 -5.81 17.58
N ALA C 33 18.32 -6.67 18.59
CA ALA C 33 17.47 -7.84 18.46
C ALA C 33 16.03 -7.38 18.31
N MET C 34 15.28 -8.09 17.46
CA MET C 34 13.89 -7.79 17.14
C MET C 34 13.04 -9.02 17.41
N HIS C 35 11.77 -8.78 17.76
CA HIS C 35 10.88 -9.85 18.16
C HIS C 35 9.53 -9.75 17.43
N TRP C 36 8.84 -10.87 17.35
CA TRP C 36 7.42 -10.90 17.01
C TRP C 36 6.66 -11.34 18.25
N VAL C 37 5.54 -10.65 18.52
CA VAL C 37 4.65 -10.94 19.65
C VAL C 37 3.22 -10.86 19.10
N ARG C 38 2.34 -11.74 19.57
CA ARG C 38 1.00 -11.76 19.03
C ARG C 38 -0.04 -11.79 20.14
N GLN C 39 -1.26 -11.37 19.79
CA GLN C 39 -2.37 -11.36 20.74
C GLN C 39 -3.59 -11.91 20.05
N ALA C 40 -4.00 -13.09 20.45
CA ALA C 40 -5.17 -13.74 19.93
C ALA C 40 -6.41 -13.12 20.54
N PRO C 41 -7.56 -13.19 19.83
CA PRO C 41 -8.81 -12.64 20.39
C PRO C 41 -9.07 -13.13 21.80
N GLY C 42 -9.24 -12.18 22.71
CA GLY C 42 -9.60 -12.50 24.09
C GLY C 42 -8.54 -13.25 24.86
N LYS C 43 -7.27 -13.08 24.52
CA LYS C 43 -6.18 -13.73 25.23
C LYS C 43 -5.08 -12.73 25.50
N GLY C 44 -4.11 -13.16 26.29
CA GLY C 44 -2.99 -12.31 26.61
C GLY C 44 -1.94 -12.33 25.52
N LEU C 45 -1.02 -11.38 25.62
CA LEU C 45 0.08 -11.33 24.66
C LEU C 45 0.91 -12.60 24.76
N GLU C 46 1.43 -13.05 23.62
CA GLU C 46 2.19 -14.30 23.50
C GLU C 46 3.42 -14.03 22.66
N TRP C 47 4.60 -14.22 23.24
CA TRP C 47 5.84 -14.07 22.49
C TRP C 47 5.92 -15.16 21.42
N VAL C 48 6.36 -14.78 20.21
CA VAL C 48 6.37 -15.69 19.05
C VAL C 48 7.80 -16.06 18.64
N ALA C 49 8.67 -15.07 18.41
CA ALA C 49 9.99 -15.34 17.84
C ALA C 49 10.90 -14.14 18.05
N LEU C 50 12.21 -14.39 17.98
CA LEU C 50 13.21 -13.32 18.06
C LEU C 50 14.35 -13.62 17.11
N ILE C 51 15.09 -12.56 16.76
CA ILE C 51 16.27 -12.66 15.91
C ILE C 51 17.33 -11.69 16.41
N SER C 52 18.57 -12.16 16.51
CA SER C 52 19.69 -11.32 16.94
C SER C 52 19.96 -10.21 15.94
N TYR C 53 20.76 -9.22 16.36
CA TYR C 53 21.07 -8.06 15.52
C TYR C 53 21.64 -8.46 14.15
N ASP C 54 22.48 -9.48 14.10
CA ASP C 54 23.11 -9.85 12.84
C ASP C 54 22.41 -11.02 12.16
N GLY C 55 21.20 -11.36 12.60
CA GLY C 55 20.43 -12.42 12.01
C GLY C 55 20.98 -13.81 12.19
N ARG C 56 21.98 -13.99 13.05
CA ARG C 56 22.63 -15.30 13.13
C ARG C 56 21.95 -16.24 14.12
N ASN C 57 21.26 -15.71 15.12
CA ASN C 57 20.56 -16.53 16.12
C ASN C 57 19.07 -16.23 16.05
N LYS C 58 18.26 -17.29 15.97
CA LYS C 58 16.82 -17.20 15.90
C LYS C 58 16.21 -18.16 16.92
N TYR C 59 15.14 -17.72 17.58
CA TYR C 59 14.47 -18.55 18.56
C TYR C 59 12.97 -18.39 18.39
N TYR C 60 12.23 -19.45 18.71
CA TYR C 60 10.81 -19.51 18.41
C TYR C 60 10.03 -20.06 19.58
N ALA C 61 8.81 -19.54 19.75
CA ALA C 61 7.86 -20.18 20.66
C ALA C 61 7.57 -21.60 20.18
N ASP C 62 7.34 -22.49 21.14
CA ASP C 62 7.11 -23.90 20.82
C ASP C 62 5.93 -24.09 19.88
N SER C 63 4.92 -23.23 19.97
CA SER C 63 3.73 -23.42 19.15
C SER C 63 3.95 -23.07 17.68
N VAL C 64 5.03 -22.35 17.36
CA VAL C 64 5.31 -21.97 15.98
C VAL C 64 6.62 -22.53 15.45
N LYS C 65 7.45 -23.16 16.29
CA LYS C 65 8.73 -23.69 15.82
C LYS C 65 8.51 -24.71 14.71
N GLY C 66 9.34 -24.63 13.66
CA GLY C 66 9.20 -25.53 12.56
C GLY C 66 8.12 -25.15 11.57
N ARG C 67 7.31 -24.13 11.87
CA ARG C 67 6.29 -23.68 10.94
C ARG C 67 6.48 -22.24 10.52
N PHE C 68 7.14 -21.42 11.35
CA PHE C 68 7.41 -20.01 11.08
C PHE C 68 8.92 -19.81 10.95
N THR C 69 9.32 -18.78 10.21
CA THR C 69 10.72 -18.43 10.14
C THR C 69 10.84 -16.92 10.28
N ILE C 70 11.66 -16.47 11.24
CA ILE C 70 11.94 -15.05 11.42
C ILE C 70 13.19 -14.71 10.63
N SER C 71 13.19 -13.55 10.00
CA SER C 71 14.33 -13.13 9.21
C SER C 71 14.35 -11.62 9.18
N ARG C 72 15.46 -11.07 8.70
CA ARG C 72 15.60 -9.62 8.67
C ARG C 72 16.51 -9.25 7.51
N ASP C 73 16.27 -8.08 6.95
CA ASP C 73 17.13 -7.48 5.93
C ASP C 73 17.65 -6.18 6.53
N ASN C 74 18.90 -6.19 7.02
CA ASN C 74 19.40 -5.00 7.70
C ASN C 74 19.63 -3.85 6.74
N SER C 75 19.86 -4.14 5.45
CA SER C 75 20.05 -3.08 4.48
C SER C 75 18.77 -2.32 4.18
N LYS C 76 17.61 -2.93 4.43
CA LYS C 76 16.32 -2.30 4.21
C LYS C 76 15.58 -1.99 5.50
N ASN C 77 16.21 -2.23 6.66
CA ASN C 77 15.59 -1.95 7.97
C ASN C 77 14.25 -2.66 8.12
N THR C 78 14.18 -3.91 7.65
CA THR C 78 12.92 -4.64 7.65
C THR C 78 13.07 -5.98 8.36
N LEU C 79 12.05 -6.33 9.14
CA LEU C 79 11.95 -7.62 9.80
C LEU C 79 10.82 -8.41 9.14
N TYR C 80 10.97 -9.74 9.06
CA TYR C 80 9.99 -10.59 8.40
C TYR C 80 9.57 -11.74 9.30
N LEU C 81 8.35 -12.20 9.07
CA LEU C 81 7.90 -13.46 9.65
C LEU C 81 7.18 -14.20 8.54
N GLN C 82 7.79 -15.28 8.06
CA GLN C 82 7.18 -16.15 7.07
C GLN C 82 6.48 -17.29 7.79
N MET C 83 5.17 -17.41 7.60
CA MET C 83 4.37 -18.47 8.18
C MET C 83 3.96 -19.45 7.08
N ASN C 84 3.98 -20.74 7.39
CA ASN C 84 3.35 -21.77 6.58
C ASN C 84 2.64 -22.72 7.52
N SER C 85 1.86 -23.65 6.95
CA SER C 85 1.08 -24.59 7.75
C SER C 85 0.26 -23.87 8.84
N LEU C 86 -0.35 -22.75 8.47
CA LEU C 86 -1.09 -21.97 9.44
C LEU C 86 -2.29 -22.74 9.99
N ARG C 87 -2.64 -22.46 11.25
CA ARG C 87 -3.77 -23.08 11.93
C ARG C 87 -4.70 -21.98 12.46
N ALA C 88 -5.94 -22.38 12.76
CA ALA C 88 -6.92 -21.43 13.27
C ALA C 88 -6.38 -20.66 14.48
N GLU C 89 -5.73 -21.35 15.40
CA GLU C 89 -5.23 -20.78 16.64
C GLU C 89 -4.04 -19.83 16.43
N ASP C 90 -3.53 -19.69 15.20
CA ASP C 90 -2.56 -18.65 14.85
C ASP C 90 -3.23 -17.32 14.58
N THR C 91 -4.56 -17.28 14.61
CA THR C 91 -5.30 -16.04 14.41
C THR C 91 -4.97 -15.09 15.55
N ALA C 92 -4.51 -13.88 15.21
CA ALA C 92 -4.05 -12.93 16.21
C ALA C 92 -3.66 -11.64 15.50
N VAL C 93 -3.57 -10.56 16.30
CA VAL C 93 -2.82 -9.38 15.89
C VAL C 93 -1.36 -9.68 16.17
N TYR C 94 -0.49 -9.49 15.18
CA TYR C 94 0.94 -9.76 15.30
C TYR C 94 1.69 -8.45 15.45
N TYR C 95 2.58 -8.38 16.44
CA TYR C 95 3.30 -7.14 16.73
C TYR C 95 4.79 -7.34 16.49
N CYS C 96 5.39 -6.32 15.90
CA CYS C 96 6.83 -6.16 15.82
C CYS C 96 7.27 -5.42 17.06
N ALA C 97 8.39 -5.87 17.67
CA ALA C 97 8.83 -5.26 18.93
C ALA C 97 10.35 -5.20 19.01
N ARG C 98 10.86 -4.11 19.58
CA ARG C 98 12.30 -3.91 19.74
C ARG C 98 12.77 -4.37 21.12
N SER C 99 13.89 -5.07 21.15
CA SER C 99 14.51 -5.48 22.41
C SER C 99 15.09 -4.27 23.15
N TYR C 100 14.81 -4.20 24.46
CA TYR C 100 15.26 -3.05 25.25
C TYR C 100 16.78 -2.85 25.15
N PRO C 101 17.25 -1.60 24.97
CA PRO C 101 18.66 -1.33 24.57
C PRO C 101 19.85 -2.00 25.25
N HIS C 102 19.74 -2.54 26.45
CA HIS C 102 20.92 -3.16 27.03
C HIS C 102 20.54 -4.35 27.88
N LYS C 103 19.39 -4.93 27.61
CA LYS C 103 18.86 -6.08 28.31
C LYS C 103 19.10 -7.31 27.46
N ARG C 104 19.21 -8.42 28.15
CA ARG C 104 19.43 -9.66 27.47
C ARG C 104 18.46 -9.95 26.33
N TRP C 105 18.95 -9.98 25.09
CA TRP C 105 18.13 -10.60 24.06
C TRP C 105 17.87 -12.02 24.53
N LEU C 106 16.70 -12.55 24.17
CA LEU C 106 16.16 -13.86 24.55
C LEU C 106 15.09 -13.67 25.60
N ARG C 107 15.30 -12.71 26.50
CA ARG C 107 14.33 -12.41 27.56
C ARG C 107 14.46 -10.94 27.97
N PRO C 108 13.90 -10.03 27.19
CA PRO C 108 14.02 -8.61 27.48
C PRO C 108 12.65 -7.99 27.68
N PRO C 109 12.57 -6.77 28.21
CA PRO C 109 11.39 -5.95 27.98
C PRO C 109 11.48 -5.38 26.56
N PHE C 110 10.37 -4.80 26.13
CA PHE C 110 10.22 -4.29 24.76
C PHE C 110 9.87 -2.80 24.83
N ASP C 111 10.76 -1.95 24.34
CA ASP C 111 10.55 -0.53 24.53
C ASP C 111 9.81 0.14 23.38
N TYR C 112 9.77 -0.50 22.21
CA TYR C 112 8.97 0.02 21.11
C TYR C 112 8.24 -1.12 20.43
N TRP C 113 6.99 -0.85 20.05
CA TRP C 113 6.12 -1.78 19.34
C TRP C 113 5.47 -1.07 18.17
N GLY C 114 5.03 -1.86 17.18
CA GLY C 114 4.16 -1.34 16.13
C GLY C 114 2.68 -1.40 16.54
N GLN C 115 1.84 -0.85 15.67
CA GLN C 115 0.39 -0.94 15.89
C GLN C 115 -0.15 -2.33 15.59
N GLY C 116 0.59 -3.16 14.88
CA GLY C 116 0.19 -4.54 14.68
C GLY C 116 -0.50 -4.75 13.34
N THR C 117 -0.55 -6.02 12.93
CA THR C 117 -1.24 -6.41 11.71
C THR C 117 -2.04 -7.67 11.98
N LEU C 118 -3.27 -7.72 11.46
CA LEU C 118 -4.19 -8.78 11.81
C LEU C 118 -4.07 -9.98 10.86
N VAL C 119 -3.89 -11.17 11.43
CA VAL C 119 -3.85 -12.43 10.67
C VAL C 119 -5.06 -13.25 11.09
N THR C 120 -5.86 -13.66 10.12
CA THR C 120 -7.07 -14.46 10.38
C THR C 120 -6.98 -15.75 9.57
N VAL C 121 -7.02 -16.89 10.26
CA VAL C 121 -6.90 -18.20 9.62
C VAL C 121 -8.24 -18.89 9.78
N SER C 122 -8.87 -19.20 8.66
CA SER C 122 -10.21 -19.77 8.72
C SER C 122 -10.47 -20.59 7.46
N SER C 123 -11.13 -21.72 7.62
CA SER C 123 -11.56 -22.51 6.48
C SER C 123 -12.79 -21.93 5.78
N ALA C 124 -13.41 -20.90 6.35
CA ALA C 124 -14.58 -20.28 5.75
C ALA C 124 -14.22 -19.62 4.43
N SER C 125 -15.24 -19.44 3.59
CA SER C 125 -15.09 -18.77 2.31
C SER C 125 -15.85 -17.46 2.32
N THR C 126 -15.35 -16.53 1.51
CA THR C 126 -15.94 -15.20 1.37
C THR C 126 -17.43 -15.29 1.05
N LYS C 127 -18.22 -14.52 1.78
CA LYS C 127 -19.67 -14.57 1.68
C LYS C 127 -20.23 -13.23 2.16
N GLY C 128 -21.11 -12.62 1.37
CA GLY C 128 -21.75 -11.39 1.79
C GLY C 128 -22.91 -11.64 2.72
N PRO C 129 -23.28 -10.67 3.56
CA PRO C 129 -24.30 -10.90 4.57
C PRO C 129 -25.69 -10.76 3.98
N SER C 130 -26.65 -11.37 4.67
CA SER C 130 -28.05 -11.03 4.53
C SER C 130 -28.39 -9.99 5.58
N VAL C 131 -29.16 -8.97 5.19
CA VAL C 131 -29.51 -7.88 6.07
C VAL C 131 -30.99 -7.98 6.40
N PHE C 132 -31.33 -8.12 7.68
CA PHE C 132 -32.71 -8.22 8.12
C PHE C 132 -33.10 -7.07 9.05
N PRO C 133 -34.31 -6.56 8.94
CA PRO C 133 -34.74 -5.48 9.83
C PRO C 133 -34.98 -5.96 11.25
N LEU C 134 -34.65 -5.09 12.20
CA LEU C 134 -35.09 -5.21 13.59
C LEU C 134 -36.13 -4.12 13.80
N ALA C 135 -37.40 -4.47 13.59
CA ALA C 135 -38.44 -3.47 13.48
C ALA C 135 -38.90 -2.96 14.86
N PRO C 136 -39.15 -1.67 14.99
CA PRO C 136 -39.76 -1.14 16.21
C PRO C 136 -41.26 -1.34 16.20
N SER C 137 -41.82 -1.48 17.40
CA SER C 137 -43.28 -1.58 17.55
C SER C 137 -43.67 -1.19 18.97
N SER C 140 -41.23 2.65 23.57
CA SER C 140 -41.87 1.80 22.58
C SER C 140 -43.31 2.26 22.32
N THR C 141 -43.93 2.80 23.36
CA THR C 141 -45.20 3.52 23.21
C THR C 141 -44.90 4.99 23.03
N SER C 142 -45.74 5.67 22.25
CA SER C 142 -45.41 7.01 21.81
C SER C 142 -45.34 7.97 22.99
N GLY C 143 -44.61 9.07 22.78
CA GLY C 143 -44.16 9.92 23.86
C GLY C 143 -42.88 9.44 24.52
N GLY C 144 -42.36 8.28 24.11
CA GLY C 144 -41.17 7.70 24.72
C GLY C 144 -40.08 7.37 23.71
N THR C 145 -39.25 6.38 24.03
CA THR C 145 -38.14 5.95 23.20
C THR C 145 -38.45 4.64 22.48
N ALA C 146 -38.05 4.57 21.21
CA ALA C 146 -38.21 3.36 20.40
C ALA C 146 -36.85 2.90 19.91
N ALA C 147 -36.67 1.59 19.84
CA ALA C 147 -35.44 0.98 19.33
C ALA C 147 -35.74 0.26 18.03
N LEU C 148 -34.78 0.31 17.11
CA LEU C 148 -34.86 -0.38 15.84
C LEU C 148 -33.43 -0.68 15.41
N GLY C 149 -33.29 -1.51 14.38
CA GLY C 149 -31.95 -1.84 13.95
C GLY C 149 -31.95 -2.77 12.77
N CYS C 150 -30.76 -3.28 12.47
CA CYS C 150 -30.56 -4.24 11.39
C CYS C 150 -29.71 -5.38 11.91
N LEU C 151 -30.05 -6.59 11.48
CA LEU C 151 -29.27 -7.78 11.77
C LEU C 151 -28.49 -8.15 10.50
N VAL C 152 -27.17 -8.20 10.63
CA VAL C 152 -26.27 -8.43 9.51
C VAL C 152 -25.68 -9.83 9.70
N LYS C 153 -26.27 -10.81 9.03
CA LYS C 153 -26.05 -12.21 9.36
C LYS C 153 -25.26 -12.96 8.29
N ASP C 154 -24.40 -13.87 8.75
CA ASP C 154 -23.78 -14.92 7.95
C ASP C 154 -22.86 -14.34 6.86
N TYR C 155 -21.79 -13.68 7.31
CA TYR C 155 -20.83 -13.13 6.37
C TYR C 155 -19.41 -13.52 6.79
N PHE C 156 -18.49 -13.41 5.82
CA PHE C 156 -17.08 -13.70 6.05
C PHE C 156 -16.28 -13.09 4.91
N PRO C 157 -15.11 -12.47 5.18
CA PRO C 157 -14.58 -12.24 6.53
C PRO C 157 -15.01 -10.90 7.11
N GLU C 158 -14.51 -10.56 8.30
CA GLU C 158 -14.63 -9.20 8.80
C GLU C 158 -13.85 -8.27 7.86
N PRO C 159 -14.21 -6.97 7.81
CA PRO C 159 -15.27 -6.30 8.55
C PRO C 159 -16.49 -5.93 7.71
N VAL C 160 -17.59 -5.53 8.37
CA VAL C 160 -18.68 -4.83 7.71
C VAL C 160 -18.72 -3.42 8.27
N THR C 161 -19.22 -2.48 7.47
CA THR C 161 -19.51 -1.14 7.95
C THR C 161 -21.00 -0.90 7.88
N VAL C 162 -21.53 -0.25 8.92
CA VAL C 162 -22.95 0.08 8.97
C VAL C 162 -23.10 1.57 9.25
N SER C 163 -23.88 2.24 8.43
CA SER C 163 -24.30 3.61 8.70
C SER C 163 -25.81 3.66 8.78
N TRP C 164 -26.33 4.79 9.27
CA TRP C 164 -27.77 5.00 9.33
C TRP C 164 -28.08 6.30 8.61
N ASN C 165 -28.99 6.23 7.64
CA ASN C 165 -29.39 7.40 6.84
C ASN C 165 -28.16 8.11 6.28
N SER C 166 -27.24 7.32 5.74
CA SER C 166 -26.02 7.81 5.08
C SER C 166 -25.16 8.67 6.00
N GLY C 167 -25.18 8.38 7.30
CA GLY C 167 -24.36 9.10 8.25
C GLY C 167 -24.99 10.36 8.84
N ALA C 168 -26.22 10.70 8.45
CA ALA C 168 -26.90 11.84 9.07
C ALA C 168 -27.38 11.51 10.48
N LEU C 169 -27.69 10.25 10.73
CA LEU C 169 -28.14 9.78 12.03
C LEU C 169 -26.98 9.10 12.74
N THR C 170 -26.48 9.72 13.79
CA THR C 170 -25.37 9.22 14.57
C THR C 170 -25.72 9.01 16.04
N SER C 171 -26.64 9.81 16.58
CA SER C 171 -26.92 9.80 18.00
C SER C 171 -27.75 8.58 18.36
N GLY C 172 -27.35 7.91 19.43
CA GLY C 172 -28.05 6.73 19.89
C GLY C 172 -27.80 5.48 19.08
N VAL C 173 -26.84 5.50 18.14
CA VAL C 173 -26.52 4.33 17.32
C VAL C 173 -25.49 3.48 18.07
N HIS C 174 -25.73 2.18 18.11
CA HIS C 174 -24.75 1.23 18.62
C HIS C 174 -24.60 0.14 17.59
N THR C 175 -23.42 0.02 17.00
CA THR C 175 -23.10 -1.09 16.13
C THR C 175 -22.19 -2.04 16.91
N PHE C 176 -22.67 -3.25 17.12
CA PHE C 176 -22.01 -4.15 18.04
C PHE C 176 -20.87 -4.91 17.38
N PRO C 177 -19.89 -5.33 18.16
CA PRO C 177 -18.89 -6.27 17.66
C PRO C 177 -19.58 -7.50 17.11
N ALA C 178 -19.05 -8.00 16.00
CA ALA C 178 -19.57 -9.22 15.42
C ALA C 178 -19.24 -10.40 16.33
N VAL C 179 -20.10 -11.40 16.30
CA VAL C 179 -19.81 -12.66 16.95
C VAL C 179 -19.55 -13.67 15.85
N LEU C 180 -18.69 -14.64 16.13
CA LEU C 180 -18.35 -15.68 15.15
C LEU C 180 -19.21 -16.91 15.42
N GLN C 181 -20.02 -17.30 14.44
CA GLN C 181 -20.93 -18.41 14.69
C GLN C 181 -20.24 -19.74 14.45
N SER C 182 -20.86 -20.80 14.98
CA SER C 182 -20.43 -22.18 14.71
C SER C 182 -20.17 -22.44 13.23
N SER C 183 -20.96 -21.84 12.35
CA SER C 183 -20.78 -22.06 10.91
C SER C 183 -19.47 -21.49 10.39
N GLY C 184 -18.77 -20.68 11.18
CA GLY C 184 -17.62 -19.95 10.70
C GLY C 184 -17.95 -18.61 10.07
N LEU C 185 -19.22 -18.24 10.00
CA LEU C 185 -19.62 -16.94 9.49
C LEU C 185 -19.94 -16.03 10.66
N TYR C 186 -19.74 -14.73 10.43
CA TYR C 186 -20.00 -13.72 11.47
C TYR C 186 -21.43 -13.22 11.39
N SER C 187 -21.87 -12.63 12.49
CA SER C 187 -23.15 -11.95 12.53
C SER C 187 -23.00 -10.73 13.42
N LEU C 188 -23.61 -9.64 13.00
CA LEU C 188 -23.49 -8.38 13.71
C LEU C 188 -24.87 -7.74 13.77
N SER C 189 -25.12 -6.97 14.83
CA SER C 189 -26.33 -6.18 14.90
C SER C 189 -25.95 -4.72 15.06
N SER C 190 -26.77 -3.85 14.49
CA SER C 190 -26.61 -2.41 14.63
C SER C 190 -27.97 -1.84 14.99
N VAL C 191 -28.03 -1.09 16.10
CA VAL C 191 -29.30 -0.58 16.60
C VAL C 191 -29.21 0.93 16.83
N VAL C 192 -30.38 1.54 16.94
CA VAL C 192 -30.48 2.96 17.26
C VAL C 192 -31.77 3.16 18.01
N THR C 193 -31.72 3.98 19.05
CA THR C 193 -32.92 4.37 19.78
C THR C 193 -33.32 5.77 19.33
N VAL C 194 -34.62 5.96 19.12
CA VAL C 194 -35.13 7.22 18.59
C VAL C 194 -36.40 7.59 19.33
N PRO C 195 -36.79 8.87 19.28
CA PRO C 195 -38.07 9.28 19.88
C PRO C 195 -39.18 8.54 19.16
N SER C 196 -39.95 7.77 19.93
CA SER C 196 -41.08 7.06 19.37
C SER C 196 -42.00 7.98 18.57
N SER C 197 -41.93 9.29 18.83
CA SER C 197 -42.74 10.23 18.07
C SER C 197 -42.19 10.50 16.67
N SER C 198 -40.95 10.07 16.39
CA SER C 198 -40.34 10.35 15.09
C SER C 198 -40.68 9.32 14.04
N LEU C 199 -41.28 8.19 14.44
CA LEU C 199 -41.42 7.04 13.56
C LEU C 199 -42.33 7.32 12.36
N GLY C 200 -43.25 8.27 12.49
CA GLY C 200 -44.08 8.65 11.36
C GLY C 200 -43.55 9.80 10.53
N THR C 201 -42.46 10.44 11.00
CA THR C 201 -41.89 11.62 10.35
C THR C 201 -40.48 11.39 9.80
N GLN C 202 -39.74 10.42 10.32
CA GLN C 202 -38.40 10.15 9.83
C GLN C 202 -38.31 8.70 9.34
N THR C 203 -37.65 8.53 8.19
CA THR C 203 -37.38 7.20 7.65
C THR C 203 -36.01 6.72 8.13
N TYR C 204 -35.91 5.43 8.42
CA TYR C 204 -34.68 4.84 8.96
C TYR C 204 -34.18 3.73 8.04
N ILE C 205 -32.96 3.91 7.52
CA ILE C 205 -32.31 3.01 6.57
C ILE C 205 -30.92 2.69 7.08
N CYS C 206 -30.65 1.43 7.38
CA CYS C 206 -29.26 0.99 7.58
C CYS C 206 -28.56 0.74 6.25
N ASN C 207 -27.42 1.40 6.06
CA ASN C 207 -26.55 1.18 4.90
C ASN C 207 -25.41 0.23 5.27
N VAL C 208 -25.42 -0.98 4.70
CA VAL C 208 -24.49 -2.04 5.04
C VAL C 208 -23.51 -2.22 3.88
N ASN C 209 -22.23 -2.37 4.20
CA ASN C 209 -21.19 -2.52 3.18
C ASN C 209 -20.24 -3.64 3.60
N HIS C 210 -20.06 -4.62 2.74
CA HIS C 210 -19.11 -5.71 2.97
C HIS C 210 -18.19 -5.73 1.75
N LYS C 211 -17.06 -5.05 1.86
CA LYS C 211 -16.17 -4.84 0.73
C LYS C 211 -15.51 -6.11 0.21
N PRO C 212 -15.14 -7.08 1.05
CA PRO C 212 -14.59 -8.34 0.51
C PRO C 212 -15.51 -9.04 -0.48
N SER C 213 -16.83 -8.91 -0.32
CA SER C 213 -17.78 -9.54 -1.22
C SER C 213 -18.45 -8.56 -2.17
N ASN C 214 -18.07 -7.29 -2.15
CA ASN C 214 -18.68 -6.28 -3.01
C ASN C 214 -20.18 -6.16 -2.76
N THR C 215 -20.58 -6.23 -1.50
CA THR C 215 -21.99 -6.18 -1.11
C THR C 215 -22.26 -4.80 -0.50
N LYS C 216 -23.25 -4.10 -1.07
CA LYS C 216 -23.78 -2.82 -0.59
C LYS C 216 -25.27 -2.97 -0.48
N VAL C 217 -25.83 -2.80 0.71
CA VAL C 217 -27.27 -3.00 0.94
C VAL C 217 -27.81 -1.83 1.76
N ASP C 218 -28.93 -1.26 1.32
CA ASP C 218 -29.68 -0.27 2.09
C ASP C 218 -31.02 -0.89 2.45
N LYS C 219 -31.22 -1.17 3.74
CA LYS C 219 -32.41 -1.86 4.20
C LYS C 219 -33.32 -0.89 4.97
N LYS C 220 -34.58 -0.86 4.60
CA LYS C 220 -35.51 0.03 5.28
C LYS C 220 -36.07 -0.70 6.49
N VAL C 221 -36.08 0.00 7.63
CA VAL C 221 -36.57 -0.53 8.89
C VAL C 221 -37.84 0.24 9.21
N GLU C 222 -38.96 -0.45 9.23
CA GLU C 222 -40.27 0.15 9.40
C GLU C 222 -41.08 -0.62 10.43
N PRO C 223 -41.99 0.05 11.15
CA PRO C 223 -42.95 -0.56 12.09
C PRO C 223 -43.76 -1.69 11.46
N ASP D 1 6.77 -22.89 31.20
CA ASP D 1 6.80 -21.44 31.11
C ASP D 1 6.26 -20.83 32.40
N ILE D 2 6.78 -19.67 32.77
CA ILE D 2 6.27 -18.97 33.95
C ILE D 2 4.91 -18.35 33.61
N GLN D 3 3.91 -18.66 34.43
CA GLN D 3 2.57 -18.13 34.25
C GLN D 3 2.40 -16.86 35.06
N MET D 4 1.88 -15.82 34.42
CA MET D 4 1.64 -14.52 35.02
C MET D 4 0.15 -14.33 35.18
N THR D 5 -0.29 -14.04 36.40
CA THR D 5 -1.70 -13.91 36.75
C THR D 5 -1.99 -12.50 37.26
N GLN D 6 -2.85 -11.77 36.54
CA GLN D 6 -3.20 -10.40 36.91
C GLN D 6 -4.53 -10.34 37.65
N SER D 7 -4.65 -9.35 38.54
CA SER D 7 -5.89 -9.15 39.26
C SER D 7 -6.05 -7.67 39.59
N PRO D 8 -7.27 -7.11 39.50
CA PRO D 8 -8.45 -7.83 39.00
C PRO D 8 -8.46 -7.84 37.48
N SER D 9 -9.38 -8.58 36.86
CA SER D 9 -9.44 -8.57 35.40
C SER D 9 -9.95 -7.23 34.88
N THR D 10 -10.77 -6.55 35.68
CA THR D 10 -11.38 -5.29 35.27
C THR D 10 -11.49 -4.40 36.51
N LEU D 11 -11.52 -3.10 36.25
CA LEU D 11 -11.50 -2.09 37.30
C LEU D 11 -12.14 -0.82 36.77
N SER D 12 -12.91 -0.13 37.62
CA SER D 12 -13.52 1.15 37.29
C SER D 12 -12.89 2.23 38.16
N ALA D 13 -12.75 3.44 37.59
CA ALA D 13 -12.06 4.51 38.32
C ALA D 13 -12.55 5.86 37.83
N SER D 14 -12.43 6.85 38.71
CA SER D 14 -12.71 8.23 38.33
C SER D 14 -11.40 8.97 38.18
N VAL D 15 -11.45 10.05 37.40
CA VAL D 15 -10.28 10.92 37.29
C VAL D 15 -9.95 11.42 38.69
N GLY D 16 -8.68 11.29 39.08
CA GLY D 16 -8.21 11.65 40.41
C GLY D 16 -8.06 10.49 41.37
N ASP D 17 -8.55 9.31 41.01
CA ASP D 17 -8.47 8.12 41.84
C ASP D 17 -7.05 7.54 41.88
N ARG D 18 -6.82 6.69 42.89
CA ARG D 18 -5.61 5.88 42.99
C ARG D 18 -6.00 4.43 42.73
N VAL D 19 -5.36 3.82 41.75
CA VAL D 19 -5.73 2.52 41.18
C VAL D 19 -4.56 1.58 41.31
N THR D 20 -4.81 0.36 41.79
CA THR D 20 -3.75 -0.62 42.04
C THR D 20 -4.05 -1.89 41.25
N ILE D 21 -3.07 -2.34 40.46
CA ILE D 21 -3.21 -3.56 39.67
C ILE D 21 -2.11 -4.52 40.10
N THR D 22 -2.49 -5.77 40.34
CA THR D 22 -1.56 -6.75 40.86
C THR D 22 -1.21 -7.78 39.80
N CYS D 23 0.01 -8.29 39.89
CA CYS D 23 0.49 -9.31 38.97
C CYS D 23 1.25 -10.32 39.80
N ARG D 24 0.90 -11.60 39.66
CA ARG D 24 1.57 -12.68 40.37
C ARG D 24 2.23 -13.63 39.39
N ALA D 25 3.40 -14.13 39.78
CA ALA D 25 4.22 -15.02 38.97
C ALA D 25 4.25 -16.41 39.58
N SER D 26 4.14 -17.42 38.72
CA SER D 26 4.11 -18.80 39.21
C SER D 26 5.38 -19.19 39.94
N GLN D 27 6.49 -18.48 39.68
CA GLN D 27 7.71 -18.67 40.46
C GLN D 27 8.46 -17.34 40.49
N SER D 28 9.42 -17.24 41.41
CA SER D 28 10.12 -15.99 41.61
C SER D 28 10.75 -15.50 40.30
N ILE D 29 10.52 -14.23 39.98
CA ILE D 29 11.13 -13.59 38.83
C ILE D 29 12.05 -12.45 39.24
N SER D 30 12.57 -12.48 40.48
CA SER D 30 13.33 -11.37 41.05
C SER D 30 12.64 -10.04 40.80
N SER D 31 13.29 -9.12 40.10
CA SER D 31 12.69 -7.85 39.71
C SER D 31 12.53 -7.69 38.20
N TRP D 32 12.60 -8.80 37.44
CA TRP D 32 12.55 -8.74 35.98
C TRP D 32 11.10 -8.75 35.53
N LEU D 33 10.46 -7.59 35.68
CA LEU D 33 9.05 -7.42 35.38
C LEU D 33 8.86 -6.07 34.72
N ALA D 34 8.06 -6.06 33.66
CA ALA D 34 7.68 -4.85 32.94
C ALA D 34 6.16 -4.72 32.94
N TRP D 35 5.69 -3.49 32.77
CA TRP D 35 4.27 -3.16 32.67
C TRP D 35 4.04 -2.38 31.38
N TYR D 36 2.97 -2.73 30.67
CA TYR D 36 2.62 -2.10 29.40
C TYR D 36 1.21 -1.52 29.46
N GLN D 37 1.01 -0.48 28.67
CA GLN D 37 -0.31 0.11 28.47
C GLN D 37 -0.77 -0.20 27.05
N GLN D 38 -1.99 -0.70 26.93
CA GLN D 38 -2.58 -1.04 25.64
C GLN D 38 -3.92 -0.34 25.49
N LYS D 39 -4.09 0.34 24.37
CA LYS D 39 -5.37 0.87 23.96
C LYS D 39 -5.75 0.21 22.64
N PRO D 40 -7.04 0.06 22.35
CA PRO D 40 -7.45 -0.63 21.12
C PRO D 40 -6.92 0.04 19.87
N GLY D 41 -6.37 -0.78 18.96
CA GLY D 41 -5.84 -0.37 17.69
C GLY D 41 -4.59 0.47 17.79
N LYS D 42 -3.97 0.54 18.94
CA LYS D 42 -2.90 1.49 19.12
C LYS D 42 -1.67 0.69 19.52
N ALA D 43 -0.48 1.28 19.44
CA ALA D 43 0.66 0.41 19.75
C ALA D 43 0.85 0.26 21.26
N PRO D 44 1.20 -0.93 21.77
CA PRO D 44 1.53 -1.07 23.19
C PRO D 44 2.65 -0.12 23.61
N LYS D 45 2.58 0.31 24.86
CA LYS D 45 3.53 1.30 25.39
C LYS D 45 4.17 0.77 26.66
N LEU D 46 5.49 0.78 26.70
CA LEU D 46 6.22 0.37 27.89
C LEU D 46 6.14 1.48 28.93
N LEU D 47 5.65 1.16 30.13
CA LEU D 47 5.60 2.11 31.23
C LEU D 47 6.73 1.90 32.22
N ILE D 48 6.92 0.67 32.67
CA ILE D 48 7.80 0.35 33.78
C ILE D 48 8.57 -0.92 33.43
N TYR D 49 9.86 -0.96 33.75
CA TYR D 49 10.68 -2.15 33.59
C TYR D 49 11.50 -2.34 34.87
N ASP D 50 12.11 -3.52 35.01
CA ASP D 50 12.83 -3.88 36.24
C ASP D 50 11.98 -3.61 37.49
N ALA D 51 10.68 -3.89 37.38
CA ALA D 51 9.69 -3.82 38.47
C ALA D 51 9.30 -2.39 38.86
N SER D 52 10.26 -1.48 38.94
CA SER D 52 9.98 -0.15 39.51
C SER D 52 10.50 1.02 38.68
N SER D 53 11.32 0.79 37.65
CA SER D 53 11.91 1.89 36.91
C SER D 53 10.94 2.34 35.82
N LEU D 54 10.68 3.65 35.79
CA LEU D 54 9.80 4.22 34.79
C LEU D 54 10.58 4.40 33.50
N GLU D 55 9.95 4.03 32.38
CA GLU D 55 10.56 4.29 31.10
C GLU D 55 10.66 5.81 30.89
N SER D 56 11.61 6.21 30.06
CA SER D 56 11.83 7.62 29.78
C SER D 56 10.54 8.29 29.32
N GLY D 57 10.25 9.47 29.90
CA GLY D 57 9.07 10.22 29.54
C GLY D 57 7.75 9.71 30.09
N VAL D 58 7.74 8.62 30.84
CA VAL D 58 6.47 8.13 31.39
C VAL D 58 6.02 9.05 32.54
N PRO D 59 4.74 9.44 32.62
CA PRO D 59 4.31 10.33 33.71
C PRO D 59 4.56 9.72 35.09
N SER D 60 4.92 10.57 36.04
CA SER D 60 5.29 10.06 37.36
C SER D 60 4.09 9.63 38.20
N ARG D 61 2.87 9.74 37.69
CA ARG D 61 1.76 9.15 38.43
C ARG D 61 1.73 7.62 38.31
N PHE D 62 2.57 7.03 37.45
CA PHE D 62 2.74 5.59 37.42
C PHE D 62 3.87 5.20 38.36
N SER D 63 3.65 4.14 39.14
CA SER D 63 4.68 3.54 39.98
C SER D 63 4.54 2.03 39.97
N GLY D 64 5.67 1.36 40.15
CA GLY D 64 5.69 -0.09 40.24
C GLY D 64 6.50 -0.53 41.43
N SER D 65 6.06 -1.61 42.06
CA SER D 65 6.76 -2.16 43.20
C SER D 65 6.61 -3.66 43.17
N GLY D 66 7.34 -4.32 44.05
CA GLY D 66 7.23 -5.76 44.17
C GLY D 66 8.50 -6.46 43.78
N SER D 67 8.66 -7.70 44.24
CA SER D 67 9.82 -8.51 43.93
C SER D 67 9.49 -9.95 44.24
N GLY D 68 10.11 -10.86 43.49
CA GLY D 68 9.83 -12.27 43.68
C GLY D 68 8.65 -12.72 42.86
N THR D 69 7.50 -12.84 43.55
CA THR D 69 6.29 -13.35 42.93
C THR D 69 5.11 -12.40 42.95
N GLU D 70 5.18 -11.26 43.63
CA GLU D 70 3.98 -10.44 43.67
C GLU D 70 4.38 -9.04 43.27
N PHE D 71 3.62 -8.40 42.39
CA PHE D 71 4.02 -7.11 41.82
C PHE D 71 2.79 -6.23 41.73
N THR D 72 3.01 -4.91 41.79
CA THR D 72 1.91 -3.95 41.82
C THR D 72 2.18 -2.82 40.85
N LEU D 73 1.16 -2.48 40.05
CA LEU D 73 1.16 -1.24 39.29
C LEU D 73 0.16 -0.31 39.98
N THR D 74 0.62 0.88 40.36
CA THR D 74 -0.27 1.86 40.97
C THR D 74 -0.29 3.09 40.08
N ILE D 75 -1.49 3.56 39.76
CA ILE D 75 -1.70 4.82 39.05
C ILE D 75 -2.31 5.81 40.03
N SER D 76 -1.56 6.85 40.37
CA SER D 76 -2.10 7.90 41.22
C SER D 76 -2.63 9.03 40.35
N SER D 77 -3.51 9.84 40.93
CA SER D 77 -4.06 11.01 40.24
C SER D 77 -4.50 10.66 38.82
N LEU D 78 -5.29 9.59 38.70
CA LEU D 78 -5.67 9.06 37.38
C LEU D 78 -6.21 10.15 36.46
N GLN D 79 -5.69 10.18 35.23
CA GLN D 79 -6.05 11.18 34.24
C GLN D 79 -6.81 10.52 33.09
N PRO D 80 -7.54 11.30 32.28
CA PRO D 80 -8.33 10.70 31.18
C PRO D 80 -7.52 9.84 30.21
N ASP D 81 -6.24 10.13 30.01
CA ASP D 81 -5.38 9.32 29.15
C ASP D 81 -5.11 7.94 29.73
N ASP D 82 -5.41 7.71 31.01
CA ASP D 82 -5.04 6.47 31.67
C ASP D 82 -6.11 5.38 31.55
N PHE D 83 -7.29 5.69 31.02
CA PHE D 83 -8.29 4.65 30.79
C PHE D 83 -7.83 3.78 29.64
N ALA D 84 -7.53 2.52 29.94
CA ALA D 84 -6.75 1.66 29.06
C ALA D 84 -6.68 0.26 29.63
N SER D 85 -6.02 -0.67 28.96
CA SER D 85 -5.68 -1.94 29.57
C SER D 85 -4.20 -1.93 29.96
N TYR D 86 -3.84 -2.78 30.92
CA TYR D 86 -2.49 -2.87 31.45
C TYR D 86 -2.11 -4.33 31.64
N CYS D 87 -0.91 -4.71 31.22
CA CYS D 87 -0.45 -6.09 31.36
C CYS D 87 1.00 -6.07 31.84
N CYS D 88 1.34 -7.03 32.71
CA CYS D 88 2.71 -7.34 33.09
C CYS D 88 3.39 -8.34 32.15
N GLN D 89 4.73 -8.31 32.20
CA GLN D 89 5.57 -9.24 31.48
C GLN D 89 6.78 -9.61 32.33
N GLN D 90 7.04 -10.90 32.51
CA GLN D 90 8.28 -11.32 33.15
C GLN D 90 9.34 -11.56 32.09
N TYR D 91 10.57 -11.19 32.41
CA TYR D 91 11.70 -11.55 31.57
C TYR D 91 12.82 -12.13 32.43
N ASN D 92 12.44 -12.82 33.51
CA ASN D 92 13.40 -13.59 34.29
C ASN D 92 13.87 -14.82 33.52
N SER D 93 12.96 -15.51 32.84
CA SER D 93 13.28 -16.77 32.19
C SER D 93 12.87 -16.74 30.72
N TYR D 94 13.58 -17.56 29.92
CA TYR D 94 13.77 -17.35 28.49
C TYR D 94 12.46 -17.07 27.78
N PRO D 95 11.53 -18.04 27.66
CA PRO D 95 10.29 -17.68 26.97
C PRO D 95 9.62 -16.63 27.84
N VAL D 96 9.78 -15.35 27.49
CA VAL D 96 9.07 -14.30 28.23
C VAL D 96 7.57 -14.54 28.15
N THR D 97 6.85 -14.21 29.23
CA THR D 97 5.42 -14.45 29.26
C THR D 97 4.71 -13.23 29.84
N PHE D 98 3.43 -13.08 29.47
CA PHE D 98 2.66 -11.90 29.79
C PHE D 98 1.43 -12.24 30.63
N GLY D 99 1.03 -11.31 31.49
CA GLY D 99 -0.25 -11.45 32.14
C GLY D 99 -1.39 -11.20 31.17
N GLN D 100 -2.60 -11.60 31.58
CA GLN D 100 -3.73 -11.59 30.67
C GLN D 100 -4.34 -10.20 30.49
N GLY D 101 -3.93 -9.22 31.28
CA GLY D 101 -4.39 -7.86 31.14
C GLY D 101 -5.40 -7.46 32.20
N THR D 102 -5.44 -6.16 32.49
CA THR D 102 -6.45 -5.55 33.37
C THR D 102 -7.00 -4.32 32.65
N LYS D 103 -8.32 -4.27 32.47
CA LYS D 103 -8.95 -3.13 31.82
C LYS D 103 -9.42 -2.13 32.87
N VAL D 104 -9.11 -0.84 32.65
CA VAL D 104 -9.53 0.24 33.54
C VAL D 104 -10.55 1.10 32.78
N ASP D 105 -11.82 1.03 33.19
CA ASP D 105 -12.88 1.82 32.58
C ASP D 105 -13.32 2.96 33.51
N ILE D 106 -14.18 3.83 32.97
CA ILE D 106 -14.60 5.05 33.64
C ILE D 106 -15.77 4.77 34.57
N LYS D 107 -15.62 5.21 35.83
CA LYS D 107 -16.68 5.09 36.82
C LYS D 107 -17.75 6.16 36.59
N ARG D 108 -19.00 5.75 36.80
CA ARG D 108 -20.15 6.64 36.82
C ARG D 108 -21.21 6.01 37.70
N THR D 109 -22.34 6.71 37.84
CA THR D 109 -23.44 6.19 38.63
C THR D 109 -24.06 4.97 37.94
N VAL D 110 -24.74 4.15 38.75
CA VAL D 110 -25.40 2.98 38.19
C VAL D 110 -26.51 3.41 37.25
N ALA D 111 -26.58 2.73 36.10
CA ALA D 111 -27.62 3.00 35.12
C ALA D 111 -28.19 1.65 34.68
N ALA D 112 -29.50 1.48 34.89
CA ALA D 112 -30.14 0.23 34.48
C ALA D 112 -30.29 0.22 32.96
N PRO D 113 -30.24 -0.96 32.33
CA PRO D 113 -30.49 -1.04 30.89
C PRO D 113 -31.95 -0.83 30.55
N SER D 114 -32.19 -0.12 29.45
CA SER D 114 -33.48 -0.18 28.78
C SER D 114 -33.45 -1.40 27.87
N VAL D 115 -34.49 -2.25 27.95
CA VAL D 115 -34.49 -3.56 27.31
C VAL D 115 -35.51 -3.60 26.17
N PHE D 116 -35.12 -4.19 25.05
CA PHE D 116 -35.98 -4.32 23.89
C PHE D 116 -35.85 -5.73 23.34
N ILE D 117 -36.95 -6.33 22.89
CA ILE D 117 -36.88 -7.65 22.26
C ILE D 117 -37.38 -7.55 20.82
N PHE D 118 -36.71 -8.27 19.91
CA PHE D 118 -37.07 -8.23 18.50
C PHE D 118 -37.37 -9.64 18.00
N PRO D 119 -38.57 -9.90 17.48
CA PRO D 119 -38.83 -11.18 16.85
C PRO D 119 -38.08 -11.29 15.53
N PRO D 120 -37.95 -12.49 14.99
CA PRO D 120 -37.34 -12.62 13.66
C PRO D 120 -38.16 -11.89 12.62
N SER D 121 -37.47 -11.33 11.64
CA SER D 121 -38.16 -10.73 10.51
C SER D 121 -38.84 -11.81 9.70
N ASP D 122 -39.93 -11.43 9.04
CA ASP D 122 -40.58 -12.40 8.17
C ASP D 122 -39.70 -12.73 6.98
N GLU D 123 -38.84 -11.81 6.57
CA GLU D 123 -37.89 -12.09 5.51
C GLU D 123 -36.89 -13.18 5.93
N GLN D 124 -36.50 -13.22 7.21
CA GLN D 124 -35.56 -14.25 7.64
C GLN D 124 -36.23 -15.62 7.77
N LEU D 125 -37.46 -15.64 8.28
CA LEU D 125 -38.18 -16.90 8.35
C LEU D 125 -38.15 -17.64 7.03
N LYS D 126 -38.14 -16.90 5.92
CA LYS D 126 -38.11 -17.52 4.60
C LYS D 126 -36.87 -18.36 4.41
N SER D 127 -35.72 -17.77 4.67
CA SER D 127 -34.47 -18.47 4.56
C SER D 127 -34.35 -19.69 5.50
N GLY D 128 -35.21 -19.86 6.51
CA GLY D 128 -35.29 -21.10 7.28
C GLY D 128 -34.76 -21.06 8.71
N THR D 129 -34.35 -19.91 9.21
CA THR D 129 -33.77 -19.78 10.54
C THR D 129 -34.41 -18.58 11.19
N ALA D 130 -34.52 -18.62 12.52
CA ALA D 130 -35.12 -17.54 13.30
C ALA D 130 -34.06 -17.00 14.24
N SER D 131 -33.81 -15.69 14.15
CA SER D 131 -32.93 -15.01 15.09
C SER D 131 -33.76 -14.06 15.92
N VAL D 132 -33.76 -14.25 17.23
CA VAL D 132 -34.47 -13.38 18.17
C VAL D 132 -33.42 -12.56 18.88
N VAL D 133 -33.60 -11.24 18.92
CA VAL D 133 -32.58 -10.32 19.39
C VAL D 133 -33.10 -9.60 20.63
N CYS D 134 -32.27 -9.52 21.65
CA CYS D 134 -32.58 -8.73 22.82
C CYS D 134 -31.49 -7.69 22.98
N LEU D 135 -31.90 -6.45 23.21
CA LEU D 135 -30.99 -5.32 23.29
C LEU D 135 -31.06 -4.76 24.71
N LEU D 136 -29.91 -4.64 25.37
CA LEU D 136 -29.78 -4.02 26.68
C LEU D 136 -29.04 -2.71 26.47
N ASN D 137 -29.73 -1.59 26.66
CA ASN D 137 -29.25 -0.31 26.17
C ASN D 137 -28.82 0.62 27.30
N ASN D 138 -27.58 1.11 27.20
CA ASN D 138 -27.05 2.22 28.01
C ASN D 138 -27.10 1.93 29.51
N PHE D 139 -26.35 0.91 29.91
CA PHE D 139 -26.31 0.53 31.31
C PHE D 139 -24.90 0.67 31.89
N TYR D 140 -24.84 0.68 33.21
CA TYR D 140 -23.56 0.69 33.91
C TYR D 140 -23.77 0.18 35.32
N PRO D 141 -22.89 -0.68 35.86
CA PRO D 141 -21.64 -1.14 35.25
C PRO D 141 -21.80 -2.17 34.13
N ARG D 142 -20.67 -2.68 33.65
CA ARG D 142 -20.71 -3.56 32.49
C ARG D 142 -21.40 -4.89 32.79
N GLU D 143 -21.35 -5.36 34.03
CA GLU D 143 -21.87 -6.69 34.35
C GLU D 143 -23.38 -6.74 34.19
N ALA D 144 -23.85 -7.67 33.36
CA ALA D 144 -25.27 -7.88 33.15
C ALA D 144 -25.44 -9.31 32.67
N LYS D 145 -26.59 -9.91 33.00
CA LYS D 145 -26.90 -11.26 32.55
C LYS D 145 -28.19 -11.25 31.75
N VAL D 146 -28.14 -11.92 30.59
CA VAL D 146 -29.32 -12.16 29.77
C VAL D 146 -29.63 -13.65 29.86
N GLN D 147 -30.89 -13.98 30.13
CA GLN D 147 -31.32 -15.36 30.17
C GLN D 147 -32.52 -15.47 29.25
N TRP D 148 -32.42 -16.33 28.25
CA TRP D 148 -33.48 -16.53 27.29
C TRP D 148 -34.43 -17.60 27.79
N LYS D 149 -35.73 -17.36 27.59
CA LYS D 149 -36.76 -18.31 27.95
C LYS D 149 -37.70 -18.54 26.79
N VAL D 150 -38.02 -19.80 26.53
CA VAL D 150 -38.96 -20.18 25.49
C VAL D 150 -40.09 -20.97 26.15
N ASP D 151 -41.28 -20.36 26.23
CA ASP D 151 -42.39 -20.92 26.97
C ASP D 151 -41.96 -21.31 28.38
N ASN D 152 -41.24 -20.39 29.02
CA ASN D 152 -40.70 -20.49 30.38
C ASN D 152 -39.56 -21.48 30.53
N ALA D 153 -39.13 -22.14 29.45
CA ALA D 153 -38.01 -23.06 29.51
C ALA D 153 -36.72 -22.28 29.29
N LEU D 154 -35.79 -22.40 30.25
CA LEU D 154 -34.52 -21.70 30.17
C LEU D 154 -33.66 -22.24 29.03
N GLN D 155 -33.18 -21.35 28.17
CA GLN D 155 -32.34 -21.72 27.04
C GLN D 155 -30.88 -21.73 27.45
N SER D 156 -30.10 -22.58 26.78
CA SER D 156 -28.68 -22.65 27.06
C SER D 156 -27.98 -23.22 25.83
N GLY D 157 -26.87 -22.59 25.45
CA GLY D 157 -26.06 -23.05 24.34
C GLY D 157 -26.51 -22.59 22.97
N ASN D 158 -27.61 -21.83 22.87
CA ASN D 158 -28.11 -21.40 21.58
C ASN D 158 -28.14 -19.89 21.44
N SER D 159 -27.34 -19.17 22.22
CA SER D 159 -27.29 -17.72 22.15
C SER D 159 -25.84 -17.25 22.09
N GLN D 160 -25.66 -16.05 21.53
CA GLN D 160 -24.39 -15.35 21.52
C GLN D 160 -24.67 -13.88 21.80
N GLU D 161 -23.72 -13.19 22.43
CA GLU D 161 -23.90 -11.79 22.74
C GLU D 161 -22.60 -11.05 22.54
N SER D 162 -22.69 -9.73 22.35
CA SER D 162 -21.50 -8.88 22.30
C SER D 162 -21.82 -7.57 23.01
N VAL D 163 -20.77 -6.85 23.42
CA VAL D 163 -20.93 -5.62 24.19
C VAL D 163 -20.13 -4.51 23.54
N THR D 164 -20.70 -3.31 23.50
CA THR D 164 -19.97 -2.18 22.96
C THR D 164 -18.86 -1.75 23.92
N GLU D 165 -17.91 -0.99 23.38
CA GLU D 165 -16.99 -0.27 24.24
C GLU D 165 -17.75 0.83 24.97
N GLN D 166 -17.18 1.26 26.10
CA GLN D 166 -17.81 2.30 26.91
C GLN D 166 -18.08 3.53 26.06
N ASP D 167 -19.29 4.09 26.17
CA ASP D 167 -19.61 5.25 25.36
C ASP D 167 -18.78 6.45 25.76
N SER D 168 -18.24 7.15 24.75
CA SER D 168 -17.36 8.29 25.01
C SER D 168 -18.05 9.37 25.84
N LYS D 169 -19.34 9.60 25.61
CA LYS D 169 -20.02 10.74 26.23
C LYS D 169 -20.74 10.41 27.53
N ASP D 170 -21.43 9.28 27.62
CA ASP D 170 -22.20 8.96 28.84
C ASP D 170 -21.64 7.79 29.63
N SER D 171 -20.53 7.21 29.17
CA SER D 171 -19.78 6.20 29.92
C SER D 171 -20.58 4.92 30.18
N THR D 172 -21.63 4.67 29.40
CA THR D 172 -22.43 3.46 29.55
C THR D 172 -21.97 2.39 28.55
N TYR D 173 -22.59 1.21 28.67
CA TYR D 173 -22.40 0.08 27.78
C TYR D 173 -23.74 -0.30 27.18
N SER D 174 -23.68 -1.04 26.07
CA SER D 174 -24.88 -1.70 25.56
C SER D 174 -24.52 -3.12 25.14
N LEU D 175 -25.53 -3.98 25.12
CA LEU D 175 -25.30 -5.40 24.88
C LEU D 175 -26.40 -5.91 23.96
N SER D 176 -26.01 -6.74 22.99
CA SER D 176 -26.96 -7.38 22.09
C SER D 176 -26.75 -8.88 22.20
N SER D 177 -27.84 -9.61 22.41
CA SER D 177 -27.79 -11.06 22.49
C SER D 177 -28.76 -11.63 21.46
N THR D 178 -28.32 -12.66 20.74
CA THR D 178 -29.13 -13.26 19.70
C THR D 178 -29.41 -14.71 20.04
N LEU D 179 -30.68 -15.07 20.02
CA LEU D 179 -31.09 -16.46 20.15
C LEU D 179 -31.38 -16.99 18.74
N THR D 180 -30.72 -18.08 18.36
CA THR D 180 -30.86 -18.64 17.02
C THR D 180 -31.52 -20.01 17.12
N LEU D 181 -32.63 -20.18 16.43
CA LEU D 181 -33.33 -21.45 16.32
C LEU D 181 -33.63 -21.69 14.85
N SER D 182 -33.79 -22.96 14.49
CA SER D 182 -34.34 -23.28 13.19
C SER D 182 -35.77 -22.78 13.09
N LYS D 183 -36.22 -22.52 11.86
CA LYS D 183 -37.59 -22.08 11.66
C LYS D 183 -38.58 -23.09 12.23
N ALA D 184 -38.31 -24.39 12.05
CA ALA D 184 -39.17 -25.42 12.62
C ALA D 184 -39.25 -25.32 14.14
N ASP D 185 -38.10 -25.16 14.81
CA ASP D 185 -38.13 -25.09 16.26
C ASP D 185 -38.77 -23.81 16.73
N TYR D 186 -38.57 -22.71 15.98
CA TYR D 186 -39.22 -21.45 16.31
C TYR D 186 -40.73 -21.58 16.31
N GLU D 187 -41.29 -22.32 15.36
CA GLU D 187 -42.74 -22.41 15.23
C GLU D 187 -43.35 -23.42 16.18
N LYS D 188 -42.55 -24.21 16.88
CA LYS D 188 -43.08 -25.11 17.90
C LYS D 188 -43.54 -24.38 19.15
N HIS D 189 -42.99 -23.22 19.45
CA HIS D 189 -43.20 -22.58 20.74
C HIS D 189 -43.95 -21.26 20.56
N LYS D 190 -44.41 -20.69 21.68
CA LYS D 190 -45.27 -19.52 21.64
C LYS D 190 -44.60 -18.28 22.21
N VAL D 191 -44.18 -18.31 23.46
CA VAL D 191 -43.72 -17.11 24.14
C VAL D 191 -42.20 -17.14 24.21
N TYR D 192 -41.58 -16.08 23.71
CA TYR D 192 -40.13 -15.91 23.76
C TYR D 192 -39.84 -14.72 24.66
N ALA D 193 -38.93 -14.90 25.62
CA ALA D 193 -38.69 -13.92 26.66
C ALA D 193 -37.19 -13.72 26.84
N CYS D 194 -36.81 -12.47 27.06
CA CYS D 194 -35.45 -12.08 27.41
C CYS D 194 -35.50 -11.54 28.84
N GLU D 195 -34.83 -12.23 29.76
CA GLU D 195 -34.80 -11.87 31.18
C GLU D 195 -33.45 -11.25 31.49
N VAL D 196 -33.47 -10.02 31.99
CA VAL D 196 -32.25 -9.22 32.21
C VAL D 196 -32.07 -8.98 33.70
N THR D 197 -30.87 -9.28 34.19
CA THR D 197 -30.47 -8.98 35.56
C THR D 197 -29.29 -8.00 35.52
N HIS D 198 -29.35 -6.99 36.39
CA HIS D 198 -28.34 -5.93 36.44
C HIS D 198 -28.51 -5.18 37.75
N GLN D 199 -27.39 -4.71 38.30
CA GLN D 199 -27.44 -4.12 39.64
C GLN D 199 -28.32 -2.87 39.70
N GLY D 200 -28.53 -2.20 38.57
CA GLY D 200 -29.43 -1.07 38.45
C GLY D 200 -30.92 -1.39 38.51
N LEU D 201 -31.30 -2.67 38.56
CA LEU D 201 -32.68 -3.11 38.59
C LEU D 201 -33.02 -3.68 39.96
N SER D 202 -34.20 -3.31 40.49
CA SER D 202 -34.65 -3.88 41.75
C SER D 202 -34.80 -5.40 41.64
N SER D 203 -35.26 -5.88 40.49
CA SER D 203 -35.50 -7.29 40.23
C SER D 203 -35.38 -7.49 38.73
N PRO D 204 -35.13 -8.72 38.27
CA PRO D 204 -34.92 -8.93 36.83
C PRO D 204 -36.10 -8.46 35.98
N VAL D 205 -35.80 -7.81 34.86
CA VAL D 205 -36.82 -7.33 33.92
C VAL D 205 -36.95 -8.35 32.80
N THR D 206 -38.18 -8.65 32.40
CA THR D 206 -38.42 -9.54 31.26
C THR D 206 -39.15 -8.79 30.15
N LYS D 207 -38.62 -8.86 28.95
CA LYS D 207 -39.33 -8.44 27.74
C LYS D 207 -39.70 -9.69 26.97
N SER D 208 -40.95 -9.75 26.51
CA SER D 208 -41.43 -10.99 25.89
C SER D 208 -42.36 -10.64 24.75
N PHE D 209 -42.56 -11.61 23.85
CA PHE D 209 -43.59 -11.51 22.83
C PHE D 209 -44.19 -12.88 22.61
N ASN D 210 -45.41 -12.88 22.08
CA ASN D 210 -46.08 -14.10 21.68
C ASN D 210 -45.98 -14.21 20.16
N ARG D 211 -45.44 -15.32 19.69
CA ARG D 211 -45.16 -15.48 18.28
C ARG D 211 -46.47 -15.45 17.47
N GLY D 212 -46.46 -14.66 16.39
CA GLY D 212 -47.64 -14.54 15.56
C GLY D 212 -48.59 -13.44 15.96
N GLU D 213 -48.09 -12.35 16.51
CA GLU D 213 -48.94 -11.22 16.90
C GLU D 213 -48.46 -9.91 16.31
N GLU E 1 -9.32 -2.24 -6.38
CA GLU E 1 -10.40 -3.09 -6.85
C GLU E 1 -10.71 -2.85 -8.33
N VAL E 2 -10.83 -1.59 -8.74
CA VAL E 2 -10.90 -1.27 -10.16
C VAL E 2 -9.55 -1.63 -10.78
N GLN E 3 -9.59 -2.38 -11.90
CA GLN E 3 -8.34 -2.67 -12.59
C GLN E 3 -8.56 -2.60 -14.10
N LEU E 4 -7.58 -2.02 -14.80
CA LEU E 4 -7.56 -1.96 -16.25
C LEU E 4 -6.23 -2.51 -16.73
N VAL E 5 -6.27 -3.43 -17.69
CA VAL E 5 -5.08 -4.12 -18.18
C VAL E 5 -5.08 -4.05 -19.70
N GLU E 6 -4.15 -3.28 -20.26
CA GLU E 6 -4.00 -3.20 -21.71
C GLU E 6 -3.11 -4.32 -22.21
N SER E 7 -3.39 -4.80 -23.42
CA SER E 7 -2.59 -5.82 -24.07
C SER E 7 -2.65 -5.60 -25.57
N GLY E 8 -1.79 -6.30 -26.30
CA GLY E 8 -1.83 -6.29 -27.74
C GLY E 8 -0.76 -5.44 -28.39
N GLY E 9 0.00 -4.67 -27.62
CA GLY E 9 1.07 -3.89 -28.19
C GLY E 9 2.14 -4.77 -28.82
N GLY E 10 2.89 -4.19 -29.75
CA GLY E 10 3.94 -4.96 -30.40
C GLY E 10 4.67 -4.10 -31.40
N VAL E 11 5.53 -4.75 -32.17
CA VAL E 11 6.36 -4.09 -33.16
C VAL E 11 5.77 -4.41 -34.52
N VAL E 12 5.41 -3.38 -35.29
CA VAL E 12 4.95 -3.60 -36.66
C VAL E 12 5.63 -2.60 -37.59
N GLN E 13 5.41 -2.81 -38.87
CA GLN E 13 5.91 -2.00 -39.96
C GLN E 13 4.88 -0.94 -40.33
N PRO E 14 5.31 0.16 -40.94
CA PRO E 14 4.33 1.17 -41.37
C PRO E 14 3.34 0.58 -42.38
N GLY E 15 2.08 0.99 -42.25
CA GLY E 15 1.00 0.48 -43.07
C GLY E 15 0.23 -0.67 -42.45
N ARG E 16 0.80 -1.37 -41.47
CA ARG E 16 0.23 -2.59 -40.96
C ARG E 16 -0.74 -2.30 -39.82
N SER E 17 -1.26 -3.37 -39.23
CA SER E 17 -2.37 -3.29 -38.30
C SER E 17 -1.95 -3.83 -36.93
N LEU E 18 -2.62 -3.34 -35.89
CA LEU E 18 -2.47 -3.89 -34.55
C LEU E 18 -3.81 -3.71 -33.86
N ARG E 19 -4.23 -4.71 -33.07
CA ARG E 19 -5.42 -4.53 -32.22
C ARG E 19 -5.00 -4.52 -30.76
N LEU E 20 -5.38 -3.46 -30.04
CA LEU E 20 -5.16 -3.37 -28.61
C LEU E 20 -6.42 -3.76 -27.86
N SER E 21 -6.24 -4.41 -26.72
CA SER E 21 -7.32 -4.79 -25.82
C SER E 21 -7.10 -4.10 -24.48
N CYS E 22 -8.19 -3.85 -23.76
CA CYS E 22 -8.12 -3.41 -22.38
C CYS E 22 -9.18 -4.17 -21.60
N ALA E 23 -8.75 -5.01 -20.67
CA ALA E 23 -9.65 -5.81 -19.86
C ALA E 23 -9.96 -5.06 -18.58
N ALA E 24 -11.25 -4.84 -18.32
CA ALA E 24 -11.70 -4.08 -17.16
C ALA E 24 -12.32 -5.01 -16.12
N SER E 25 -12.11 -4.69 -14.84
CA SER E 25 -12.73 -5.46 -13.78
C SER E 25 -12.92 -4.57 -12.56
N GLY E 26 -13.84 -4.98 -11.70
CA GLY E 26 -14.07 -4.29 -10.44
C GLY E 26 -15.03 -3.12 -10.50
N PHE E 27 -15.70 -2.92 -11.62
CA PHE E 27 -16.74 -1.89 -11.72
C PHE E 27 -17.73 -2.26 -12.81
N THR E 28 -18.83 -1.53 -12.87
CA THR E 28 -19.85 -1.75 -13.89
C THR E 28 -19.37 -1.10 -15.18
N PHE E 29 -18.59 -1.87 -15.94
CA PHE E 29 -17.97 -1.40 -17.16
C PHE E 29 -18.98 -0.73 -18.10
N SER E 30 -20.15 -1.35 -18.26
CA SER E 30 -21.17 -0.87 -19.20
C SER E 30 -21.81 0.46 -18.78
N SER E 31 -21.45 1.05 -17.65
CA SER E 31 -22.01 2.35 -17.32
C SER E 31 -21.02 3.50 -17.54
N TYR E 32 -19.85 3.24 -18.14
CA TYR E 32 -18.81 4.26 -18.24
C TYR E 32 -18.35 4.46 -19.67
N ALA E 33 -18.23 5.72 -20.07
CA ALA E 33 -17.44 6.01 -21.26
C ALA E 33 -15.98 5.67 -20.97
N MET E 34 -15.29 5.13 -21.98
CA MET E 34 -13.91 4.68 -21.88
C MET E 34 -13.08 5.37 -22.93
N HIS E 35 -11.80 5.59 -22.62
CA HIS E 35 -10.93 6.39 -23.48
C HIS E 35 -9.62 5.65 -23.72
N TRP E 36 -8.98 5.99 -24.85
CA TRP E 36 -7.58 5.65 -25.11
C TRP E 36 -6.75 6.93 -25.10
N VAL E 37 -5.59 6.86 -24.45
CA VAL E 37 -4.64 7.97 -24.36
C VAL E 37 -3.25 7.39 -24.61
N ARG E 38 -2.40 8.12 -25.30
CA ARG E 38 -1.09 7.58 -25.64
C ARG E 38 0.00 8.58 -25.28
N GLN E 39 1.21 8.05 -25.09
CA GLN E 39 2.37 8.87 -24.74
C GLN E 39 3.55 8.38 -25.55
N ALA E 40 3.98 9.20 -26.49
CA ALA E 40 5.14 8.88 -27.29
C ALA E 40 6.41 9.19 -26.51
N PRO E 41 7.52 8.51 -26.82
CA PRO E 41 8.79 8.81 -26.15
C PRO E 41 9.12 10.30 -26.14
N GLY E 42 9.37 10.81 -24.93
CA GLY E 42 9.76 12.19 -24.74
C GLY E 42 8.70 13.20 -25.12
N LYS E 43 7.42 12.82 -25.07
CA LYS E 43 6.37 13.76 -25.39
C LYS E 43 5.30 13.65 -24.31
N GLY E 44 4.37 14.58 -24.33
CA GLY E 44 3.30 14.56 -23.37
C GLY E 44 2.21 13.62 -23.78
N LEU E 45 1.31 13.36 -22.83
CA LEU E 45 0.17 12.51 -23.10
C LEU E 45 -0.72 13.12 -24.16
N GLU E 46 -1.31 12.26 -24.99
CA GLU E 46 -2.14 12.66 -26.11
C GLU E 46 -3.42 11.83 -26.11
N TRP E 47 -4.57 12.50 -26.03
CA TRP E 47 -5.85 11.81 -26.13
C TRP E 47 -6.05 11.25 -27.54
N VAL E 48 -6.55 10.03 -27.63
CA VAL E 48 -6.68 9.31 -28.91
C VAL E 48 -8.14 9.12 -29.33
N ALA E 49 -8.96 8.57 -28.44
CA ALA E 49 -10.34 8.22 -28.82
C ALA E 49 -11.16 7.94 -27.56
N LEU E 50 -12.47 8.02 -27.72
CA LEU E 50 -13.40 7.69 -26.64
C LEU E 50 -14.61 6.98 -27.19
N ILE E 51 -15.32 6.29 -26.31
CA ILE E 51 -16.56 5.61 -26.68
C ILE E 51 -17.52 5.71 -25.51
N SER E 52 -18.78 6.03 -25.83
CA SER E 52 -19.83 6.15 -24.85
C SER E 52 -20.11 4.81 -24.17
N TYR E 53 -20.84 4.87 -23.04
CA TYR E 53 -21.13 3.65 -22.27
C TYR E 53 -21.75 2.54 -23.12
N ASP E 54 -22.65 2.89 -24.04
CA ASP E 54 -23.35 1.88 -24.84
C ASP E 54 -22.74 1.69 -26.22
N GLY E 55 -21.53 2.21 -26.44
CA GLY E 55 -20.84 2.04 -27.71
C GLY E 55 -21.47 2.70 -28.91
N ARG E 56 -22.46 3.58 -28.72
CA ARG E 56 -23.15 4.16 -29.86
C ARG E 56 -22.46 5.42 -30.39
N ASN E 57 -21.72 6.12 -29.54
CA ASN E 57 -21.01 7.33 -29.92
C ASN E 57 -19.51 7.14 -29.70
N LYS E 58 -18.73 7.47 -30.73
CA LYS E 58 -17.28 7.34 -30.74
C LYS E 58 -16.66 8.60 -31.31
N TYR E 59 -15.53 9.04 -30.74
CA TYR E 59 -14.83 10.22 -31.20
C TYR E 59 -13.34 9.91 -31.23
N TYR E 60 -12.63 10.56 -32.16
CA TYR E 60 -11.23 10.27 -32.44
C TYR E 60 -10.45 11.55 -32.58
N ALA E 61 -9.18 11.52 -32.13
CA ALA E 61 -8.28 12.62 -32.40
C ALA E 61 -8.08 12.79 -33.89
N ASP E 62 -7.87 14.05 -34.30
CA ASP E 62 -7.62 14.33 -35.72
C ASP E 62 -6.42 13.55 -36.23
N SER E 63 -5.47 13.23 -35.35
CA SER E 63 -4.26 12.54 -35.78
C SER E 63 -4.51 11.07 -36.14
N VAL E 64 -5.61 10.47 -35.68
CA VAL E 64 -5.88 9.07 -35.94
C VAL E 64 -7.17 8.84 -36.69
N LYS E 65 -7.93 9.90 -36.99
CA LYS E 65 -9.22 9.75 -37.68
C LYS E 65 -9.06 9.00 -38.99
N GLY E 66 -9.97 8.07 -39.25
CA GLY E 66 -9.97 7.30 -40.48
C GLY E 66 -9.04 6.12 -40.50
N ARG E 67 -8.23 5.92 -39.45
CA ARG E 67 -7.30 4.82 -39.38
C ARG E 67 -7.46 3.94 -38.16
N PHE E 68 -8.03 4.44 -37.06
CA PHE E 68 -8.25 3.70 -35.83
C PHE E 68 -9.76 3.50 -35.64
N THR E 69 -10.13 2.41 -34.94
CA THR E 69 -11.53 2.22 -34.55
C THR E 69 -11.57 1.76 -33.10
N ILE E 70 -12.30 2.53 -32.28
CA ILE E 70 -12.52 2.14 -30.89
C ILE E 70 -13.83 1.37 -30.83
N SER E 71 -13.86 0.32 -30.00
CA SER E 71 -15.04 -0.48 -29.83
C SER E 71 -14.97 -1.11 -28.47
N ARG E 72 -16.07 -1.74 -28.06
CA ARG E 72 -16.16 -2.35 -26.75
C ARG E 72 -17.12 -3.53 -26.80
N ASP E 73 -16.85 -4.50 -25.94
CA ASP E 73 -17.71 -5.65 -25.74
C ASP E 73 -18.20 -5.59 -24.29
N ASN E 74 -19.42 -5.10 -24.10
CA ASN E 74 -19.91 -4.91 -22.74
C ASN E 74 -20.17 -6.23 -22.03
N SER E 75 -20.41 -7.31 -22.77
CA SER E 75 -20.58 -8.62 -22.14
C SER E 75 -19.27 -9.24 -21.69
N LYS E 76 -18.14 -8.78 -22.21
CA LYS E 76 -16.82 -9.27 -21.83
C LYS E 76 -16.02 -8.26 -21.03
N ASN E 77 -16.57 -7.08 -20.75
CA ASN E 77 -15.87 -6.02 -20.01
C ASN E 77 -14.55 -5.63 -20.68
N THR E 78 -14.57 -5.54 -22.01
CA THR E 78 -13.36 -5.26 -22.78
C THR E 78 -13.55 -4.05 -23.68
N LEU E 79 -12.50 -3.23 -23.78
CA LEU E 79 -12.40 -2.11 -24.70
C LEU E 79 -11.35 -2.45 -25.76
N TYR E 80 -11.55 -1.98 -26.99
CA TYR E 80 -10.63 -2.31 -28.08
C TYR E 80 -10.20 -1.05 -28.82
N LEU E 81 -9.01 -1.11 -29.41
CA LEU E 81 -8.57 -0.13 -30.39
C LEU E 81 -7.94 -0.90 -31.54
N GLN E 82 -8.63 -0.93 -32.68
CA GLN E 82 -8.09 -1.51 -33.92
C GLN E 82 -7.44 -0.40 -34.74
N MET E 83 -6.15 -0.57 -35.03
CA MET E 83 -5.40 0.37 -35.86
C MET E 83 -5.07 -0.29 -37.19
N ASN E 84 -5.12 0.50 -38.26
CA ASN E 84 -4.55 0.11 -39.55
C ASN E 84 -3.83 1.32 -40.12
N SER E 85 -3.09 1.09 -41.21
CA SER E 85 -2.29 2.16 -41.83
C SER E 85 -1.42 2.86 -40.80
N LEU E 86 -0.78 2.08 -39.94
CA LEU E 86 0.01 2.64 -38.86
C LEU E 86 1.21 3.44 -39.38
N ARG E 87 1.61 4.46 -38.61
CA ARG E 87 2.72 5.33 -38.97
C ARG E 87 3.76 5.33 -37.87
N ALA E 88 4.99 5.75 -38.22
CA ALA E 88 6.04 5.82 -37.20
C ALA E 88 5.59 6.65 -36.01
N GLU E 89 4.95 7.79 -36.28
CA GLU E 89 4.50 8.72 -35.25
C GLU E 89 3.35 8.19 -34.40
N ASP E 90 2.80 7.02 -34.70
CA ASP E 90 1.86 6.34 -33.82
C ASP E 90 2.57 5.58 -32.72
N THR E 91 3.91 5.54 -32.75
CA THR E 91 4.68 4.84 -31.73
C THR E 91 4.49 5.52 -30.38
N ALA E 92 4.03 4.76 -29.39
CA ALA E 92 3.69 5.32 -28.08
C ALA E 92 3.31 4.18 -27.15
N VAL E 93 3.29 4.46 -25.85
CA VAL E 93 2.60 3.62 -24.89
C VAL E 93 1.14 4.02 -24.92
N TYR E 94 0.26 3.03 -25.06
CA TYR E 94 -1.17 3.26 -25.16
C TYR E 94 -1.84 2.87 -23.84
N TYR E 95 -2.67 3.78 -23.31
CA TYR E 95 -3.36 3.58 -22.03
C TYR E 95 -4.86 3.54 -22.26
N CYS E 96 -5.55 2.63 -21.56
CA CYS E 96 -7.00 2.75 -21.45
C CYS E 96 -7.32 3.48 -20.14
N ALA E 97 -8.36 4.30 -20.18
CA ALA E 97 -8.65 5.16 -19.05
C ALA E 97 -10.17 5.25 -18.88
N ARG E 98 -10.61 5.26 -17.63
CA ARG E 98 -12.02 5.37 -17.30
C ARG E 98 -12.37 6.83 -17.08
N SER E 99 -13.49 7.27 -17.66
CA SER E 99 -13.97 8.61 -17.43
C SER E 99 -14.50 8.75 -16.01
N TYR E 100 -14.16 9.84 -15.36
CA TYR E 100 -14.52 10.02 -13.95
C TYR E 100 -16.04 9.97 -13.75
N PRO E 101 -16.53 9.22 -12.76
CA PRO E 101 -17.98 9.06 -12.61
C PRO E 101 -18.69 10.41 -12.50
N HIS E 102 -19.81 10.52 -13.21
CA HIS E 102 -20.70 11.68 -13.24
C HIS E 102 -20.06 12.93 -13.84
N LYS E 103 -18.98 12.77 -14.60
CA LYS E 103 -18.33 13.85 -15.33
C LYS E 103 -18.66 13.70 -16.82
N ARG E 104 -18.59 14.82 -17.55
CA ARG E 104 -18.82 14.87 -19.00
C ARG E 104 -18.02 13.78 -19.72
N TRP E 105 -18.71 12.81 -20.32
CA TRP E 105 -18.03 11.73 -21.03
C TRP E 105 -17.11 12.23 -22.13
N LEU E 106 -17.44 13.35 -22.78
CA LEU E 106 -16.60 13.82 -23.89
C LEU E 106 -15.30 14.45 -23.41
N ARG E 107 -15.27 14.99 -22.20
CA ARG E 107 -14.09 15.68 -21.69
C ARG E 107 -14.03 15.55 -20.18
N PRO E 108 -13.55 14.41 -19.67
CA PRO E 108 -13.54 14.19 -18.24
C PRO E 108 -12.12 14.12 -17.71
N PRO E 109 -11.94 14.14 -16.40
CA PRO E 109 -10.71 13.59 -15.82
C PRO E 109 -10.81 12.08 -15.84
N PHE E 110 -9.70 11.41 -15.57
CA PHE E 110 -9.64 9.95 -15.66
C PHE E 110 -9.25 9.36 -14.31
N ASP E 111 -10.15 8.60 -13.68
CA ASP E 111 -9.81 8.20 -12.32
C ASP E 111 -9.10 6.86 -12.25
N TYR E 112 -9.12 6.05 -13.33
CA TYR E 112 -8.36 4.82 -13.37
C TYR E 112 -7.73 4.66 -14.74
N TRP E 113 -6.51 4.14 -14.74
CA TRP E 113 -5.71 3.87 -15.91
C TRP E 113 -5.15 2.46 -15.80
N GLY E 114 -4.81 1.88 -16.95
CA GLY E 114 -4.02 0.67 -16.98
C GLY E 114 -2.54 1.00 -16.96
N GLN E 115 -1.73 -0.07 -16.89
CA GLN E 115 -0.28 0.12 -16.93
C GLN E 115 0.23 0.44 -18.33
N GLY E 116 -0.57 0.18 -19.36
CA GLY E 116 -0.21 0.55 -20.71
C GLY E 116 0.41 -0.59 -21.49
N THR E 117 0.38 -0.46 -22.81
CA THR E 117 0.99 -1.43 -23.70
C THR E 117 1.73 -0.67 -24.79
N LEU E 118 2.94 -1.13 -25.14
CA LEU E 118 3.84 -0.41 -26.02
C LEU E 118 3.63 -0.78 -27.49
N VAL E 119 3.43 0.24 -28.32
CA VAL E 119 3.28 0.07 -29.77
C VAL E 119 4.49 0.72 -30.41
N THR E 120 5.22 -0.03 -31.22
CA THR E 120 6.41 0.46 -31.91
C THR E 120 6.18 0.25 -33.40
N VAL E 121 6.22 1.33 -34.18
CA VAL E 121 6.03 1.28 -35.61
C VAL E 121 7.35 1.68 -36.27
N SER E 122 7.92 0.77 -37.04
CA SER E 122 9.22 1.02 -37.66
C SER E 122 9.36 0.16 -38.89
N SER E 123 9.95 0.72 -39.94
CA SER E 123 10.28 -0.02 -41.16
C SER E 123 11.49 -0.92 -40.98
N ALA E 124 12.18 -0.82 -39.85
CA ALA E 124 13.33 -1.69 -39.60
C ALA E 124 12.87 -3.14 -39.44
N SER E 125 13.82 -4.05 -39.66
CA SER E 125 13.59 -5.48 -39.49
C SER E 125 14.50 -6.05 -38.40
N THR E 126 14.07 -7.18 -37.85
CA THR E 126 14.80 -7.88 -36.79
C THR E 126 16.27 -8.09 -37.17
N LYS E 127 17.16 -7.75 -36.25
CA LYS E 127 18.60 -7.92 -36.46
C LYS E 127 19.26 -7.97 -35.08
N GLY E 128 20.10 -8.96 -34.86
CA GLY E 128 20.82 -9.10 -33.61
C GLY E 128 22.00 -8.16 -33.55
N PRO E 129 22.47 -7.81 -32.35
CA PRO E 129 23.55 -6.84 -32.21
C PRO E 129 24.90 -7.47 -32.45
N SER E 130 25.86 -6.63 -32.79
CA SER E 130 27.28 -6.95 -32.67
C SER E 130 27.74 -6.41 -31.33
N VAL E 131 28.52 -7.19 -30.61
CA VAL E 131 28.97 -6.80 -29.28
C VAL E 131 30.44 -6.49 -29.37
N PHE E 132 30.82 -5.26 -29.02
CA PHE E 132 32.22 -4.89 -29.10
C PHE E 132 32.72 -4.50 -27.72
N PRO E 133 33.97 -4.85 -27.39
CA PRO E 133 34.50 -4.49 -26.08
C PRO E 133 34.82 -3.01 -25.99
N LEU E 134 34.64 -2.47 -24.80
CA LEU E 134 35.14 -1.15 -24.41
C LEU E 134 36.30 -1.39 -23.45
N ALA E 135 37.54 -1.37 -23.98
CA ALA E 135 38.70 -1.81 -23.22
C ALA E 135 39.15 -0.73 -22.24
N PRO E 136 39.59 -1.11 -21.06
CA PRO E 136 40.15 -0.13 -20.11
C PRO E 136 41.55 0.31 -20.47
N SER E 137 41.85 1.55 -20.10
CA SER E 137 43.10 2.20 -20.48
C SER E 137 44.33 1.56 -19.85
N SER E 138 45.45 1.76 -20.56
CA SER E 138 46.80 1.67 -20.03
C SER E 138 46.92 2.44 -18.72
N LYS E 139 46.28 3.61 -18.65
CA LYS E 139 46.34 4.44 -17.45
C LYS E 139 45.49 3.87 -16.31
N GLY E 143 46.72 3.35 -9.92
CA GLY E 143 45.54 3.44 -10.77
C GLY E 143 44.26 3.59 -9.98
N GLY E 144 43.89 2.55 -9.24
CA GLY E 144 42.74 2.57 -8.35
C GLY E 144 41.44 2.10 -8.97
N THR E 145 40.75 2.97 -9.71
CA THR E 145 39.51 2.60 -10.38
C THR E 145 39.68 2.68 -11.90
N ALA E 146 39.24 1.64 -12.59
CA ALA E 146 39.27 1.57 -14.04
C ALA E 146 37.87 1.26 -14.55
N ALA E 147 37.53 1.79 -15.72
CA ALA E 147 36.25 1.50 -16.33
C ALA E 147 36.43 0.66 -17.59
N LEU E 148 35.50 -0.25 -17.81
CA LEU E 148 35.44 -1.06 -19.01
C LEU E 148 33.98 -1.38 -19.27
N GLY E 149 33.72 -1.93 -20.44
CA GLY E 149 32.35 -2.26 -20.78
C GLY E 149 32.27 -2.88 -22.15
N CYS E 150 31.05 -3.05 -22.63
CA CYS E 150 30.86 -3.54 -24.00
C CYS E 150 29.78 -2.70 -24.68
N LEU E 151 29.99 -2.50 -25.97
CA LEU E 151 29.09 -1.77 -26.84
C LEU E 151 28.24 -2.77 -27.62
N VAL E 152 26.92 -2.61 -27.51
CA VAL E 152 25.93 -3.50 -28.11
C VAL E 152 25.29 -2.74 -29.25
N LYS E 153 25.77 -2.96 -30.47
CA LYS E 153 25.45 -2.08 -31.60
C LYS E 153 24.58 -2.76 -32.65
N ASP E 154 23.68 -1.98 -33.22
CA ASP E 154 22.98 -2.32 -34.46
C ASP E 154 22.06 -3.54 -34.27
N TYR E 155 21.03 -3.32 -33.44
CA TYR E 155 20.03 -4.35 -33.23
C TYR E 155 18.63 -3.74 -33.31
N PHE E 156 17.64 -4.61 -33.55
CA PHE E 156 16.24 -4.21 -33.63
C PHE E 156 15.38 -5.47 -33.48
N PRO E 157 14.28 -5.40 -32.75
CA PRO E 157 13.81 -4.27 -31.95
C PRO E 157 14.38 -4.31 -30.54
N GLU E 158 13.95 -3.39 -29.69
CA GLU E 158 14.18 -3.53 -28.25
C GLU E 158 13.44 -4.77 -27.75
N PRO E 159 13.90 -5.37 -26.64
CA PRO E 159 15.03 -5.01 -25.78
C PRO E 159 16.23 -5.95 -25.88
N VAL E 160 17.36 -5.52 -25.33
CA VAL E 160 18.49 -6.40 -25.05
C VAL E 160 18.63 -6.49 -23.54
N THR E 161 19.17 -7.61 -23.06
CA THR E 161 19.58 -7.72 -21.66
C THR E 161 21.08 -7.91 -21.60
N VAL E 162 21.72 -7.25 -20.63
CA VAL E 162 23.15 -7.36 -20.39
C VAL E 162 23.38 -7.72 -18.94
N SER E 163 24.18 -8.76 -18.70
CA SER E 163 24.70 -9.06 -17.38
C SER E 163 26.21 -9.05 -17.45
N TRP E 164 26.86 -9.12 -16.29
CA TRP E 164 28.31 -9.18 -16.23
C TRP E 164 28.72 -10.41 -15.43
N ASN E 165 29.55 -11.25 -16.05
CA ASN E 165 30.06 -12.46 -15.41
C ASN E 165 28.92 -13.30 -14.83
N SER E 166 27.91 -13.52 -15.67
CA SER E 166 26.75 -14.36 -15.33
C SER E 166 26.01 -13.86 -14.10
N GLY E 167 26.01 -12.55 -13.89
CA GLY E 167 25.34 -11.93 -12.77
C GLY E 167 26.15 -11.89 -11.50
N ALA E 168 27.37 -12.42 -11.52
CA ALA E 168 28.22 -12.37 -10.33
C ALA E 168 28.72 -10.95 -10.08
N LEU E 169 28.88 -10.15 -11.13
CA LEU E 169 29.36 -8.79 -11.03
C LEU E 169 28.15 -7.86 -11.16
N THR E 170 27.78 -7.21 -10.08
CA THR E 170 26.66 -6.29 -10.06
C THR E 170 27.05 -4.88 -9.66
N SER E 171 28.02 -4.73 -8.77
CA SER E 171 28.30 -3.44 -8.16
C SER E 171 29.02 -2.54 -9.16
N GLY E 172 28.56 -1.29 -9.28
CA GLY E 172 29.14 -0.33 -10.18
C GLY E 172 28.77 -0.49 -11.65
N VAL E 173 27.81 -1.35 -11.97
CA VAL E 173 27.42 -1.58 -13.37
C VAL E 173 26.39 -0.53 -13.77
N HIS E 174 26.58 0.06 -14.96
CA HIS E 174 25.60 0.95 -15.57
C HIS E 174 25.31 0.46 -16.97
N THR E 175 24.07 0.03 -17.20
CA THR E 175 23.62 -0.32 -18.54
C THR E 175 22.71 0.79 -19.03
N PHE E 176 23.14 1.47 -20.10
CA PHE E 176 22.48 2.70 -20.50
C PHE E 176 21.23 2.43 -21.34
N PRO E 177 20.25 3.34 -21.29
CA PRO E 177 19.14 3.25 -22.24
C PRO E 177 19.67 3.23 -23.67
N ALA E 178 19.03 2.44 -24.51
CA ALA E 178 19.42 2.38 -25.91
C ALA E 178 19.12 3.70 -26.59
N VAL E 179 19.92 4.03 -27.61
CA VAL E 179 19.60 5.16 -28.47
C VAL E 179 19.28 4.61 -29.85
N LEU E 180 18.36 5.29 -30.53
CA LEU E 180 17.90 4.90 -31.85
C LEU E 180 18.70 5.69 -32.87
N GLN E 181 19.45 4.99 -33.70
CA GLN E 181 20.35 5.59 -34.66
C GLN E 181 19.64 5.96 -35.94
N SER E 182 20.34 6.72 -36.77
CA SER E 182 19.92 7.06 -38.12
C SER E 182 19.34 5.86 -38.87
N SER E 183 20.00 4.71 -38.74
CA SER E 183 19.61 3.52 -39.49
C SER E 183 18.26 2.94 -39.08
N GLY E 184 17.71 3.38 -37.95
CA GLY E 184 16.57 2.70 -37.38
C GLY E 184 16.96 1.57 -36.47
N LEU E 185 18.27 1.33 -36.30
CA LEU E 185 18.77 0.31 -35.40
C LEU E 185 19.20 0.96 -34.10
N TYR E 186 19.09 0.19 -33.02
CA TYR E 186 19.46 0.65 -31.70
C TYR E 186 20.92 0.34 -31.41
N SER E 187 21.49 1.08 -30.46
CA SER E 187 22.81 0.80 -29.94
C SER E 187 22.82 1.15 -28.46
N LEU E 188 23.47 0.32 -27.67
CA LEU E 188 23.50 0.48 -26.22
C LEU E 188 24.90 0.17 -25.72
N SER E 189 25.27 0.82 -24.63
CA SER E 189 26.51 0.52 -23.94
C SER E 189 26.23 0.10 -22.50
N SER E 190 27.07 -0.80 -21.99
CA SER E 190 27.04 -1.22 -20.59
C SER E 190 28.45 -1.13 -20.04
N VAL E 191 28.62 -0.41 -18.93
CA VAL E 191 29.94 -0.16 -18.38
C VAL E 191 29.94 -0.60 -16.91
N VAL E 192 31.14 -0.78 -16.37
CA VAL E 192 31.33 -1.09 -14.96
C VAL E 192 32.71 -0.58 -14.56
N THR E 193 32.82 -0.04 -13.34
CA THR E 193 34.10 0.39 -12.79
C THR E 193 34.65 -0.69 -11.88
N VAL E 194 35.94 -0.97 -12.03
CA VAL E 194 36.62 -2.04 -11.31
C VAL E 194 38.01 -1.57 -10.89
N PRO E 195 38.60 -2.24 -9.89
CA PRO E 195 39.96 -1.90 -9.46
C PRO E 195 40.96 -2.25 -10.55
N SER E 196 41.77 -1.28 -10.89
CA SER E 196 42.76 -1.56 -11.89
C SER E 196 43.86 -2.51 -11.40
N SER E 197 43.85 -2.95 -10.13
CA SER E 197 44.70 -4.10 -9.83
C SER E 197 44.09 -5.42 -10.35
N SER E 198 42.78 -5.47 -10.67
CA SER E 198 42.16 -6.71 -11.13
C SER E 198 42.34 -6.96 -12.63
N LEU E 199 42.83 -5.99 -13.39
CA LEU E 199 42.87 -6.12 -14.84
C LEU E 199 43.99 -7.05 -15.28
N GLY E 200 43.70 -7.88 -16.29
CA GLY E 200 44.63 -8.91 -16.70
C GLY E 200 44.71 -10.10 -15.77
N THR E 201 43.99 -10.08 -14.64
CA THR E 201 43.85 -11.25 -13.78
C THR E 201 42.39 -11.62 -13.57
N GLN E 202 41.54 -10.69 -13.11
CA GLN E 202 40.12 -10.99 -13.08
C GLN E 202 39.57 -10.93 -14.51
N THR E 203 38.76 -11.90 -14.86
CA THR E 203 38.13 -11.92 -16.18
C THR E 203 36.79 -11.22 -16.16
N TYR E 204 36.53 -10.45 -17.21
CA TYR E 204 35.29 -9.68 -17.35
C TYR E 204 34.62 -10.07 -18.65
N ILE E 205 33.40 -10.60 -18.56
CA ILE E 205 32.62 -11.05 -19.70
C ILE E 205 31.23 -10.42 -19.57
N CYS E 206 30.86 -9.57 -20.52
CA CYS E 206 29.46 -9.17 -20.65
C CYS E 206 28.63 -10.23 -21.36
N ASN E 207 27.55 -10.66 -20.72
CA ASN E 207 26.58 -11.58 -21.31
C ASN E 207 25.45 -10.77 -21.95
N VAL E 208 25.32 -10.84 -23.28
CA VAL E 208 24.33 -10.10 -24.04
C VAL E 208 23.33 -11.07 -24.65
N ASN E 209 22.04 -10.74 -24.54
CA ASN E 209 20.97 -11.58 -25.07
C ASN E 209 19.94 -10.72 -25.77
N HIS E 210 19.66 -11.05 -27.04
CA HIS E 210 18.66 -10.37 -27.86
C HIS E 210 17.68 -11.44 -28.35
N LYS E 211 16.60 -11.59 -27.62
CA LYS E 211 15.62 -12.65 -27.81
C LYS E 211 14.88 -12.57 -29.15
N PRO E 212 14.51 -11.37 -29.64
CA PRO E 212 13.83 -11.32 -30.95
C PRO E 212 14.62 -11.93 -32.09
N SER E 213 15.95 -11.88 -32.04
CA SER E 213 16.79 -12.45 -33.08
C SER E 213 17.45 -13.75 -32.65
N ASN E 214 17.17 -14.25 -31.45
CA ASN E 214 17.76 -15.48 -30.93
C ASN E 214 19.28 -15.40 -30.87
N THR E 215 19.80 -14.24 -30.43
CA THR E 215 21.23 -13.98 -30.32
C THR E 215 21.64 -13.98 -28.85
N LYS E 216 22.64 -14.81 -28.54
CA LYS E 216 23.26 -14.89 -27.22
C LYS E 216 24.75 -14.73 -27.43
N VAL E 217 25.36 -13.74 -26.78
CA VAL E 217 26.79 -13.44 -26.96
C VAL E 217 27.43 -13.25 -25.59
N ASP E 218 28.56 -13.93 -25.36
CA ASP E 218 29.40 -13.70 -24.19
C ASP E 218 30.75 -13.18 -24.69
N LYS E 219 31.04 -11.91 -24.43
CA LYS E 219 32.29 -11.33 -24.92
C LYS E 219 33.23 -11.01 -23.77
N LYS E 220 34.49 -11.41 -23.91
CA LYS E 220 35.50 -11.11 -22.90
C LYS E 220 36.04 -9.73 -23.15
N VAL E 221 36.17 -8.94 -22.08
CA VAL E 221 36.67 -7.57 -22.15
C VAL E 221 38.01 -7.55 -21.43
N GLU E 222 39.07 -7.30 -22.19
CA GLU E 222 40.45 -7.38 -21.71
C GLU E 222 41.22 -6.16 -22.21
N PRO E 223 42.26 -5.73 -21.47
CA PRO E 223 43.13 -4.67 -22.00
C PRO E 223 43.67 -5.02 -23.39
N ASP F 1 -7.08 23.30 -30.24
CA ASP F 1 -7.02 22.64 -28.94
C ASP F 1 -6.40 23.57 -27.90
N ILE F 2 -6.83 23.45 -26.64
CA ILE F 2 -6.20 24.23 -25.58
C ILE F 2 -4.82 23.68 -25.29
N GLN F 3 -3.82 24.55 -25.29
CA GLN F 3 -2.45 24.17 -25.00
C GLN F 3 -2.16 24.33 -23.52
N MET F 4 -1.60 23.28 -22.91
CA MET F 4 -1.23 23.28 -21.52
C MET F 4 0.29 23.31 -21.45
N THR F 5 0.83 24.30 -20.74
CA THR F 5 2.28 24.50 -20.61
C THR F 5 2.66 24.30 -19.15
N GLN F 6 3.44 23.25 -18.91
CA GLN F 6 3.85 22.88 -17.56
C GLN F 6 5.27 23.36 -17.33
N SER F 7 5.55 23.80 -16.11
CA SER F 7 6.87 24.28 -15.74
C SER F 7 7.11 24.02 -14.26
N PRO F 8 8.36 23.69 -13.86
CA PRO F 8 9.45 23.44 -14.81
C PRO F 8 9.36 22.04 -15.39
N SER F 9 10.21 21.72 -16.38
CA SER F 9 10.23 20.36 -16.89
C SER F 9 10.86 19.41 -15.89
N THR F 10 11.75 19.93 -15.05
CA THR F 10 12.41 19.10 -14.05
C THR F 10 12.69 19.92 -12.81
N LEU F 11 12.79 19.24 -11.67
CA LEU F 11 13.13 19.87 -10.41
C LEU F 11 13.64 18.78 -9.48
N SER F 12 14.55 19.17 -8.60
CA SER F 12 15.11 18.28 -7.58
C SER F 12 14.67 18.75 -6.21
N ALA F 13 14.48 17.78 -5.31
CA ALA F 13 13.97 18.12 -3.98
C ALA F 13 14.43 17.07 -2.98
N SER F 14 14.45 17.45 -1.71
CA SER F 14 14.73 16.53 -0.62
C SER F 14 13.46 16.20 0.13
N VAL F 15 13.51 15.08 0.84
CA VAL F 15 12.40 14.68 1.69
C VAL F 15 12.15 15.78 2.71
N GLY F 16 10.89 16.22 2.82
CA GLY F 16 10.50 17.30 3.70
C GLY F 16 10.35 18.65 3.02
N ASP F 17 10.80 18.79 1.78
CA ASP F 17 10.69 20.05 1.06
C ASP F 17 9.25 20.32 0.63
N ARG F 18 9.01 21.59 0.31
CA ARG F 18 7.77 22.04 -0.31
C ARG F 18 8.04 22.26 -1.79
N VAL F 19 7.28 21.58 -2.64
CA VAL F 19 7.54 21.51 -4.07
C VAL F 19 6.32 22.07 -4.80
N THR F 20 6.55 22.95 -5.77
CA THR F 20 5.48 23.58 -6.52
C THR F 20 5.66 23.34 -8.02
N ILE F 21 4.61 22.85 -8.67
CA ILE F 21 4.60 22.63 -10.11
C ILE F 21 3.48 23.46 -10.71
N THR F 22 3.76 24.15 -11.81
CA THR F 22 2.83 25.06 -12.43
C THR F 22 2.40 24.57 -13.81
N CYS F 23 1.16 24.87 -14.14
CA CYS F 23 0.58 24.55 -15.43
C CYS F 23 -0.23 25.77 -15.85
N ARG F 24 0.02 26.27 -17.05
CA ARG F 24 -0.74 27.40 -17.59
C ARG F 24 -1.47 26.99 -18.86
N ALA F 25 -2.68 27.54 -19.03
CA ALA F 25 -3.58 27.19 -20.13
C ALA F 25 -3.62 28.34 -21.12
N SER F 26 -3.63 28.00 -22.41
CA SER F 26 -3.63 29.04 -23.44
C SER F 26 -4.88 29.88 -23.41
N GLN F 27 -5.97 29.36 -22.85
CA GLN F 27 -7.19 30.11 -22.64
C GLN F 27 -7.87 29.55 -21.39
N SER F 28 -8.84 30.29 -20.86
CA SER F 28 -9.45 29.90 -19.59
C SER F 28 -10.04 28.50 -19.64
N ILE F 29 -9.74 27.70 -18.63
CA ILE F 29 -10.36 26.40 -18.46
C ILE F 29 -11.20 26.33 -17.18
N SER F 30 -11.63 27.49 -16.69
CA SER F 30 -12.28 27.59 -15.38
C SER F 30 -11.54 26.76 -14.35
N SER F 31 -12.21 25.79 -13.72
CA SER F 31 -11.54 24.92 -12.75
C SER F 31 -11.45 23.48 -13.24
N TRP F 32 -11.60 23.25 -14.55
CA TRP F 32 -11.62 21.89 -15.08
C TRP F 32 -10.21 21.45 -15.42
N LEU F 33 -9.48 21.09 -14.37
CA LEU F 33 -8.08 20.70 -14.46
C LEU F 33 -7.82 19.56 -13.50
N ALA F 34 -7.08 18.56 -13.96
CA ALA F 34 -6.67 17.44 -13.12
C ALA F 34 -5.16 17.34 -13.10
N TRP F 35 -4.63 16.70 -12.05
CA TRP F 35 -3.21 16.43 -11.89
C TRP F 35 -3.00 14.93 -11.70
N TYR F 36 -2.00 14.37 -12.38
CA TYR F 36 -1.71 12.95 -12.31
C TYR F 36 -0.27 12.71 -11.86
N GLN F 37 -0.05 11.57 -11.23
CA GLN F 37 1.27 11.09 -10.86
C GLN F 37 1.63 9.93 -11.77
N GLN F 38 2.84 9.98 -12.33
CA GLN F 38 3.33 8.95 -13.24
C GLN F 38 4.67 8.40 -12.73
N LYS F 39 4.76 7.09 -12.58
CA LYS F 39 6.02 6.41 -12.31
C LYS F 39 6.31 5.40 -13.42
N PRO F 40 7.58 5.10 -13.69
CA PRO F 40 7.88 4.19 -14.82
C PRO F 40 7.24 2.82 -14.63
N GLY F 41 6.57 2.35 -15.68
CA GLY F 41 5.94 1.05 -15.71
C GLY F 41 4.67 0.89 -14.88
N LYS F 42 4.14 1.97 -14.31
CA LYS F 42 2.95 1.82 -13.49
C LYS F 42 1.82 2.64 -14.10
N ALA F 43 0.63 2.43 -13.57
CA ALA F 43 -0.49 3.16 -14.15
C ALA F 43 -0.48 4.59 -13.65
N PRO F 44 -0.77 5.57 -14.51
CA PRO F 44 -0.94 6.93 -14.03
C PRO F 44 -1.99 6.96 -12.92
N LYS F 45 -1.82 7.88 -11.99
CA LYS F 45 -2.67 7.94 -10.82
C LYS F 45 -3.27 9.32 -10.71
N LEU F 46 -4.60 9.40 -10.61
CA LEU F 46 -5.25 10.68 -10.44
C LEU F 46 -5.03 11.16 -9.02
N LEU F 47 -4.48 12.36 -8.85
CA LEU F 47 -4.31 12.97 -7.55
C LEU F 47 -5.40 13.98 -7.26
N ILE F 48 -5.64 14.88 -8.19
CA ILE F 48 -6.51 16.02 -7.96
C ILE F 48 -7.35 16.26 -9.20
N TYR F 49 -8.63 16.57 -9.00
CA TYR F 49 -9.49 16.96 -10.10
C TYR F 49 -10.24 18.23 -9.73
N ASP F 50 -10.86 18.85 -10.72
CA ASP F 50 -11.55 20.13 -10.55
C ASP F 50 -10.63 21.15 -9.87
N ALA F 51 -9.34 21.12 -10.23
CA ALA F 51 -8.31 22.05 -9.76
C ALA F 51 -7.84 21.81 -8.33
N SER F 52 -8.77 21.57 -7.40
CA SER F 52 -8.43 21.54 -5.98
C SER F 52 -8.90 20.32 -5.22
N SER F 53 -9.78 19.50 -5.79
CA SER F 53 -10.32 18.39 -5.03
C SER F 53 -9.36 17.22 -5.06
N LEU F 54 -9.03 16.69 -3.89
CA LEU F 54 -8.19 15.52 -3.81
C LEU F 54 -9.04 14.28 -4.04
N GLU F 55 -8.50 13.35 -4.85
CA GLU F 55 -9.15 12.08 -5.03
C GLU F 55 -9.15 11.31 -3.71
N SER F 56 -10.12 10.43 -3.55
CA SER F 56 -10.26 9.69 -2.31
C SER F 56 -8.98 8.93 -1.99
N GLY F 57 -8.53 9.03 -0.74
CA GLY F 57 -7.33 8.35 -0.29
C GLY F 57 -6.01 8.98 -0.69
N VAL F 58 -6.02 10.08 -1.43
CA VAL F 58 -4.77 10.77 -1.77
C VAL F 58 -4.24 11.48 -0.54
N PRO F 59 -2.95 11.38 -0.22
CA PRO F 59 -2.43 12.02 1.00
C PRO F 59 -2.64 13.53 0.98
N SER F 60 -2.92 14.10 2.16
CA SER F 60 -3.22 15.53 2.22
C SER F 60 -1.99 16.41 2.10
N ARG F 61 -0.81 15.83 1.92
CA ARG F 61 0.32 16.69 1.59
C ARG F 61 0.26 17.19 0.16
N PHE F 62 -0.63 16.66 -0.68
CA PHE F 62 -0.88 17.18 -2.02
C PHE F 62 -1.96 18.24 -1.96
N SER F 63 -1.76 19.34 -2.69
CA SER F 63 -2.78 20.37 -2.84
C SER F 63 -2.79 20.94 -4.24
N GLY F 64 -3.97 21.37 -4.69
CA GLY F 64 -4.08 22.04 -5.98
C GLY F 64 -4.82 23.34 -5.83
N SER F 65 -4.38 24.34 -6.59
CA SER F 65 -5.02 25.65 -6.54
C SER F 65 -4.99 26.25 -7.93
N GLY F 66 -5.75 27.33 -8.07
CA GLY F 66 -5.81 28.09 -9.30
C GLY F 66 -7.17 27.96 -9.96
N SER F 67 -7.46 28.93 -10.83
CA SER F 67 -8.69 28.92 -11.60
C SER F 67 -8.47 29.82 -12.80
N GLY F 68 -9.12 29.49 -13.91
CA GLY F 68 -8.88 30.27 -15.11
C GLY F 68 -7.74 29.73 -15.94
N THR F 69 -6.55 30.32 -15.84
CA THR F 69 -5.44 29.90 -16.70
C THR F 69 -4.17 29.47 -15.97
N GLU F 70 -4.03 29.71 -14.67
CA GLU F 70 -2.79 29.35 -14.00
C GLU F 70 -3.12 28.44 -12.82
N PHE F 71 -2.39 27.33 -12.72
CA PHE F 71 -2.74 26.24 -11.81
C PHE F 71 -1.46 25.77 -11.13
N THR F 72 -1.60 25.30 -9.90
CA THR F 72 -0.46 24.94 -9.09
C THR F 72 -0.71 23.61 -8.41
N LEU F 73 0.26 22.71 -8.51
CA LEU F 73 0.28 21.50 -7.70
C LEU F 73 1.36 21.69 -6.66
N THR F 74 0.99 21.59 -5.39
CA THR F 74 1.97 21.76 -4.31
C THR F 74 2.03 20.48 -3.51
N ILE F 75 3.24 19.98 -3.33
CA ILE F 75 3.52 18.88 -2.43
C ILE F 75 4.21 19.52 -1.24
N SER F 76 3.55 19.52 -0.10
CA SER F 76 4.00 20.40 0.98
C SER F 76 5.13 19.82 1.82
N SER F 77 5.21 18.51 1.96
CA SER F 77 6.28 17.88 2.73
C SER F 77 6.69 16.60 1.99
N LEU F 78 7.43 16.76 0.90
CA LEU F 78 7.74 15.65 -0.01
C LEU F 78 8.23 14.41 0.73
N GLN F 79 7.66 13.26 0.37
CA GLN F 79 8.01 11.96 0.93
C GLN F 79 8.68 11.09 -0.14
N PRO F 80 9.40 10.03 0.26
CA PRO F 80 10.07 9.19 -0.75
C PRO F 80 9.14 8.63 -1.82
N ASP F 81 7.87 8.37 -1.50
CA ASP F 81 6.92 7.89 -2.49
C ASP F 81 6.61 8.94 -3.56
N ASP F 82 6.97 10.19 -3.32
CA ASP F 82 6.58 11.28 -4.22
C ASP F 82 7.59 11.56 -5.32
N PHE F 83 8.76 10.91 -5.33
CA PHE F 83 9.68 11.10 -6.44
C PHE F 83 9.11 10.38 -7.66
N ALA F 84 8.75 11.15 -8.68
CA ALA F 84 7.92 10.69 -9.78
C ALA F 84 7.80 11.83 -10.78
N SER F 85 7.02 11.63 -11.83
CA SER F 85 6.58 12.67 -12.75
C SER F 85 5.13 13.04 -12.47
N TYR F 86 4.75 14.26 -12.86
CA TYR F 86 3.42 14.81 -12.62
C TYR F 86 3.01 15.58 -13.86
N CYS F 87 1.74 15.43 -14.28
CA CYS F 87 1.24 16.16 -15.45
C CYS F 87 -0.17 16.68 -15.16
N CYS F 88 -0.48 17.88 -15.66
CA CYS F 88 -1.84 18.42 -15.68
C CYS F 88 -2.61 17.99 -16.92
N GLN F 89 -3.95 18.05 -16.81
CA GLN F 89 -4.87 17.81 -17.91
C GLN F 89 -6.06 18.77 -17.81
N GLN F 90 -6.39 19.47 -18.89
CA GLN F 90 -7.63 20.26 -18.90
C GLN F 90 -8.79 19.44 -19.47
N TYR F 91 -9.97 19.62 -18.91
CA TYR F 91 -11.17 19.05 -19.52
C TYR F 91 -12.27 20.08 -19.61
N ASN F 92 -11.87 21.35 -19.78
CA ASN F 92 -12.82 22.39 -20.10
C ASN F 92 -13.39 22.22 -21.51
N SER F 93 -12.53 21.87 -22.47
CA SER F 93 -12.94 21.82 -23.87
C SER F 93 -12.57 20.48 -24.47
N TYR F 94 -13.37 20.07 -25.47
CA TYR F 94 -13.60 18.67 -25.81
C TYR F 94 -12.31 17.86 -25.95
N PRO F 95 -11.45 18.11 -26.96
CA PRO F 95 -10.25 17.29 -26.99
C PRO F 95 -9.49 17.61 -25.72
N VAL F 96 -9.62 16.78 -24.68
CA VAL F 96 -8.83 16.99 -23.48
C VAL F 96 -7.37 16.98 -23.88
N THR F 97 -6.58 17.81 -23.19
CA THR F 97 -5.16 17.96 -23.49
C THR F 97 -4.38 17.99 -22.19
N PHE F 98 -3.10 17.61 -22.28
CA PHE F 98 -2.24 17.43 -21.13
C PHE F 98 -1.00 18.29 -21.23
N GLY F 99 -0.47 18.65 -20.07
CA GLY F 99 0.85 19.25 -20.02
C GLY F 99 1.92 18.22 -20.32
N GLN F 100 3.14 18.73 -20.53
CA GLN F 100 4.27 17.93 -20.97
C GLN F 100 4.93 17.14 -19.85
N GLY F 101 4.54 17.38 -18.61
CA GLY F 101 5.09 16.60 -17.51
C GLY F 101 6.19 17.35 -16.76
N THR F 102 6.34 17.02 -15.48
CA THR F 102 7.42 17.51 -14.63
C THR F 102 8.03 16.33 -13.87
N LYS F 103 9.34 16.12 -14.00
CA LYS F 103 10.00 15.05 -13.26
C LYS F 103 10.61 15.62 -11.98
N VAL F 104 10.37 14.93 -10.86
CA VAL F 104 10.89 15.32 -9.56
C VAL F 104 11.91 14.26 -9.16
N ASP F 105 13.20 14.64 -9.14
CA ASP F 105 14.27 13.75 -8.72
C ASP F 105 14.79 14.16 -7.33
N ILE F 106 15.64 13.30 -6.78
CA ILE F 106 16.14 13.42 -5.41
C ILE F 106 17.34 14.34 -5.39
N LYS F 107 17.31 15.34 -4.51
CA LYS F 107 18.45 16.23 -4.34
C LYS F 107 19.58 15.56 -3.53
N ARG F 108 20.82 15.91 -3.89
CA ARG F 108 22.01 15.53 -3.13
C ARG F 108 23.10 16.56 -3.40
N THR F 109 24.26 16.38 -2.78
CA THR F 109 25.35 17.33 -3.01
C THR F 109 25.87 17.16 -4.42
N VAL F 110 26.49 18.22 -4.92
CA VAL F 110 27.07 18.19 -6.26
C VAL F 110 28.18 17.15 -6.31
N ALA F 111 28.18 16.35 -7.38
CA ALA F 111 29.22 15.36 -7.61
C ALA F 111 29.68 15.46 -9.04
N ALA F 112 30.97 15.71 -9.24
CA ALA F 112 31.53 15.84 -10.57
C ALA F 112 31.62 14.47 -11.25
N PRO F 113 31.49 14.43 -12.58
CA PRO F 113 31.66 13.16 -13.28
C PRO F 113 33.12 12.72 -13.29
N SER F 114 33.33 11.42 -13.10
CA SER F 114 34.57 10.78 -13.49
C SER F 114 34.45 10.42 -14.96
N VAL F 115 35.45 10.81 -15.75
CA VAL F 115 35.36 10.74 -17.20
C VAL F 115 36.32 9.68 -17.72
N PHE F 116 35.84 8.88 -18.67
CA PHE F 116 36.60 7.83 -19.34
C PHE F 116 36.33 7.90 -20.83
N ILE F 117 37.37 7.67 -21.64
CA ILE F 117 37.24 7.60 -23.09
C ILE F 117 37.69 6.22 -23.57
N PHE F 118 36.97 5.69 -24.57
CA PHE F 118 37.25 4.37 -25.13
C PHE F 118 37.40 4.53 -26.64
N PRO F 119 38.51 4.10 -27.23
CA PRO F 119 38.61 4.06 -28.69
C PRO F 119 37.76 2.92 -29.25
N PRO F 120 37.49 2.93 -30.55
CA PRO F 120 36.81 1.77 -31.14
C PRO F 120 37.67 0.53 -31.00
N SER F 121 37.03 -0.60 -30.76
CA SER F 121 37.75 -1.87 -30.70
C SER F 121 38.27 -2.23 -32.08
N ASP F 122 39.34 -3.02 -32.10
CA ASP F 122 39.85 -3.45 -33.38
C ASP F 122 38.87 -4.37 -34.09
N GLU F 123 38.06 -5.11 -33.32
CA GLU F 123 37.03 -5.95 -33.91
C GLU F 123 35.95 -5.14 -34.60
N GLN F 124 35.62 -3.95 -34.08
CA GLN F 124 34.64 -3.13 -34.78
C GLN F 124 35.22 -2.49 -36.03
N LEU F 125 36.48 -2.05 -35.96
CA LEU F 125 37.13 -1.46 -37.11
C LEU F 125 37.03 -2.36 -38.34
N LYS F 126 36.86 -3.66 -38.13
CA LYS F 126 36.58 -4.59 -39.22
C LYS F 126 35.30 -4.21 -39.98
N SER F 127 34.21 -3.89 -39.24
CA SER F 127 32.93 -3.53 -39.85
C SER F 127 33.09 -2.56 -40.99
N GLY F 128 33.93 -1.56 -40.79
CA GLY F 128 33.98 -0.39 -41.62
C GLY F 128 33.52 0.85 -40.87
N THR F 129 33.27 0.73 -39.55
CA THR F 129 32.74 1.82 -38.72
C THR F 129 33.52 1.96 -37.42
N ALA F 130 33.65 3.20 -36.94
CA ALA F 130 34.35 3.51 -35.69
C ALA F 130 33.39 4.18 -34.73
N SER F 131 33.25 3.61 -33.54
CA SER F 131 32.48 4.20 -32.45
C SER F 131 33.43 4.55 -31.32
N VAL F 132 33.46 5.82 -30.94
CA VAL F 132 34.28 6.30 -29.83
C VAL F 132 33.34 6.63 -28.68
N VAL F 133 33.63 6.10 -27.50
CA VAL F 133 32.70 6.16 -26.37
C VAL F 133 33.34 6.98 -25.26
N CYS F 134 32.55 7.89 -24.70
CA CYS F 134 32.92 8.68 -23.54
C CYS F 134 31.91 8.43 -22.44
N LEU F 135 32.41 8.16 -21.25
CA LEU F 135 31.59 7.80 -20.11
C LEU F 135 31.78 8.86 -19.03
N LEU F 136 30.67 9.42 -18.56
CA LEU F 136 30.62 10.38 -17.47
C LEU F 136 29.96 9.65 -16.30
N ASN F 137 30.72 9.34 -15.26
CA ASN F 137 30.26 8.38 -14.27
C ASN F 137 29.92 9.06 -12.96
N ASN F 138 28.70 8.82 -12.47
CA ASN F 138 28.30 9.11 -11.10
C ASN F 138 28.40 10.60 -10.77
N PHE F 139 27.58 11.40 -11.47
CA PHE F 139 27.59 12.83 -11.26
C PHE F 139 26.22 13.34 -10.82
N TYR F 140 26.22 14.55 -10.27
CA TYR F 140 24.98 15.21 -9.90
C TYR F 140 25.24 16.71 -9.84
N PRO F 141 24.32 17.56 -10.35
CA PRO F 141 23.01 17.27 -10.93
C PRO F 141 23.08 16.69 -12.34
N ARG F 142 21.91 16.49 -12.96
CA ARG F 142 21.86 15.79 -14.25
C ARG F 142 22.50 16.60 -15.39
N GLU F 143 22.44 17.92 -15.31
CA GLU F 143 22.86 18.78 -16.41
C GLU F 143 24.35 18.63 -16.67
N ALA F 144 24.71 18.28 -17.90
CA ALA F 144 26.11 18.13 -18.27
C ALA F 144 26.21 18.31 -19.78
N LYS F 145 27.35 18.83 -20.23
CA LYS F 145 27.61 18.97 -21.66
C LYS F 145 28.84 18.17 -22.05
N VAL F 146 28.71 17.39 -23.12
CA VAL F 146 29.83 16.66 -23.72
C VAL F 146 30.10 17.27 -25.08
N GLN F 147 31.37 17.57 -25.35
CA GLN F 147 31.79 18.12 -26.63
C GLN F 147 32.91 17.26 -27.17
N TRP F 148 32.70 16.71 -28.36
CA TRP F 148 33.69 15.87 -29.02
C TRP F 148 34.61 16.73 -29.88
N LYS F 149 35.90 16.46 -29.80
CA LYS F 149 36.90 17.16 -30.60
C LYS F 149 37.80 16.13 -31.26
N VAL F 150 38.07 16.33 -32.56
CA VAL F 150 38.92 15.45 -33.34
C VAL F 150 40.08 16.28 -33.89
N ASP F 151 41.28 16.02 -33.37
CA ASP F 151 42.43 16.86 -33.67
C ASP F 151 42.06 18.33 -33.47
N ASN F 152 41.42 18.60 -32.33
CA ASN F 152 40.97 19.91 -31.88
C ASN F 152 39.81 20.48 -32.69
N ALA F 153 39.27 19.75 -33.66
CA ALA F 153 38.12 20.22 -34.41
C ALA F 153 36.84 19.81 -33.69
N LEU F 154 35.99 20.79 -33.38
CA LEU F 154 34.75 20.53 -32.66
C LEU F 154 33.79 19.73 -33.53
N GLN F 155 33.29 18.61 -33.01
CA GLN F 155 32.35 17.78 -33.75
C GLN F 155 30.92 18.23 -33.46
N SER F 156 30.05 18.02 -34.45
CA SER F 156 28.65 18.37 -34.26
C SER F 156 27.80 17.53 -35.20
N GLY F 157 26.71 16.98 -34.68
CA GLY F 157 25.77 16.21 -35.47
C GLY F 157 26.13 14.75 -35.69
N ASN F 158 27.25 14.29 -35.15
CA ASN F 158 27.69 12.91 -35.37
C ASN F 158 27.80 12.12 -34.07
N SER F 159 27.15 12.56 -32.99
CA SER F 159 27.18 11.87 -31.71
C SER F 159 25.78 11.73 -31.14
N GLN F 160 25.62 10.73 -30.26
CA GLN F 160 24.38 10.52 -29.53
C GLN F 160 24.72 10.20 -28.08
N GLU F 161 23.80 10.52 -27.17
CA GLU F 161 24.04 10.21 -25.76
C GLU F 161 22.77 9.70 -25.11
N SER F 162 22.96 8.95 -24.03
CA SER F 162 21.87 8.49 -23.18
C SER F 162 22.34 8.62 -21.72
N VAL F 163 21.36 8.72 -20.83
CA VAL F 163 21.59 8.96 -19.39
C VAL F 163 20.83 7.92 -18.60
N THR F 164 21.44 7.42 -17.53
CA THR F 164 20.75 6.46 -16.67
C THR F 164 19.71 7.18 -15.81
N GLU F 165 18.79 6.39 -15.26
CA GLU F 165 17.95 6.88 -14.19
C GLU F 165 18.79 7.09 -12.94
N GLN F 166 18.30 7.94 -12.05
CA GLN F 166 19.01 8.24 -10.81
C GLN F 166 19.30 6.96 -10.05
N ASP F 167 20.52 6.83 -9.55
CA ASP F 167 20.91 5.62 -8.83
C ASP F 167 20.18 5.53 -7.50
N SER F 168 19.69 4.31 -7.19
CA SER F 168 18.94 4.05 -5.96
C SER F 168 19.72 4.42 -4.71
N LYS F 169 21.02 4.11 -4.67
CA LYS F 169 21.73 4.32 -3.40
C LYS F 169 22.44 5.66 -3.29
N ASP F 170 23.11 6.15 -4.34
CA ASP F 170 23.90 7.37 -4.23
C ASP F 170 23.30 8.54 -5.00
N SER F 171 22.15 8.35 -5.65
CA SER F 171 21.37 9.44 -6.22
C SER F 171 22.09 10.17 -7.35
N THR F 172 23.07 9.54 -7.97
CA THR F 172 23.79 10.15 -9.09
C THR F 172 23.28 9.65 -10.43
N TYR F 173 23.80 10.27 -11.49
CA TYR F 173 23.52 9.87 -12.86
C TYR F 173 24.83 9.45 -13.50
N SER F 174 24.72 8.73 -14.60
CA SER F 174 25.84 8.47 -15.50
C SER F 174 25.37 8.68 -16.93
N LEU F 175 26.33 8.98 -17.79
CA LEU F 175 26.01 9.36 -19.15
C LEU F 175 27.03 8.70 -20.08
N SER F 176 26.55 8.18 -21.20
CA SER F 176 27.41 7.63 -22.23
C SER F 176 27.18 8.38 -23.53
N SER F 177 28.26 8.81 -24.17
CA SER F 177 28.18 9.48 -25.46
C SER F 177 29.01 8.70 -26.47
N THR F 178 28.45 8.47 -27.65
CA THR F 178 29.09 7.70 -28.69
C THR F 178 29.29 8.57 -29.92
N LEU F 179 30.52 8.67 -30.38
CA LEU F 179 30.86 9.36 -31.61
C LEU F 179 31.00 8.32 -32.71
N THR F 180 30.25 8.50 -33.80
CA THR F 180 30.24 7.55 -34.91
C THR F 180 30.85 8.20 -36.14
N LEU F 181 31.87 7.55 -36.70
CA LEU F 181 32.47 7.94 -37.96
C LEU F 181 32.75 6.69 -38.79
N SER F 182 32.92 6.88 -40.10
CA SER F 182 33.42 5.80 -40.93
C SER F 182 34.82 5.39 -40.49
N LYS F 183 35.15 4.11 -40.71
CA LYS F 183 36.47 3.62 -40.36
C LYS F 183 37.55 4.37 -41.13
N ALA F 184 37.29 4.63 -42.41
CA ALA F 184 38.24 5.42 -43.20
C ALA F 184 38.43 6.80 -42.59
N ASP F 185 37.33 7.42 -42.16
CA ASP F 185 37.43 8.76 -41.59
C ASP F 185 38.10 8.73 -40.22
N TYR F 186 37.87 7.67 -39.44
CA TYR F 186 38.55 7.54 -38.16
C TYR F 186 40.06 7.46 -38.33
N GLU F 187 40.52 6.75 -39.37
CA GLU F 187 41.94 6.52 -39.56
C GLU F 187 42.63 7.71 -40.19
N LYS F 188 41.87 8.74 -40.57
CA LYS F 188 42.50 9.98 -41.00
C LYS F 188 43.12 10.77 -39.85
N HIS F 189 42.61 10.63 -38.65
CA HIS F 189 42.96 11.54 -37.57
C HIS F 189 43.69 10.85 -36.45
N LYS F 190 44.23 11.67 -35.56
CA LYS F 190 45.10 11.18 -34.50
C LYS F 190 44.48 11.31 -33.12
N VAL F 191 44.09 12.52 -32.71
CA VAL F 191 43.68 12.77 -31.33
C VAL F 191 42.16 12.86 -31.28
N TYR F 192 41.56 12.03 -30.45
CA TYR F 192 40.13 12.07 -30.19
C TYR F 192 39.93 12.43 -28.73
N ALA F 193 39.09 13.42 -28.48
CA ALA F 193 38.96 14.00 -27.15
C ALA F 193 37.50 14.17 -26.81
N CYS F 194 37.17 13.87 -25.55
CA CYS F 194 35.86 14.13 -24.98
C CYS F 194 36.03 15.21 -23.93
N GLU F 195 35.38 16.36 -24.14
CA GLU F 195 35.44 17.49 -23.23
C GLU F 195 34.14 17.62 -22.45
N VAL F 196 34.23 17.64 -21.14
CA VAL F 196 33.06 17.55 -20.26
C VAL F 196 32.94 18.84 -19.46
N THR F 197 31.75 19.42 -19.48
CA THR F 197 31.42 20.58 -18.66
C THR F 197 30.35 20.16 -17.68
N HIS F 198 30.50 20.56 -16.42
CA HIS F 198 29.59 20.17 -15.37
C HIS F 198 29.88 21.05 -14.16
N GLN F 199 28.83 21.38 -13.41
CA GLN F 199 29.03 22.32 -12.30
C GLN F 199 29.95 21.78 -11.20
N GLY F 200 30.13 20.45 -11.11
CA GLY F 200 31.07 19.90 -10.14
C GLY F 200 32.54 20.08 -10.51
N LEU F 201 32.84 20.62 -11.68
CA LEU F 201 34.21 20.79 -12.15
C LEU F 201 34.56 22.26 -12.14
N SER F 202 35.72 22.59 -11.58
CA SER F 202 36.18 23.97 -11.63
C SER F 202 36.33 24.45 -13.06
N SER F 203 36.74 23.56 -13.96
CA SER F 203 37.00 23.87 -15.36
C SER F 203 36.71 22.63 -16.17
N PRO F 204 36.37 22.77 -17.45
CA PRO F 204 36.00 21.58 -18.25
C PRO F 204 37.14 20.57 -18.28
N VAL F 205 36.78 19.30 -18.15
CA VAL F 205 37.76 18.21 -18.17
C VAL F 205 37.80 17.64 -19.58
N THR F 206 39.01 17.37 -20.08
CA THR F 206 39.16 16.67 -21.35
C THR F 206 39.86 15.34 -21.14
N LYS F 207 39.27 14.26 -21.64
CA LYS F 207 39.95 12.98 -21.77
C LYS F 207 40.18 12.73 -23.25
N SER F 208 41.39 12.29 -23.59
CA SER F 208 41.73 12.16 -24.99
C SER F 208 42.60 10.93 -25.19
N PHE F 209 42.65 10.46 -26.43
CA PHE F 209 43.64 9.47 -26.80
C PHE F 209 44.18 9.82 -28.16
N ASN F 210 45.39 9.34 -28.43
CA ASN F 210 46.04 9.45 -29.72
C ASN F 210 46.13 8.06 -30.32
N ARG F 211 45.54 7.88 -31.51
CA ARG F 211 45.52 6.55 -32.10
C ARG F 211 46.94 6.09 -32.41
N GLY F 212 47.53 5.33 -31.50
CA GLY F 212 48.88 4.82 -31.67
C GLY F 212 49.39 4.10 -30.44
N GLU G 1 1.28 -40.26 -1.86
CA GLU G 1 2.34 -40.41 -2.88
C GLU G 1 2.03 -40.06 -4.27
N VAL G 2 1.91 -38.78 -4.66
CA VAL G 2 1.80 -38.44 -6.09
C VAL G 2 3.13 -38.68 -6.80
N GLN G 3 3.10 -39.47 -7.89
CA GLN G 3 4.31 -39.73 -8.65
C GLN G 3 4.09 -39.78 -10.16
N LEU G 4 5.09 -39.23 -10.86
CA LEU G 4 5.18 -39.19 -12.31
C LEU G 4 6.53 -39.76 -12.72
N VAL G 5 6.53 -40.69 -13.67
CA VAL G 5 7.73 -41.38 -14.09
C VAL G 5 7.75 -41.37 -15.62
N GLU G 6 8.66 -40.62 -16.21
CA GLU G 6 8.77 -40.58 -17.67
C GLU G 6 9.66 -41.70 -18.18
N SER G 7 9.34 -42.16 -19.39
CA SER G 7 10.14 -43.18 -20.06
C SER G 7 10.03 -42.94 -21.54
N GLY G 8 10.91 -43.62 -22.29
CA GLY G 8 10.86 -43.62 -23.75
C GLY G 8 11.95 -42.80 -24.41
N GLY G 9 12.76 -42.07 -23.64
CA GLY G 9 13.83 -41.30 -24.24
C GLY G 9 14.87 -42.20 -24.88
N GLY G 10 15.57 -41.62 -25.84
CA GLY G 10 16.62 -42.35 -26.53
C GLY G 10 17.32 -41.46 -27.54
N VAL G 11 18.17 -42.08 -28.34
CA VAL G 11 18.94 -41.38 -29.37
C VAL G 11 18.37 -41.78 -30.73
N VAL G 12 17.97 -40.79 -31.53
CA VAL G 12 17.55 -41.02 -32.91
C VAL G 12 18.19 -39.97 -33.81
N GLN G 13 18.07 -40.19 -35.11
CA GLN G 13 18.58 -39.24 -36.10
C GLN G 13 17.47 -38.28 -36.52
N PRO G 14 17.83 -37.12 -37.08
CA PRO G 14 16.80 -36.17 -37.49
C PRO G 14 15.83 -36.76 -38.51
N GLY G 15 14.56 -36.39 -38.35
CA GLY G 15 13.47 -36.92 -39.14
C GLY G 15 12.73 -38.08 -38.50
N ARG G 16 13.37 -38.75 -37.52
CA ARG G 16 12.80 -39.97 -36.97
C ARG G 16 11.87 -39.65 -35.79
N SER G 17 11.34 -40.70 -35.17
CA SER G 17 10.23 -40.59 -34.23
C SER G 17 10.66 -41.15 -32.88
N LEU G 18 10.00 -40.66 -31.85
CA LEU G 18 10.16 -41.20 -30.52
C LEU G 18 8.84 -41.03 -29.79
N ARG G 19 8.44 -42.03 -29.01
CA ARG G 19 7.26 -41.90 -28.17
C ARG G 19 7.68 -41.88 -26.70
N LEU G 20 7.29 -40.82 -25.99
CA LEU G 20 7.49 -40.71 -24.55
C LEU G 20 6.21 -41.10 -23.82
N SER G 21 6.38 -41.73 -22.67
CA SER G 21 5.31 -42.12 -21.77
C SER G 21 5.57 -41.48 -20.41
N CYS G 22 4.51 -41.24 -19.66
CA CYS G 22 4.62 -40.81 -18.27
C CYS G 22 3.58 -41.55 -17.47
N ALA G 23 4.04 -42.41 -16.55
CA ALA G 23 3.13 -43.17 -15.70
C ALA G 23 2.86 -42.38 -14.43
N ALA G 24 1.59 -42.13 -14.15
CA ALA G 24 1.20 -41.35 -12.98
C ALA G 24 0.60 -42.29 -11.94
N SER G 25 0.85 -41.97 -10.67
CA SER G 25 0.31 -42.73 -9.56
C SER G 25 0.15 -41.82 -8.36
N GLY G 26 -0.73 -42.23 -7.45
CA GLY G 26 -0.94 -41.53 -6.20
C GLY G 26 -1.92 -40.38 -6.25
N PHE G 27 -2.63 -40.20 -7.36
CA PHE G 27 -3.68 -39.18 -7.45
C PHE G 27 -4.66 -39.63 -8.53
N THR G 28 -5.80 -38.93 -8.60
CA THR G 28 -6.81 -39.21 -9.62
C THR G 28 -6.39 -38.55 -10.93
N PHE G 29 -5.60 -39.31 -11.71
CA PHE G 29 -4.99 -38.81 -12.94
C PHE G 29 -6.02 -38.21 -13.89
N SER G 30 -7.17 -38.86 -14.06
CA SER G 30 -8.16 -38.39 -15.01
C SER G 30 -8.83 -37.07 -14.60
N SER G 31 -8.53 -36.48 -13.44
CA SER G 31 -9.09 -35.19 -13.07
C SER G 31 -8.12 -34.04 -13.25
N TYR G 32 -6.97 -34.27 -13.89
CA TYR G 32 -5.95 -33.23 -13.98
C TYR G 32 -5.50 -33.03 -15.42
N ALA G 33 -5.37 -31.76 -15.80
CA ALA G 33 -4.61 -31.41 -17.00
C ALA G 33 -3.15 -31.79 -16.79
N MET G 34 -2.51 -32.28 -17.85
CA MET G 34 -1.11 -32.71 -17.78
C MET G 34 -0.32 -32.00 -18.85
N HIS G 35 0.98 -31.79 -18.60
CA HIS G 35 1.80 -31.02 -19.53
C HIS G 35 3.09 -31.76 -19.83
N TRP G 36 3.71 -31.43 -20.97
CA TRP G 36 5.11 -31.78 -21.21
C TRP G 36 5.94 -30.51 -21.24
N VAL G 37 7.09 -30.56 -20.56
CA VAL G 37 8.02 -29.44 -20.46
C VAL G 37 9.41 -30.03 -20.67
N ARG G 38 10.28 -29.31 -21.38
CA ARG G 38 11.59 -29.85 -21.69
C ARG G 38 12.68 -28.85 -21.33
N GLN G 39 13.90 -29.37 -21.18
CA GLN G 39 15.07 -28.55 -20.85
C GLN G 39 16.23 -29.00 -21.71
N ALA G 40 16.62 -28.17 -22.65
CA ALA G 40 17.73 -28.45 -23.53
C ALA G 40 19.05 -28.19 -22.81
N PRO G 41 20.13 -28.84 -23.26
CA PRO G 41 21.46 -28.58 -22.67
C PRO G 41 21.81 -27.11 -22.52
N GLY G 42 22.13 -26.68 -21.29
CA GLY G 42 22.58 -25.31 -21.04
C GLY G 42 21.52 -24.27 -21.32
N LYS G 43 20.26 -24.65 -21.16
CA LYS G 43 19.12 -23.81 -21.46
C LYS G 43 18.05 -23.83 -20.37
N GLY G 44 17.09 -22.89 -20.51
CA GLY G 44 16.00 -22.79 -19.58
C GLY G 44 14.85 -23.72 -19.94
N LEU G 45 13.95 -23.94 -18.98
CA LEU G 45 12.80 -24.80 -19.25
C LEU G 45 11.89 -24.20 -20.31
N GLU G 46 11.30 -25.08 -21.12
CA GLU G 46 10.46 -24.69 -22.24
C GLU G 46 9.21 -25.56 -22.21
N TRP G 47 8.06 -24.91 -22.11
CA TRP G 47 6.79 -25.61 -22.18
C TRP G 47 6.56 -26.16 -23.59
N VAL G 48 6.08 -27.39 -23.68
CA VAL G 48 5.95 -28.11 -24.95
C VAL G 48 4.48 -28.34 -25.34
N ALA G 49 3.68 -28.89 -24.42
CA ALA G 49 2.32 -29.26 -24.78
C ALA G 49 1.48 -29.50 -23.52
N LEU G 50 0.15 -29.43 -23.67
CA LEU G 50 -0.77 -29.72 -22.57
C LEU G 50 -2.00 -30.45 -23.11
N ILE G 51 -2.68 -31.16 -22.20
CA ILE G 51 -3.92 -31.85 -22.55
C ILE G 51 -4.89 -31.77 -21.38
N SER G 52 -6.15 -31.47 -21.67
CA SER G 52 -7.15 -31.37 -20.62
C SER G 52 -7.41 -32.73 -19.96
N TYR G 53 -8.07 -32.68 -18.80
CA TYR G 53 -8.30 -33.88 -18.00
C TYR G 53 -8.93 -35.01 -18.80
N ASP G 54 -9.87 -34.68 -19.70
CA ASP G 54 -10.59 -35.70 -20.46
C ASP G 54 -10.03 -35.88 -21.88
N GLY G 55 -8.84 -35.35 -22.15
CA GLY G 55 -8.20 -35.49 -23.43
C GLY G 55 -8.86 -34.76 -24.58
N ARG G 56 -9.80 -33.86 -24.31
CA ARG G 56 -10.56 -33.20 -25.35
C ARG G 56 -9.88 -31.94 -25.89
N ASN G 57 -9.04 -31.28 -25.09
CA ASN G 57 -8.35 -30.06 -25.53
C ASN G 57 -6.84 -30.27 -25.43
N LYS G 58 -6.13 -29.96 -26.53
CA LYS G 58 -4.68 -30.12 -26.61
C LYS G 58 -4.10 -28.84 -27.21
N TYR G 59 -2.95 -28.40 -26.69
CA TYR G 59 -2.27 -27.20 -27.15
C TYR G 59 -0.77 -27.45 -27.22
N TYR G 60 -0.10 -26.77 -28.14
CA TYR G 60 1.31 -27.04 -28.44
C TYR G 60 2.10 -25.75 -28.57
N ALA G 61 3.34 -25.77 -28.11
CA ALA G 61 4.26 -24.67 -28.39
C ALA G 61 4.51 -24.60 -29.89
N ASP G 62 4.72 -23.37 -30.37
CA ASP G 62 4.95 -23.14 -31.80
C ASP G 62 6.14 -23.93 -32.33
N SER G 63 7.12 -24.25 -31.49
CA SER G 63 8.32 -24.94 -31.97
C SER G 63 8.08 -26.42 -32.26
N VAL G 64 7.01 -27.01 -31.73
CA VAL G 64 6.73 -28.42 -31.90
C VAL G 64 5.41 -28.68 -32.61
N LYS G 65 4.66 -27.62 -32.93
CA LYS G 65 3.36 -27.75 -33.58
C LYS G 65 3.49 -28.46 -34.93
N GLY G 66 2.57 -29.38 -35.19
CA GLY G 66 2.57 -30.15 -36.42
C GLY G 66 3.50 -31.33 -36.43
N ARG G 67 4.30 -31.52 -35.39
CA ARG G 67 5.23 -32.63 -35.33
C ARG G 67 5.04 -33.53 -34.12
N PHE G 68 4.45 -33.02 -33.04
CA PHE G 68 4.23 -33.76 -31.80
C PHE G 68 2.73 -33.91 -31.59
N THR G 69 2.35 -34.96 -30.88
CA THR G 69 0.96 -35.14 -30.48
C THR G 69 0.95 -35.59 -29.03
N ILE G 70 0.26 -34.84 -28.19
CA ILE G 70 0.06 -35.23 -26.79
C ILE G 70 -1.24 -36.01 -26.72
N SER G 71 -1.24 -37.07 -25.91
CA SER G 71 -2.41 -37.91 -25.74
C SER G 71 -2.33 -38.53 -24.36
N ARG G 72 -3.42 -39.18 -23.96
CA ARG G 72 -3.47 -39.76 -22.62
C ARG G 72 -4.43 -40.92 -22.61
N ASP G 73 -4.15 -41.88 -21.74
CA ASP G 73 -5.04 -43.01 -21.49
C ASP G 73 -5.40 -42.99 -20.01
N ASN G 74 -6.59 -42.50 -19.70
CA ASN G 74 -6.96 -42.35 -18.30
C ASN G 74 -7.17 -43.71 -17.63
N SER G 75 -7.53 -44.74 -18.41
CA SER G 75 -7.72 -46.05 -17.80
C SER G 75 -6.38 -46.67 -17.39
N LYS G 76 -5.27 -46.19 -17.95
CA LYS G 76 -3.94 -46.66 -17.58
C LYS G 76 -3.14 -45.64 -16.80
N ASN G 77 -3.72 -44.47 -16.50
CA ASN G 77 -3.02 -43.39 -15.79
C ASN G 77 -1.73 -43.01 -16.49
N THR G 78 -1.76 -42.97 -17.81
CA THR G 78 -0.54 -42.72 -18.57
C THR G 78 -0.71 -41.54 -19.52
N LEU G 79 0.33 -40.73 -19.61
CA LEU G 79 0.42 -39.63 -20.55
C LEU G 79 1.46 -39.98 -21.60
N TYR G 80 1.25 -39.53 -22.83
CA TYR G 80 2.14 -39.84 -23.94
C TYR G 80 2.56 -38.57 -24.67
N LEU G 81 3.73 -38.63 -25.29
CA LEU G 81 4.12 -37.62 -26.27
C LEU G 81 4.72 -38.36 -27.44
N GLN G 82 4.01 -38.37 -28.57
CA GLN G 82 4.53 -38.96 -29.80
C GLN G 82 5.18 -37.86 -30.63
N MET G 83 6.47 -38.02 -30.90
CA MET G 83 7.22 -37.08 -31.73
C MET G 83 7.57 -37.75 -33.05
N ASN G 84 7.49 -36.99 -34.14
CA ASN G 84 8.04 -37.39 -35.43
C ASN G 84 8.73 -36.17 -36.03
N SER G 85 9.44 -36.38 -37.14
CA SER G 85 10.21 -35.30 -37.79
C SER G 85 11.11 -34.58 -36.78
N LEU G 86 11.79 -35.36 -35.93
CA LEU G 86 12.60 -34.77 -34.89
C LEU G 86 13.76 -33.95 -35.46
N ARG G 87 14.16 -32.92 -34.72
CA ARG G 87 15.28 -32.06 -35.09
C ARG G 87 16.31 -32.03 -33.97
N ALA G 88 17.55 -31.65 -34.34
CA ALA G 88 18.62 -31.56 -33.35
C ALA G 88 18.18 -30.74 -32.15
N GLU G 89 17.50 -29.62 -32.38
CA GLU G 89 17.10 -28.72 -31.32
C GLU G 89 15.99 -29.28 -30.44
N ASP G 90 15.43 -30.45 -30.77
CA ASP G 90 14.53 -31.14 -29.87
C ASP G 90 15.28 -31.91 -28.80
N THR G 91 16.60 -31.94 -28.84
CA THR G 91 17.38 -32.59 -27.82
C THR G 91 17.14 -31.90 -26.48
N ALA G 92 16.72 -32.68 -25.47
CA ALA G 92 16.36 -32.09 -24.18
C ALA G 92 16.01 -33.22 -23.21
N VAL G 93 16.01 -32.89 -21.93
CA VAL G 93 15.34 -33.73 -20.94
C VAL G 93 13.86 -33.37 -20.97
N TYR G 94 12.99 -34.37 -21.11
CA TYR G 94 11.55 -34.13 -21.22
C TYR G 94 10.85 -34.48 -19.91
N TYR G 95 10.05 -33.56 -19.41
CA TYR G 95 9.38 -33.73 -18.13
C TYR G 95 7.88 -33.79 -18.31
N CYS G 96 7.28 -34.66 -17.53
CA CYS G 96 5.84 -34.73 -17.31
C CYS G 96 5.50 -33.87 -16.09
N ALA G 97 4.42 -33.09 -16.18
CA ALA G 97 4.10 -32.17 -15.08
C ALA G 97 2.60 -32.02 -14.91
N ARG G 98 2.15 -31.95 -13.66
CA ARG G 98 0.72 -31.85 -13.35
C ARG G 98 0.32 -30.38 -13.23
N SER G 99 -0.83 -30.05 -13.83
CA SER G 99 -1.38 -28.72 -13.75
C SER G 99 -1.86 -28.45 -12.33
N TYR G 100 -1.51 -27.28 -11.79
CA TYR G 100 -1.82 -26.97 -10.39
C TYR G 100 -3.34 -26.94 -10.15
N PRO G 101 -3.82 -27.55 -9.07
CA PRO G 101 -5.27 -27.56 -8.82
C PRO G 101 -5.82 -26.14 -8.77
N HIS G 102 -6.88 -25.89 -9.55
CA HIS G 102 -7.64 -24.65 -9.56
C HIS G 102 -6.90 -23.44 -10.12
N LYS G 103 -5.83 -23.66 -10.87
CA LYS G 103 -5.18 -22.60 -11.63
C LYS G 103 -5.50 -22.86 -13.09
N ARG G 104 -5.61 -21.79 -13.88
CA ARG G 104 -5.93 -21.89 -15.30
C ARG G 104 -5.09 -22.96 -16.00
N TRP G 105 -5.70 -24.07 -16.43
CA TRP G 105 -4.92 -25.11 -17.09
C TRP G 105 -4.24 -24.64 -18.37
N LEU G 106 -4.67 -23.52 -18.97
CA LEU G 106 -3.95 -23.06 -20.15
C LEU G 106 -2.62 -22.42 -19.77
N ARG G 107 -2.54 -21.85 -18.57
CA ARG G 107 -1.34 -21.15 -18.11
C ARG G 107 -1.23 -21.32 -16.59
N PRO G 108 -0.71 -22.45 -16.14
CA PRO G 108 -0.68 -22.73 -14.71
C PRO G 108 0.74 -22.83 -14.17
N PRO G 109 0.89 -22.84 -12.85
CA PRO G 109 2.07 -23.47 -12.25
C PRO G 109 1.92 -24.99 -12.26
N PHE G 110 3.01 -25.69 -11.95
CA PHE G 110 3.04 -27.15 -11.98
C PHE G 110 3.43 -27.69 -10.62
N ASP G 111 2.52 -28.42 -9.98
CA ASP G 111 2.79 -28.81 -8.61
C ASP G 111 3.47 -30.16 -8.48
N TYR G 112 3.48 -30.99 -9.53
CA TYR G 112 4.27 -32.21 -9.48
C TYR G 112 4.95 -32.45 -10.82
N TRP G 113 6.18 -32.97 -10.76
CA TRP G 113 6.98 -33.27 -11.94
C TRP G 113 7.57 -34.66 -11.79
N GLY G 114 7.96 -35.25 -12.94
CA GLY G 114 8.79 -36.44 -12.94
C GLY G 114 10.26 -36.10 -12.96
N GLN G 115 11.09 -37.15 -12.88
CA GLN G 115 12.54 -36.99 -12.98
C GLN G 115 13.01 -36.71 -14.40
N GLY G 116 12.17 -36.94 -15.40
CA GLY G 116 12.56 -36.60 -16.75
C GLY G 116 13.11 -37.80 -17.51
N THR G 117 13.09 -37.68 -18.84
CA THR G 117 13.64 -38.70 -19.74
C THR G 117 14.38 -37.98 -20.85
N LEU G 118 15.56 -38.47 -21.20
CA LEU G 118 16.45 -37.75 -22.09
C LEU G 118 16.24 -38.13 -23.56
N VAL G 119 16.04 -37.12 -24.40
CA VAL G 119 15.90 -37.30 -25.84
C VAL G 119 17.09 -36.63 -26.51
N THR G 120 17.81 -37.39 -27.35
CA THR G 120 18.97 -36.91 -28.07
C THR G 120 18.76 -37.14 -29.55
N VAL G 121 18.79 -36.06 -30.33
CA VAL G 121 18.60 -36.10 -31.76
C VAL G 121 19.88 -35.65 -32.43
N SER G 122 20.47 -36.51 -33.25
CA SER G 122 21.75 -36.18 -33.85
C SER G 122 21.93 -36.97 -35.13
N SER G 123 22.52 -36.35 -36.14
CA SER G 123 22.81 -37.06 -37.38
C SER G 123 24.00 -38.01 -37.23
N ALA G 124 24.69 -37.98 -36.09
CA ALA G 124 25.82 -38.86 -35.85
C ALA G 124 25.37 -40.33 -35.78
N SER G 125 26.32 -41.23 -36.02
CA SER G 125 26.06 -42.65 -35.93
C SER G 125 26.91 -43.24 -34.80
N THR G 126 26.42 -44.35 -34.26
CA THR G 126 27.08 -45.05 -33.17
C THR G 126 28.53 -45.33 -33.49
N LYS G 127 29.41 -45.03 -32.54
CA LYS G 127 30.83 -45.23 -32.78
C LYS G 127 31.54 -45.38 -31.44
N GLY G 128 32.39 -46.41 -31.33
CA GLY G 128 33.14 -46.64 -30.12
C GLY G 128 34.30 -45.69 -30.04
N PRO G 129 34.76 -45.42 -28.82
CA PRO G 129 35.82 -44.42 -28.65
C PRO G 129 37.21 -44.99 -28.88
N SER G 130 38.12 -44.08 -29.20
CA SER G 130 39.53 -44.34 -29.05
C SER G 130 39.98 -43.85 -27.68
N VAL G 131 40.80 -44.66 -27.02
CA VAL G 131 41.30 -44.35 -25.69
C VAL G 131 42.80 -44.12 -25.80
N PHE G 132 43.25 -42.91 -25.43
CA PHE G 132 44.65 -42.57 -25.48
C PHE G 132 45.16 -42.23 -24.08
N PRO G 133 46.38 -42.64 -23.75
CA PRO G 133 46.92 -42.34 -22.42
C PRO G 133 47.22 -40.86 -22.25
N LEU G 134 47.02 -40.37 -21.03
CA LEU G 134 47.52 -39.08 -20.58
C LEU G 134 48.64 -39.39 -19.59
N ALA G 135 49.85 -39.48 -20.11
CA ALA G 135 50.97 -40.00 -19.34
C ALA G 135 51.61 -38.89 -18.50
N PRO G 136 51.99 -39.21 -17.26
CA PRO G 136 52.88 -38.31 -16.52
C PRO G 136 54.33 -38.60 -16.90
N SER G 137 55.13 -37.55 -16.97
CA SER G 137 56.52 -37.67 -17.36
C SER G 137 57.39 -37.18 -16.21
N SER G 138 58.34 -38.03 -15.80
CA SER G 138 59.24 -37.72 -14.68
C SER G 138 58.47 -37.39 -13.41
N GLY G 144 55.66 -32.61 -6.44
CA GLY G 144 55.33 -33.72 -5.58
C GLY G 144 54.26 -34.65 -6.12
N THR G 145 53.01 -34.20 -6.08
CA THR G 145 51.88 -34.98 -6.57
C THR G 145 51.94 -35.14 -8.09
N ALA G 146 51.60 -36.34 -8.57
CA ALA G 146 51.59 -36.63 -10.00
C ALA G 146 50.21 -37.07 -10.47
N ALA G 147 49.83 -36.63 -11.67
CA ALA G 147 48.56 -36.95 -12.31
C ALA G 147 48.75 -37.75 -13.58
N LEU G 148 47.78 -38.63 -13.86
CA LEU G 148 47.75 -39.40 -15.08
C LEU G 148 46.30 -39.66 -15.44
N GLY G 149 46.06 -40.15 -16.66
CA GLY G 149 44.69 -40.37 -17.05
C GLY G 149 44.58 -40.94 -18.44
N CYS G 150 43.35 -40.95 -18.94
CA CYS G 150 43.05 -41.44 -20.26
C CYS G 150 42.11 -40.46 -20.94
N LEU G 151 42.35 -40.26 -22.24
CA LEU G 151 41.49 -39.44 -23.09
C LEU G 151 40.59 -40.36 -23.90
N VAL G 152 39.28 -40.17 -23.77
CA VAL G 152 38.30 -41.02 -24.42
C VAL G 152 37.65 -40.22 -25.54
N LYS G 153 38.16 -40.39 -26.75
CA LYS G 153 37.88 -39.47 -27.84
C LYS G 153 37.01 -40.13 -28.90
N ASP G 154 36.12 -39.32 -29.48
CA ASP G 154 35.38 -39.60 -30.72
C ASP G 154 34.45 -40.81 -30.59
N TYR G 155 33.45 -40.65 -29.74
CA TYR G 155 32.44 -41.68 -29.57
C TYR G 155 31.06 -41.07 -29.66
N PHE G 156 30.06 -41.93 -29.91
CA PHE G 156 28.68 -41.51 -29.96
C PHE G 156 27.82 -42.73 -29.79
N PRO G 157 26.72 -42.67 -29.03
CA PRO G 157 26.29 -41.54 -28.21
C PRO G 157 26.82 -41.65 -26.79
N GLU G 158 26.42 -40.71 -25.94
CA GLU G 158 26.61 -40.89 -24.52
C GLU G 158 25.80 -42.10 -24.05
N PRO G 159 26.21 -42.76 -22.95
CA PRO G 159 27.40 -42.48 -22.13
C PRO G 159 28.52 -43.49 -22.28
N VAL G 160 29.69 -43.13 -21.76
CA VAL G 160 30.76 -44.07 -21.47
C VAL G 160 30.97 -44.07 -19.97
N THR G 161 31.48 -45.17 -19.45
CA THR G 161 31.93 -45.24 -18.06
C THR G 161 33.43 -45.49 -18.01
N VAL G 162 34.09 -44.87 -17.04
CA VAL G 162 35.53 -45.03 -16.84
C VAL G 162 35.78 -45.51 -15.43
N SER G 163 36.50 -46.62 -15.31
CA SER G 163 37.02 -47.11 -14.05
C SER G 163 38.53 -47.20 -14.15
N TRP G 164 39.19 -47.41 -13.01
CA TRP G 164 40.63 -47.57 -12.97
C TRP G 164 40.99 -48.86 -12.26
N ASN G 165 41.76 -49.71 -12.93
CA ASN G 165 42.16 -51.02 -12.41
C ASN G 165 40.94 -51.83 -11.98
N SER G 166 39.91 -51.81 -12.84
CA SER G 166 38.68 -52.58 -12.63
C SER G 166 37.98 -52.20 -11.32
N GLY G 167 38.08 -50.92 -10.95
CA GLY G 167 37.45 -50.43 -9.75
C GLY G 167 38.30 -50.51 -8.49
N ALA G 168 39.55 -50.97 -8.59
CA ALA G 168 40.41 -50.99 -7.41
C ALA G 168 40.86 -49.59 -7.00
N LEU G 169 41.00 -48.68 -7.96
CA LEU G 169 41.42 -47.31 -7.70
C LEU G 169 40.20 -46.40 -7.79
N THR G 170 39.83 -45.82 -6.65
CA THR G 170 38.69 -44.91 -6.58
C THR G 170 39.05 -43.53 -6.07
N SER G 171 40.03 -43.41 -5.18
CA SER G 171 40.34 -42.13 -4.54
C SER G 171 41.12 -41.24 -5.49
N GLY G 172 40.72 -39.98 -5.59
CA GLY G 172 41.38 -39.03 -6.47
C GLY G 172 41.05 -39.12 -7.94
N VAL G 173 40.02 -39.86 -8.32
CA VAL G 173 39.63 -40.00 -9.73
C VAL G 173 38.69 -38.87 -10.10
N HIS G 174 38.93 -38.25 -11.26
CA HIS G 174 38.02 -37.26 -11.83
C HIS G 174 37.71 -37.67 -13.26
N THR G 175 36.46 -38.01 -13.51
CA THR G 175 35.97 -38.27 -14.85
C THR G 175 35.13 -37.08 -15.29
N PHE G 176 35.59 -36.39 -16.32
CA PHE G 176 34.96 -35.12 -16.64
C PHE G 176 33.69 -35.33 -17.46
N PRO G 177 32.74 -34.39 -17.39
CA PRO G 177 31.63 -34.41 -18.34
C PRO G 177 32.17 -34.41 -19.76
N ALA G 178 31.52 -35.18 -20.62
CA ALA G 178 31.91 -35.19 -22.01
C ALA G 178 31.58 -33.86 -22.64
N VAL G 179 32.37 -33.49 -23.64
CA VAL G 179 32.05 -32.34 -24.46
C VAL G 179 31.73 -32.84 -25.87
N LEU G 180 30.84 -32.12 -26.54
CA LEU G 180 30.41 -32.47 -27.89
C LEU G 180 31.27 -31.70 -28.87
N GLN G 181 31.97 -32.44 -29.73
CA GLN G 181 32.92 -31.86 -30.66
C GLN G 181 32.24 -31.41 -31.95
N SER G 182 33.01 -30.63 -32.72
CA SER G 182 32.67 -30.23 -34.08
C SER G 182 32.08 -31.35 -34.92
N SER G 183 32.67 -32.54 -34.84
CA SER G 183 32.29 -33.68 -35.65
C SER G 183 30.94 -34.29 -35.28
N GLY G 184 30.34 -33.91 -34.16
CA GLY G 184 29.17 -34.62 -33.65
C GLY G 184 29.49 -35.78 -32.73
N LEU G 185 30.77 -36.04 -32.47
CA LEU G 185 31.22 -37.06 -31.54
C LEU G 185 31.62 -36.42 -30.23
N TYR G 186 31.51 -37.20 -29.15
CA TYR G 186 31.91 -36.76 -27.82
C TYR G 186 33.36 -37.12 -27.54
N SER G 187 33.95 -36.39 -26.60
CA SER G 187 35.27 -36.68 -26.08
C SER G 187 35.29 -36.36 -24.58
N LEU G 188 35.93 -37.21 -23.81
CA LEU G 188 35.96 -37.12 -22.37
C LEU G 188 37.36 -37.43 -21.88
N SER G 189 37.73 -36.84 -20.75
CA SER G 189 38.97 -37.21 -20.10
C SER G 189 38.67 -37.73 -18.70
N SER G 190 39.46 -38.70 -18.26
CA SER G 190 39.38 -39.23 -16.91
C SER G 190 40.79 -39.24 -16.35
N VAL G 191 40.98 -38.59 -15.21
CA VAL G 191 42.30 -38.40 -14.64
C VAL G 191 42.31 -38.91 -13.21
N VAL G 192 43.51 -39.14 -12.70
CA VAL G 192 43.65 -39.51 -11.30
C VAL G 192 45.02 -39.04 -10.83
N THR G 193 45.05 -38.42 -9.66
CA THR G 193 46.28 -37.99 -9.04
C THR G 193 46.68 -38.98 -7.96
N VAL G 194 47.95 -39.36 -7.96
CA VAL G 194 48.49 -40.22 -6.91
C VAL G 194 49.86 -39.70 -6.51
N PRO G 195 50.26 -39.95 -5.25
CA PRO G 195 51.53 -39.39 -4.77
C PRO G 195 52.78 -39.92 -5.46
N SER G 196 52.94 -39.64 -6.77
CA SER G 196 54.14 -40.03 -7.51
C SER G 196 54.43 -41.53 -7.38
N SER G 197 53.40 -42.32 -7.06
CA SER G 197 53.53 -43.76 -6.89
C SER G 197 53.71 -44.46 -8.23
N SER G 198 54.97 -44.74 -8.59
CA SER G 198 55.30 -45.32 -9.89
C SER G 198 55.16 -46.84 -9.88
N GLN G 202 52.85 -49.74 -9.13
CA GLN G 202 51.59 -49.77 -9.85
C GLN G 202 51.45 -49.48 -11.35
N THR G 203 50.56 -50.35 -11.84
CA THR G 203 49.98 -50.36 -13.16
C THR G 203 48.69 -49.55 -13.11
N TYR G 204 48.50 -48.70 -14.11
CA TYR G 204 47.32 -47.85 -14.18
C TYR G 204 46.63 -48.13 -15.50
N ILE G 205 45.41 -48.64 -15.42
CA ILE G 205 44.63 -49.05 -16.58
C ILE G 205 43.25 -48.44 -16.48
N CYS G 206 42.92 -47.55 -17.40
CA CYS G 206 41.52 -47.16 -17.54
C CYS G 206 40.71 -48.23 -18.25
N ASN G 207 39.63 -48.66 -17.60
CA ASN G 207 38.62 -49.52 -18.19
C ASN G 207 37.51 -48.61 -18.70
N VAL G 208 37.38 -48.51 -20.01
CA VAL G 208 36.41 -47.65 -20.66
C VAL G 208 35.36 -48.57 -21.26
N ASN G 209 34.10 -48.20 -21.08
CA ASN G 209 33.00 -49.04 -21.54
C ASN G 209 32.00 -48.14 -22.25
N HIS G 210 31.73 -48.45 -23.51
CA HIS G 210 30.77 -47.73 -24.32
C HIS G 210 29.78 -48.80 -24.78
N LYS G 211 28.72 -48.98 -23.98
CA LYS G 211 27.84 -50.11 -24.26
C LYS G 211 27.06 -49.95 -25.57
N PRO G 212 26.64 -48.74 -25.96
CA PRO G 212 25.97 -48.59 -27.27
C PRO G 212 26.74 -49.16 -28.46
N SER G 213 28.07 -49.17 -28.40
CA SER G 213 28.89 -49.72 -29.47
C SER G 213 29.53 -51.05 -29.13
N ASN G 214 29.26 -51.58 -27.93
CA ASN G 214 29.84 -52.86 -27.47
C ASN G 214 31.37 -52.78 -27.47
N THR G 215 31.90 -51.62 -27.07
CA THR G 215 33.34 -51.38 -27.07
C THR G 215 33.85 -51.39 -25.64
N LYS G 216 34.85 -52.23 -25.38
CA LYS G 216 35.52 -52.29 -24.09
C LYS G 216 37.01 -52.17 -24.34
N VAL G 217 37.64 -51.18 -23.72
CA VAL G 217 39.05 -50.89 -23.93
C VAL G 217 39.73 -50.74 -22.58
N ASP G 218 40.87 -51.42 -22.42
CA ASP G 218 41.75 -51.25 -21.27
C ASP G 218 43.07 -50.69 -21.81
N LYS G 219 43.35 -49.43 -21.48
CA LYS G 219 44.57 -48.76 -21.93
C LYS G 219 45.48 -48.50 -20.75
N LYS G 220 46.74 -48.88 -20.89
CA LYS G 220 47.73 -48.69 -19.84
C LYS G 220 48.42 -47.33 -20.01
N VAL G 221 48.62 -46.64 -18.90
CA VAL G 221 49.19 -45.30 -18.89
C VAL G 221 50.58 -45.38 -18.28
N GLU G 222 51.60 -45.09 -19.08
CA GLU G 222 53.00 -45.20 -18.67
C GLU G 222 53.77 -43.96 -19.07
N PRO G 223 54.77 -43.57 -18.27
CA PRO G 223 55.70 -42.45 -18.51
C PRO G 223 56.39 -42.52 -19.88
N ASP H 1 6.44 -14.53 -26.83
CA ASP H 1 6.48 -15.04 -25.47
C ASP H 1 7.07 -14.02 -24.52
N ILE H 2 6.61 -14.05 -23.28
CA ILE H 2 7.18 -13.20 -22.23
C ILE H 2 8.52 -13.79 -21.84
N GLN H 3 9.57 -12.96 -21.83
CA GLN H 3 10.90 -13.42 -21.47
C GLN H 3 11.13 -13.18 -19.98
N MET H 4 11.61 -14.21 -19.30
CA MET H 4 11.93 -14.14 -17.88
C MET H 4 13.44 -14.19 -17.75
N THR H 5 14.02 -13.19 -17.10
CA THR H 5 15.47 -13.08 -16.96
C THR H 5 15.84 -13.12 -15.48
N GLN H 6 16.60 -14.13 -15.09
CA GLN H 6 17.04 -14.34 -13.72
C GLN H 6 18.45 -13.81 -13.52
N SER H 7 18.71 -13.30 -12.32
CA SER H 7 20.03 -12.84 -11.94
C SER H 7 20.22 -13.07 -10.45
N PRO H 8 21.40 -13.54 -10.01
CA PRO H 8 22.49 -13.92 -10.94
C PRO H 8 22.29 -15.32 -11.51
N SER H 9 23.13 -15.71 -12.49
CA SER H 9 23.04 -17.08 -13.00
C SER H 9 23.62 -18.07 -12.00
N THR H 10 24.56 -17.64 -11.15
CA THR H 10 25.07 -18.53 -10.13
C THR H 10 25.50 -17.72 -8.91
N LEU H 11 25.55 -18.40 -7.76
CA LEU H 11 25.98 -17.76 -6.54
C LEU H 11 26.45 -18.83 -5.57
N SER H 12 27.40 -18.46 -4.72
CA SER H 12 27.91 -19.32 -3.66
C SER H 12 27.44 -18.81 -2.32
N ALA H 13 27.17 -19.74 -1.41
CA ALA H 13 26.61 -19.39 -0.12
C ALA H 13 27.03 -20.42 0.90
N SER H 14 27.04 -20.01 2.17
CA SER H 14 27.28 -20.91 3.27
C SER H 14 25.99 -21.17 4.01
N VAL H 15 25.97 -22.31 4.71
CA VAL H 15 24.83 -22.64 5.56
C VAL H 15 24.62 -21.50 6.52
N GLY H 16 23.38 -21.01 6.60
CA GLY H 16 23.02 -19.91 7.47
C GLY H 16 22.95 -18.56 6.79
N ASP H 17 23.42 -18.44 5.55
CA ASP H 17 23.39 -17.18 4.81
C ASP H 17 21.98 -16.84 4.36
N ARG H 18 21.79 -15.55 4.05
CA ARG H 18 20.56 -15.08 3.42
C ARG H 18 20.83 -14.87 1.94
N VAL H 19 20.05 -15.55 1.10
CA VAL H 19 20.31 -15.63 -0.33
C VAL H 19 19.11 -15.08 -1.07
N THR H 20 19.36 -14.20 -2.05
CA THR H 20 18.31 -13.57 -2.83
C THR H 20 18.53 -13.84 -4.31
N ILE H 21 17.47 -14.29 -4.98
CA ILE H 21 17.48 -14.53 -6.41
C ILE H 21 16.41 -13.66 -7.03
N THR H 22 16.75 -12.96 -8.12
CA THR H 22 15.84 -12.04 -8.77
C THR H 22 15.41 -12.58 -10.13
N CYS H 23 14.17 -12.26 -10.49
CA CYS H 23 13.56 -12.65 -11.75
C CYS H 23 12.80 -11.44 -12.28
N ARG H 24 13.09 -11.05 -13.52
CA ARG H 24 12.41 -9.94 -14.18
C ARG H 24 11.68 -10.41 -15.44
N ALA H 25 10.54 -9.77 -15.72
CA ALA H 25 9.68 -10.13 -16.82
C ALA H 25 9.68 -9.03 -17.87
N SER H 26 9.71 -9.42 -19.15
CA SER H 26 9.74 -8.43 -20.21
C SER H 26 8.49 -7.55 -20.23
N GLN H 27 7.41 -8.00 -19.61
CA GLN H 27 6.20 -7.20 -19.46
C GLN H 27 5.51 -7.62 -18.17
N SER H 28 4.56 -6.80 -17.71
CA SER H 28 3.87 -7.07 -16.46
C SER H 28 3.19 -8.44 -16.48
N ILE H 29 3.47 -9.26 -15.47
CA ILE H 29 2.80 -10.53 -15.26
C ILE H 29 1.97 -10.54 -13.96
N SER H 30 1.54 -9.36 -13.50
CA SER H 30 0.86 -9.23 -12.21
C SER H 30 1.58 -10.04 -11.12
N SER H 31 0.88 -10.96 -10.46
CA SER H 31 1.52 -11.81 -9.46
C SER H 31 1.56 -13.28 -9.87
N TRP H 32 1.40 -13.58 -11.16
CA TRP H 32 1.35 -14.97 -11.63
C TRP H 32 2.77 -15.44 -11.94
N LEU H 33 3.48 -15.79 -10.86
CA LEU H 33 4.86 -16.22 -10.92
C LEU H 33 5.08 -17.36 -9.93
N ALA H 34 5.79 -18.39 -10.37
CA ALA H 34 6.15 -19.51 -9.51
C ALA H 34 7.66 -19.68 -9.46
N TRP H 35 8.11 -20.31 -8.37
CA TRP H 35 9.52 -20.65 -8.17
C TRP H 35 9.66 -22.14 -7.94
N TYR H 36 10.65 -22.74 -8.61
CA TYR H 36 10.93 -24.17 -8.51
C TYR H 36 12.36 -24.40 -8.07
N GLN H 37 12.56 -25.52 -7.40
CA GLN H 37 13.88 -26.01 -7.02
C GLN H 37 14.21 -27.21 -7.90
N GLN H 38 15.41 -27.21 -8.48
CA GLN H 38 15.89 -28.28 -9.36
C GLN H 38 17.21 -28.83 -8.85
N LYS H 39 17.30 -30.14 -8.67
CA LYS H 39 18.56 -30.79 -8.38
C LYS H 39 18.87 -31.80 -9.48
N PRO H 40 20.14 -32.07 -9.75
CA PRO H 40 20.47 -32.96 -10.88
C PRO H 40 19.89 -34.34 -10.68
N GLY H 41 19.23 -34.84 -11.74
CA GLY H 41 18.64 -36.15 -11.75
C GLY H 41 17.37 -36.32 -10.93
N LYS H 42 16.82 -35.26 -10.36
CA LYS H 42 15.62 -35.46 -9.57
C LYS H 42 14.50 -34.57 -10.09
N ALA H 43 13.30 -34.80 -9.57
CA ALA H 43 12.16 -34.09 -10.14
C ALA H 43 12.15 -32.64 -9.66
N PRO H 44 11.86 -31.69 -10.54
CA PRO H 44 11.65 -30.31 -10.07
C PRO H 44 10.57 -30.26 -8.99
N LYS H 45 10.71 -29.29 -8.10
CA LYS H 45 9.84 -29.15 -6.94
C LYS H 45 9.27 -27.75 -6.92
N LEU H 46 7.96 -27.62 -6.79
CA LEU H 46 7.31 -26.32 -6.70
C LEU H 46 7.51 -25.78 -5.28
N LEU H 47 8.09 -24.59 -5.16
CA LEU H 47 8.28 -23.92 -3.88
C LEU H 47 7.21 -22.85 -3.60
N ILE H 48 7.00 -21.97 -4.56
CA ILE H 48 6.19 -20.78 -4.36
C ILE H 48 5.34 -20.57 -5.59
N TYR H 49 4.07 -20.17 -5.40
CA TYR H 49 3.22 -19.79 -6.51
C TYR H 49 2.48 -18.52 -6.16
N ASP H 50 1.91 -17.89 -7.18
CA ASP H 50 1.29 -16.58 -7.01
C ASP H 50 2.25 -15.59 -6.36
N ALA H 51 3.52 -15.67 -6.75
CA ALA H 51 4.61 -14.77 -6.33
C ALA H 51 5.06 -14.98 -4.89
N SER H 52 4.11 -15.19 -3.96
CA SER H 52 4.43 -15.22 -2.54
C SER H 52 3.87 -16.42 -1.78
N SER H 53 2.97 -17.20 -2.37
CA SER H 53 2.35 -18.26 -1.59
C SER H 53 3.24 -19.48 -1.58
N LEU H 54 3.52 -20.01 -0.39
CA LEU H 54 4.33 -21.21 -0.29
C LEU H 54 3.48 -22.45 -0.56
N GLU H 55 4.04 -23.38 -1.33
CA GLU H 55 3.34 -24.64 -1.51
C GLU H 55 3.28 -25.39 -0.17
N SER H 56 2.30 -26.27 -0.06
CA SER H 56 2.09 -27.03 1.15
C SER H 56 3.37 -27.77 1.57
N GLY H 57 3.73 -27.67 2.84
CA GLY H 57 4.90 -28.33 3.36
C GLY H 57 6.24 -27.70 3.00
N VAL H 58 6.28 -26.64 2.21
CA VAL H 58 7.58 -26.04 1.88
C VAL H 58 8.13 -25.33 3.12
N PRO H 59 9.42 -25.47 3.44
CA PRO H 59 9.98 -24.83 4.65
C PRO H 59 9.75 -23.33 4.65
N SER H 60 9.51 -22.77 5.84
CA SER H 60 9.20 -21.34 5.86
C SER H 60 10.43 -20.45 5.71
N ARG H 61 11.64 -21.01 5.56
CA ARG H 61 12.77 -20.15 5.23
C ARG H 61 12.75 -19.66 3.76
N PHE H 62 11.85 -20.20 2.92
CA PHE H 62 11.65 -19.67 1.58
C PHE H 62 10.58 -18.59 1.61
N SER H 63 10.84 -17.48 0.92
CA SER H 63 9.85 -16.43 0.75
C SER H 63 9.94 -15.88 -0.66
N GLY H 64 8.81 -15.39 -1.15
CA GLY H 64 8.77 -14.75 -2.46
C GLY H 64 8.01 -13.45 -2.39
N SER H 65 8.46 -12.49 -3.19
CA SER H 65 7.79 -11.20 -3.22
C SER H 65 7.85 -10.63 -4.62
N GLY H 66 7.10 -9.56 -4.83
CA GLY H 66 7.12 -8.87 -6.11
C GLY H 66 5.78 -8.96 -6.82
N SER H 67 5.58 -8.02 -7.74
CA SER H 67 4.39 -7.93 -8.55
C SER H 67 4.72 -7.05 -9.75
N GLY H 68 4.08 -7.32 -10.87
CA GLY H 68 4.39 -6.57 -12.06
C GLY H 68 5.54 -7.19 -12.85
N THR H 69 6.74 -6.63 -12.74
CA THR H 69 7.86 -7.12 -13.54
C THR H 69 9.08 -7.59 -12.75
N GLU H 70 9.17 -7.35 -11.45
CA GLU H 70 10.31 -7.85 -10.69
C GLU H 70 9.86 -8.64 -9.48
N PHE H 71 10.59 -9.73 -9.24
CA PHE H 71 10.23 -10.74 -8.27
C PHE H 71 11.50 -11.22 -7.60
N THR H 72 11.37 -11.66 -6.36
CA THR H 72 12.53 -12.04 -5.55
C THR H 72 12.21 -13.35 -4.87
N LEU H 73 13.14 -14.30 -4.94
CA LEU H 73 13.11 -15.50 -4.11
C LEU H 73 14.17 -15.30 -3.04
N THR H 74 13.77 -15.39 -1.75
CA THR H 74 14.72 -15.24 -0.67
C THR H 74 14.74 -16.52 0.16
N ILE H 75 15.93 -17.08 0.32
CA ILE H 75 16.18 -18.18 1.23
C ILE H 75 16.91 -17.57 2.40
N SER H 76 16.28 -17.60 3.58
CA SER H 76 16.76 -16.76 4.65
C SER H 76 17.92 -17.40 5.42
N SER H 77 17.71 -18.57 5.99
CA SER H 77 18.76 -19.31 6.70
C SER H 77 19.10 -20.55 5.89
N LEU H 78 19.90 -20.35 4.83
CA LEU H 78 20.22 -21.43 3.90
C LEU H 78 20.66 -22.68 4.64
N GLN H 79 20.08 -23.81 4.26
CA GLN H 79 20.37 -25.11 4.85
C GLN H 79 21.03 -26.01 3.81
N PRO H 80 21.70 -27.08 4.23
CA PRO H 80 22.37 -27.97 3.25
C PRO H 80 21.46 -28.51 2.17
N ASP H 81 20.18 -28.73 2.45
CA ASP H 81 19.25 -29.21 1.43
C ASP H 81 19.01 -28.20 0.33
N ASP H 82 19.39 -26.93 0.54
CA ASP H 82 19.04 -25.85 -0.37
C ASP H 82 20.05 -25.61 -1.48
N PHE H 83 21.20 -26.30 -1.45
CA PHE H 83 22.17 -26.19 -2.52
C PHE H 83 21.61 -26.91 -3.74
N ALA H 84 21.31 -26.14 -4.78
CA ALA H 84 20.47 -26.60 -5.88
C ALA H 84 20.37 -25.48 -6.91
N SER H 85 19.61 -25.68 -7.97
CA SER H 85 19.26 -24.58 -8.84
C SER H 85 17.82 -24.17 -8.59
N TYR H 86 17.49 -22.93 -8.98
CA TYR H 86 16.17 -22.34 -8.79
C TYR H 86 15.78 -21.63 -10.08
N CYS H 87 14.54 -21.81 -10.52
CA CYS H 87 14.09 -21.10 -11.72
C CYS H 87 12.70 -20.52 -11.47
N CYS H 88 12.45 -19.30 -11.97
CA CYS H 88 11.11 -18.73 -12.00
C CYS H 88 10.33 -19.10 -13.26
N GLN H 89 9.00 -19.02 -13.14
CA GLN H 89 8.07 -19.26 -14.23
C GLN H 89 6.92 -18.28 -14.18
N GLN H 90 6.62 -17.60 -15.29
CA GLN H 90 5.42 -16.77 -15.37
C GLN H 90 4.26 -17.58 -15.95
N TYR H 91 3.06 -17.35 -15.40
CA TYR H 91 1.85 -17.90 -16.00
C TYR H 91 0.79 -16.82 -16.14
N ASN H 92 1.22 -15.59 -16.39
CA ASN H 92 0.28 -14.52 -16.72
C ASN H 92 -0.33 -14.73 -18.11
N SER H 93 0.48 -15.11 -19.10
CA SER H 93 0.03 -15.22 -20.48
C SER H 93 0.37 -16.59 -21.05
N TYR H 94 -0.44 -17.00 -22.03
CA TYR H 94 -0.71 -18.42 -22.33
C TYR H 94 0.57 -19.24 -22.38
N PRO H 95 1.47 -19.05 -23.36
CA PRO H 95 2.67 -19.89 -23.33
C PRO H 95 3.43 -19.57 -22.07
N VAL H 96 3.27 -20.39 -21.02
CA VAL H 96 4.06 -20.16 -19.81
C VAL H 96 5.53 -20.23 -20.20
N THR H 97 6.34 -19.40 -19.55
CA THR H 97 7.76 -19.32 -19.86
C THR H 97 8.55 -19.28 -18.57
N PHE H 98 9.79 -19.74 -18.63
CA PHE H 98 10.64 -19.90 -17.46
C PHE H 98 11.89 -19.05 -17.61
N GLY H 99 12.43 -18.64 -16.46
CA GLY H 99 13.75 -18.05 -16.43
C GLY H 99 14.79 -19.13 -16.64
N GLN H 100 16.03 -18.69 -16.89
CA GLN H 100 17.08 -19.63 -17.28
C GLN H 100 17.70 -20.38 -16.11
N GLY H 101 17.39 -20.01 -14.87
CA GLY H 101 17.87 -20.74 -13.71
C GLY H 101 19.01 -20.03 -12.99
N THR H 102 19.12 -20.31 -11.68
CA THR H 102 20.19 -19.83 -10.82
C THR H 102 20.74 -21.00 -10.03
N LYS H 103 22.04 -21.23 -10.12
CA LYS H 103 22.68 -22.31 -9.36
C LYS H 103 23.33 -21.78 -8.08
N VAL H 104 23.04 -22.45 -6.96
CA VAL H 104 23.60 -22.12 -5.64
C VAL H 104 24.54 -23.24 -5.22
N ASP H 105 25.84 -22.98 -5.21
CA ASP H 105 26.84 -23.95 -4.77
C ASP H 105 27.39 -23.55 -3.39
N ILE H 106 28.19 -24.44 -2.81
CA ILE H 106 28.68 -24.28 -1.44
C ILE H 106 29.92 -23.38 -1.43
N LYS H 107 29.91 -22.38 -0.56
CA LYS H 107 31.07 -21.54 -0.34
C LYS H 107 32.11 -22.29 0.47
N ARG H 108 33.37 -22.09 0.14
CA ARG H 108 34.47 -22.61 0.94
C ARG H 108 35.66 -21.67 0.78
N THR H 109 36.74 -21.99 1.48
CA THR H 109 37.91 -21.14 1.37
C THR H 109 38.51 -21.29 -0.03
N VAL H 110 39.29 -20.28 -0.42
CA VAL H 110 39.94 -20.31 -1.72
C VAL H 110 40.92 -21.47 -1.75
N ALA H 111 40.91 -22.22 -2.85
CA ALA H 111 41.84 -23.33 -3.07
C ALA H 111 42.41 -23.20 -4.47
N ALA H 112 43.73 -23.12 -4.56
CA ALA H 112 44.38 -22.99 -5.86
C ALA H 112 44.33 -24.31 -6.61
N PRO H 113 44.24 -24.27 -7.94
CA PRO H 113 44.34 -25.50 -8.74
C PRO H 113 45.78 -25.95 -8.82
N SER H 114 45.99 -27.27 -8.73
CA SER H 114 47.24 -27.87 -9.18
C SER H 114 47.09 -28.13 -10.68
N VAL H 115 48.07 -27.68 -11.47
CA VAL H 115 47.94 -27.65 -12.91
C VAL H 115 48.88 -28.68 -13.53
N PHE H 116 48.37 -29.41 -14.52
CA PHE H 116 49.16 -30.40 -15.25
C PHE H 116 48.89 -30.24 -16.73
N ILE H 117 49.92 -30.46 -17.55
CA ILE H 117 49.77 -30.46 -19.00
C ILE H 117 50.19 -31.82 -19.53
N PHE H 118 49.49 -32.30 -20.57
CA PHE H 118 49.75 -33.61 -21.16
C PHE H 118 49.92 -33.43 -22.66
N PRO H 119 51.05 -33.84 -23.23
CA PRO H 119 51.17 -33.80 -24.69
C PRO H 119 50.30 -34.87 -25.31
N PRO H 120 50.04 -34.79 -26.63
CA PRO H 120 49.32 -35.87 -27.31
C PRO H 120 50.09 -37.17 -27.26
N SER H 121 49.36 -38.28 -27.22
CA SER H 121 50.01 -39.57 -27.34
C SER H 121 50.55 -39.76 -28.75
N ASP H 122 51.65 -40.51 -28.85
CA ASP H 122 52.14 -40.81 -30.19
C ASP H 122 51.19 -41.75 -30.92
N GLU H 123 50.40 -42.54 -30.18
CA GLU H 123 49.36 -43.34 -30.81
C GLU H 123 48.28 -42.48 -31.45
N GLN H 124 47.97 -41.32 -30.86
CA GLN H 124 46.98 -40.45 -31.50
C GLN H 124 47.60 -39.72 -32.70
N LEU H 125 48.83 -39.22 -32.56
CA LEU H 125 49.53 -38.59 -33.67
C LEU H 125 49.54 -39.48 -34.89
N LYS H 126 49.48 -40.77 -34.63
CA LYS H 126 49.34 -41.79 -35.67
C LYS H 126 48.12 -41.56 -36.54
N SER H 127 46.96 -41.38 -35.90
CA SER H 127 45.71 -41.04 -36.60
C SER H 127 45.87 -39.81 -37.47
N GLY H 128 46.61 -38.81 -36.99
CA GLY H 128 46.68 -37.57 -37.74
C GLY H 128 46.12 -36.36 -37.00
N THR H 129 45.83 -36.52 -35.72
CA THR H 129 45.29 -35.47 -34.88
C THR H 129 46.08 -35.41 -33.58
N ALA H 130 46.21 -34.20 -33.03
CA ALA H 130 46.90 -33.96 -31.77
C ALA H 130 45.92 -33.33 -30.79
N SER H 131 45.73 -33.97 -29.65
CA SER H 131 44.97 -33.42 -28.54
C SER H 131 45.93 -33.13 -27.39
N VAL H 132 45.97 -31.87 -26.96
CA VAL H 132 46.79 -31.44 -25.83
C VAL H 132 45.85 -31.14 -24.69
N VAL H 133 46.12 -31.68 -23.50
CA VAL H 133 45.19 -31.60 -22.38
C VAL H 133 45.85 -30.83 -21.22
N CYS H 134 45.08 -29.94 -20.62
CA CYS H 134 45.49 -29.22 -19.42
C CYS H 134 44.49 -29.46 -18.31
N LEU H 135 44.99 -29.82 -17.14
CA LEU H 135 44.18 -30.22 -15.99
C LEU H 135 44.39 -29.23 -14.86
N LEU H 136 43.29 -28.70 -14.34
CA LEU H 136 43.25 -27.82 -13.16
C LEU H 136 42.55 -28.59 -12.07
N ASN H 137 43.28 -29.03 -11.04
CA ASN H 137 42.75 -30.03 -10.12
C ASN H 137 42.39 -29.40 -8.78
N ASN H 138 41.13 -29.59 -8.38
CA ASN H 138 40.67 -29.35 -7.00
C ASN H 138 40.87 -27.89 -6.57
N PHE H 139 40.16 -27.00 -7.26
CA PHE H 139 40.24 -25.57 -6.96
C PHE H 139 38.87 -25.02 -6.55
N TYR H 140 38.90 -23.81 -5.97
CA TYR H 140 37.70 -23.06 -5.65
C TYR H 140 38.06 -21.59 -5.58
N PRO H 141 37.22 -20.67 -6.12
CA PRO H 141 35.90 -20.90 -6.73
C PRO H 141 35.95 -21.51 -8.13
N ARG H 142 34.77 -21.63 -8.73
CA ARG H 142 34.66 -22.31 -10.04
C ARG H 142 35.31 -21.49 -11.15
N GLU H 143 35.28 -20.18 -11.05
CA GLU H 143 35.72 -19.29 -12.11
C GLU H 143 37.23 -19.41 -12.33
N ALA H 144 37.63 -19.62 -13.58
CA ALA H 144 39.04 -19.74 -13.93
C ALA H 144 39.21 -19.36 -15.38
N LYS H 145 40.40 -18.87 -15.73
CA LYS H 145 40.75 -18.57 -17.11
C LYS H 145 41.89 -19.50 -17.50
N VAL H 146 41.69 -20.28 -18.55
CA VAL H 146 42.72 -21.13 -19.12
C VAL H 146 43.05 -20.57 -20.49
N GLN H 147 44.34 -20.35 -20.75
CA GLN H 147 44.77 -19.80 -22.02
C GLN H 147 45.86 -20.68 -22.62
N TRP H 148 45.65 -21.13 -23.86
CA TRP H 148 46.62 -21.95 -24.54
C TRP H 148 47.60 -21.06 -25.30
N LYS H 149 48.88 -21.40 -25.21
CA LYS H 149 49.92 -20.67 -25.95
C LYS H 149 50.76 -21.66 -26.72
N VAL H 150 50.97 -21.38 -28.00
CA VAL H 150 51.77 -22.22 -28.89
C VAL H 150 52.92 -21.34 -29.38
N ASP H 151 54.14 -21.61 -28.90
CA ASP H 151 55.30 -20.73 -29.14
C ASP H 151 54.93 -19.29 -28.81
N ASN H 152 54.25 -19.11 -27.66
CA ASN H 152 53.77 -17.85 -27.11
C ASN H 152 52.61 -17.24 -27.91
N ALA H 153 52.11 -17.92 -28.94
CA ALA H 153 50.98 -17.40 -29.71
C ALA H 153 49.68 -17.76 -29.01
N LEU H 154 48.86 -16.75 -28.74
CA LEU H 154 47.60 -16.96 -28.04
C LEU H 154 46.62 -17.71 -28.92
N GLN H 155 46.11 -18.84 -28.43
CA GLN H 155 45.15 -19.64 -29.17
C GLN H 155 43.74 -19.19 -28.83
N SER H 156 42.83 -19.38 -29.78
CA SER H 156 41.42 -19.07 -29.57
C SER H 156 40.60 -19.87 -30.56
N GLY H 157 39.51 -20.46 -30.08
CA GLY H 157 38.61 -21.18 -30.95
C GLY H 157 39.01 -22.60 -31.26
N ASN H 158 40.10 -23.10 -30.70
CA ASN H 158 40.54 -24.47 -30.99
C ASN H 158 40.60 -25.32 -29.73
N SER H 159 39.91 -24.91 -28.66
CA SER H 159 39.90 -25.67 -27.43
C SER H 159 38.48 -25.79 -26.90
N GLN H 160 38.28 -26.82 -26.08
CA GLN H 160 37.04 -27.00 -25.38
C GLN H 160 37.37 -27.39 -23.95
N GLU H 161 36.48 -27.09 -23.02
CA GLU H 161 36.75 -27.45 -21.65
C GLU H 161 35.50 -28.02 -21.01
N SER H 162 35.74 -28.75 -19.93
CA SER H 162 34.68 -29.34 -19.12
C SER H 162 35.05 -29.18 -17.65
N VAL H 163 34.03 -29.11 -16.80
CA VAL H 163 34.20 -28.87 -15.37
C VAL H 163 33.41 -29.92 -14.59
N THR H 164 33.99 -30.42 -13.52
CA THR H 164 33.29 -31.36 -12.67
C THR H 164 32.26 -30.66 -11.79
N GLU H 165 31.31 -31.42 -11.28
CA GLU H 165 30.44 -30.92 -10.23
C GLU H 165 31.23 -30.74 -8.93
N GLN H 166 30.69 -29.90 -8.05
CA GLN H 166 31.36 -29.66 -6.77
C GLN H 166 31.58 -30.97 -6.03
N ASP H 167 32.78 -31.15 -5.52
CA ASP H 167 33.17 -32.41 -4.89
C ASP H 167 32.40 -32.68 -3.61
N SER H 168 32.07 -33.96 -3.42
CA SER H 168 31.25 -34.40 -2.29
C SER H 168 31.78 -33.91 -0.95
N LYS H 169 33.09 -34.04 -0.72
CA LYS H 169 33.63 -33.73 0.60
C LYS H 169 34.32 -32.36 0.69
N ASP H 170 35.12 -31.96 -0.29
CA ASP H 170 35.95 -30.77 -0.14
C ASP H 170 35.48 -29.57 -0.95
N SER H 171 34.33 -29.69 -1.62
CA SER H 171 33.62 -28.57 -2.22
C SER H 171 34.40 -27.88 -3.33
N THR H 172 35.41 -28.54 -3.89
CA THR H 172 36.20 -27.95 -4.97
C THR H 172 35.71 -28.44 -6.33
N TYR H 173 36.30 -27.86 -7.38
CA TYR H 173 36.06 -28.18 -8.77
C TYR H 173 37.36 -28.66 -9.41
N SER H 174 37.22 -29.32 -10.56
CA SER H 174 38.33 -29.57 -11.45
C SER H 174 37.90 -29.27 -12.88
N LEU H 175 38.87 -28.94 -13.71
CA LEU H 175 38.60 -28.47 -15.06
C LEU H 175 39.59 -29.12 -16.00
N SER H 176 39.08 -29.55 -17.16
CA SER H 176 39.90 -30.12 -18.22
C SER H 176 39.71 -29.25 -19.46
N SER H 177 40.82 -28.82 -20.07
CA SER H 177 40.78 -28.08 -21.32
C SER H 177 41.58 -28.85 -22.36
N THR H 178 41.02 -29.02 -23.54
CA THR H 178 41.64 -29.81 -24.60
C THR H 178 41.89 -28.92 -25.81
N LEU H 179 43.16 -28.88 -26.25
CA LEU H 179 43.56 -28.19 -27.46
C LEU H 179 43.69 -29.21 -28.59
N THR H 180 42.96 -29.00 -29.67
CA THR H 180 42.96 -29.94 -30.78
C THR H 180 43.55 -29.30 -32.01
N LEU H 181 44.57 -29.94 -32.57
CA LEU H 181 45.16 -29.50 -33.82
C LEU H 181 45.36 -30.70 -34.74
N SER H 182 45.44 -30.41 -36.04
CA SER H 182 45.90 -31.43 -36.97
C SER H 182 47.34 -31.80 -36.64
N LYS H 183 47.73 -33.02 -37.01
CA LYS H 183 49.11 -33.44 -36.80
C LYS H 183 50.07 -32.51 -37.52
N ALA H 184 49.70 -32.06 -38.71
CA ALA H 184 50.53 -31.13 -39.47
C ALA H 184 50.74 -29.84 -38.69
N ASP H 185 49.66 -29.29 -38.12
CA ASP H 185 49.78 -28.04 -37.38
C ASP H 185 50.52 -28.24 -36.07
N TYR H 186 50.36 -29.41 -35.45
CA TYR H 186 51.08 -29.71 -34.21
C TYR H 186 52.59 -29.70 -34.41
N GLU H 187 53.06 -30.27 -35.53
CA GLU H 187 54.48 -30.44 -35.78
C GLU H 187 55.16 -29.20 -36.34
N LYS H 188 54.40 -28.15 -36.63
CA LYS H 188 54.98 -26.86 -37.03
C LYS H 188 55.62 -26.12 -35.85
N HIS H 189 55.14 -26.33 -34.64
CA HIS H 189 55.56 -25.55 -33.49
C HIS H 189 56.20 -26.44 -32.44
N LYS H 190 56.84 -25.79 -31.46
CA LYS H 190 57.64 -26.48 -30.46
C LYS H 190 57.05 -26.44 -29.06
N VAL H 191 56.75 -25.27 -28.51
CA VAL H 191 56.39 -25.15 -27.11
C VAL H 191 54.87 -25.00 -26.99
N TYR H 192 54.26 -25.87 -26.20
CA TYR H 192 52.84 -25.83 -25.91
C TYR H 192 52.67 -25.51 -24.43
N ALA H 193 51.85 -24.51 -24.14
CA ALA H 193 51.75 -23.97 -22.79
C ALA H 193 50.29 -23.74 -22.44
N CYS H 194 49.96 -24.07 -21.20
CA CYS H 194 48.67 -23.78 -20.59
C CYS H 194 48.91 -22.78 -19.46
N GLU H 195 48.33 -21.58 -19.60
CA GLU H 195 48.47 -20.54 -18.59
C GLU H 195 47.15 -20.39 -17.84
N VAL H 196 47.21 -20.55 -16.52
CA VAL H 196 46.02 -20.60 -15.67
C VAL H 196 46.05 -19.41 -14.72
N THR H 197 44.94 -18.68 -14.65
CA THR H 197 44.72 -17.60 -13.70
C THR H 197 43.54 -18.00 -12.83
N HIS H 198 43.66 -17.74 -11.52
CA HIS H 198 42.66 -18.18 -10.56
C HIS H 198 42.89 -17.42 -9.26
N GLN H 199 41.80 -17.18 -8.52
CA GLN H 199 41.91 -16.37 -7.31
C GLN H 199 42.88 -16.99 -6.30
N GLY H 200 43.07 -18.32 -6.35
CA GLY H 200 44.01 -18.96 -5.45
C GLY H 200 45.48 -18.76 -5.77
N LEU H 201 45.81 -18.15 -6.91
CA LEU H 201 47.20 -17.93 -7.32
C LEU H 201 47.50 -16.43 -7.34
N SER H 202 48.62 -16.05 -6.71
CA SER H 202 49.06 -14.66 -6.71
C SER H 202 49.29 -14.15 -8.13
N SER H 203 49.78 -15.03 -9.01
CA SER H 203 50.14 -14.67 -10.37
C SER H 203 49.92 -15.92 -11.21
N PRO H 204 49.66 -15.77 -12.51
CA PRO H 204 49.29 -16.94 -13.33
C PRO H 204 50.37 -18.02 -13.37
N VAL H 205 49.93 -19.27 -13.32
CA VAL H 205 50.82 -20.41 -13.45
C VAL H 205 50.79 -20.86 -14.91
N THR H 206 51.95 -21.17 -15.46
CA THR H 206 52.04 -21.77 -16.79
C THR H 206 52.71 -23.13 -16.66
N LYS H 207 52.07 -24.14 -17.24
CA LYS H 207 52.71 -25.44 -17.45
C LYS H 207 52.96 -25.61 -18.94
N SER H 208 54.15 -26.11 -19.29
CA SER H 208 54.50 -26.19 -20.70
C SER H 208 55.30 -27.46 -20.96
N PHE H 209 55.35 -27.85 -22.23
CA PHE H 209 56.30 -28.84 -22.68
C PHE H 209 56.85 -28.37 -24.00
N ASN H 210 58.03 -28.84 -24.34
CA ASN H 210 58.65 -28.52 -25.61
C ASN H 210 58.68 -29.77 -26.48
N ARG H 211 57.97 -29.73 -27.61
CA ARG H 211 57.96 -30.86 -28.51
C ARG H 211 59.34 -30.98 -29.15
N GLY H 212 60.19 -31.81 -28.56
CA GLY H 212 61.54 -31.96 -29.06
C GLY H 212 62.47 -32.27 -27.90
N GLU H 213 61.86 -32.44 -26.72
CA GLU H 213 62.59 -32.85 -25.52
C GLU H 213 62.29 -34.31 -25.21
#